data_3KJX
#
_entry.id   3KJX
#
_cell.length_a   68.662
_cell.length_b   137.392
_cell.length_c   154.984
_cell.angle_alpha   90.00
_cell.angle_beta   90.00
_cell.angle_gamma   90.00
#
_symmetry.space_group_name_H-M   'P 21 21 21'
#
loop_
_entity.id
_entity.type
_entity.pdbx_description
1 polymer 'Transcriptional regulator, LacI family'
2 water water
#
_entity_poly.entity_id   1
_entity_poly.type   'polypeptide(L)'
_entity_poly.pdbx_seq_one_letter_code
;(MSE)SLTADTKRPLTLRDVSEASGVSE(MSE)TVSRVLRNRGDVSDATRARVLAAAKELGYVPNKIAGALASNRVNLVA
VIIPSLSN(MSE)VFPEVLTGINQVLEDTELQPVVGVTDYLPEKEEKVLYE(MSE)LSWRPSGVIIAGLEHSEAARA
(MSE)LDAAGIPVVEI(MSE)DSDGKPVDA(MSE)VGISHRRAGRE(MSE)AQAILKAGYRRIGF(MSE)GTK(MSE)PL
DYRARKRFEGFTEVLGKNGVEIEDREFYSGGSALAKGRE(MSE)TQA(MSE)LERSPDLDFLYYSND(MSE)IAAGGLLY
LLEQGIDIPGQIGLAGFNNVELLQGLPRKLAT(MSE)DACRLEIGRKAAEIIAKRLEDPEAEIETRITLEPKISYGDTLK
REG
;
_entity_poly.pdbx_strand_id   A,B,C,D
#
# COMPACT_ATOMS: atom_id res chain seq x y z
N PRO A 10 35.50 -12.54 11.09
CA PRO A 10 36.48 -11.83 10.24
C PRO A 10 37.30 -12.86 9.46
N LEU A 11 37.76 -13.88 10.18
CA LEU A 11 38.55 -15.02 9.67
C LEU A 11 39.21 -14.91 8.28
N THR A 12 40.51 -15.20 8.21
CA THR A 12 41.26 -15.11 6.96
C THR A 12 42.33 -16.18 6.73
N LEU A 13 43.14 -15.96 5.69
CA LEU A 13 44.22 -16.87 5.30
C LEU A 13 45.21 -17.18 6.42
N ARG A 14 45.64 -16.14 7.13
CA ARG A 14 46.58 -16.31 8.24
C ARG A 14 45.94 -17.19 9.31
N ASP A 15 44.81 -17.81 8.98
CA ASP A 15 44.11 -18.65 9.92
C ASP A 15 44.01 -20.09 9.40
N VAL A 16 43.99 -20.24 8.09
CA VAL A 16 43.93 -21.55 7.47
C VAL A 16 45.27 -22.20 7.74
N SER A 17 46.28 -21.36 7.98
CA SER A 17 47.63 -21.81 8.27
C SER A 17 47.70 -22.49 9.63
N GLU A 18 47.20 -21.83 10.67
CA GLU A 18 47.23 -22.40 12.01
C GLU A 18 46.55 -23.76 12.10
N ALA A 19 45.63 -24.03 11.20
CA ALA A 19 44.89 -25.31 11.18
C ALA A 19 45.61 -26.26 10.22
N SER A 20 45.66 -25.82 8.95
CA SER A 20 46.35 -26.53 7.90
C SER A 20 47.79 -26.64 8.39
N GLY A 21 48.24 -25.76 9.27
CA GLY A 21 49.59 -25.92 9.80
C GLY A 21 50.68 -25.70 8.79
N VAL A 22 50.27 -25.17 7.66
CA VAL A 22 51.17 -24.95 6.54
C VAL A 22 51.62 -23.50 6.41
N SER A 23 52.86 -23.30 6.01
CA SER A 23 53.52 -21.97 5.91
C SER A 23 52.73 -20.67 5.77
N GLU A 24 51.96 -20.49 4.68
CA GLU A 24 51.25 -19.24 4.41
C GLU A 24 51.14 -19.34 2.90
N MSE A 25 52.34 -19.48 2.33
CA MSE A 25 52.59 -19.64 0.90
C MSE A 25 51.63 -20.68 0.30
O MSE A 25 50.75 -20.35 -0.49
CB MSE A 25 54.04 -20.09 0.71
CG MSE A 25 54.91 -19.16 -0.12
SE MSE A 25 54.75 -19.44 -2.04
CE MSE A 25 55.37 -21.28 -2.08
N THR A 26 51.80 -21.94 0.67
CA THR A 26 50.97 -23.03 0.15
C THR A 26 49.50 -22.69 -0.10
N VAL A 27 48.68 -22.74 0.96
CA VAL A 27 47.25 -22.45 0.91
C VAL A 27 46.72 -21.92 -0.43
N SER A 28 47.32 -20.84 -0.91
CA SER A 28 46.91 -20.22 -2.17
C SER A 28 47.13 -21.16 -3.37
N ARG A 29 48.39 -21.55 -3.58
CA ARG A 29 48.77 -22.44 -4.67
C ARG A 29 47.82 -23.63 -4.85
N VAL A 30 47.10 -23.98 -3.79
CA VAL A 30 46.18 -25.11 -3.81
C VAL A 30 44.72 -24.73 -4.03
N LEU A 31 44.27 -23.69 -3.32
CA LEU A 31 42.89 -23.23 -3.40
C LEU A 31 42.41 -22.90 -4.83
N ARG A 32 43.31 -22.40 -5.66
CA ARG A 32 42.97 -22.05 -7.03
C ARG A 32 43.61 -22.95 -8.07
N ASN A 33 43.91 -24.19 -7.69
CA ASN A 33 44.54 -25.15 -8.59
C ASN A 33 45.66 -24.43 -9.35
N ARG A 34 46.76 -24.17 -8.67
CA ARG A 34 47.88 -23.47 -9.30
C ARG A 34 49.06 -24.39 -9.64
N GLY A 35 49.84 -24.76 -8.62
CA GLY A 35 50.99 -25.62 -8.85
C GLY A 35 50.66 -27.11 -8.90
N ASP A 36 51.60 -27.94 -8.47
CA ASP A 36 51.40 -29.39 -8.47
C ASP A 36 50.73 -29.83 -7.17
N VAL A 37 51.50 -29.86 -6.08
CA VAL A 37 50.99 -30.24 -4.77
C VAL A 37 50.30 -31.61 -4.78
N SER A 38 50.93 -32.59 -4.13
CA SER A 38 50.40 -33.95 -4.06
C SER A 38 48.91 -34.02 -3.78
N ASP A 39 48.26 -35.08 -4.25
CA ASP A 39 46.83 -35.28 -4.05
C ASP A 39 46.46 -35.28 -2.56
N ALA A 40 47.47 -35.20 -1.69
CA ALA A 40 47.23 -35.21 -0.25
C ALA A 40 47.29 -33.81 0.36
N THR A 41 48.21 -32.99 -0.14
CA THR A 41 48.35 -31.62 0.37
C THR A 41 47.20 -30.77 -0.13
N ARG A 42 46.62 -31.18 -1.26
CA ARG A 42 45.50 -30.48 -1.85
C ARG A 42 44.31 -30.59 -0.91
N ALA A 43 43.77 -31.81 -0.79
CA ALA A 43 42.64 -32.06 0.10
C ALA A 43 43.06 -31.89 1.55
N ARG A 44 44.25 -31.30 1.74
CA ARG A 44 44.81 -31.06 3.06
C ARG A 44 44.36 -29.70 3.58
N VAL A 45 44.59 -28.67 2.78
CA VAL A 45 44.20 -27.31 3.14
C VAL A 45 42.73 -27.06 2.85
N LEU A 46 42.25 -27.62 1.74
CA LEU A 46 40.86 -27.45 1.34
C LEU A 46 39.95 -27.92 2.47
N ALA A 47 40.24 -29.13 2.98
CA ALA A 47 39.46 -29.70 4.07
C ALA A 47 39.70 -28.96 5.38
N ALA A 48 40.82 -28.25 5.45
CA ALA A 48 41.15 -27.48 6.64
C ALA A 48 40.33 -26.20 6.69
N ALA A 49 40.13 -25.61 5.51
CA ALA A 49 39.35 -24.38 5.37
C ALA A 49 37.87 -24.69 5.42
N LYS A 50 37.50 -25.91 5.02
CA LYS A 50 36.12 -26.34 5.02
C LYS A 50 35.62 -26.51 6.45
N GLU A 51 36.54 -26.78 7.37
CA GLU A 51 36.18 -26.95 8.77
C GLU A 51 35.99 -25.59 9.40
N LEU A 52 36.71 -24.60 8.87
CA LEU A 52 36.67 -23.25 9.37
C LEU A 52 35.57 -22.40 8.75
N GLY A 53 35.20 -22.73 7.51
CA GLY A 53 34.16 -21.97 6.84
C GLY A 53 34.75 -20.93 5.89
N TYR A 54 36.06 -21.01 5.69
CA TYR A 54 36.74 -20.08 4.80
C TYR A 54 36.36 -20.42 3.37
N VAL A 55 35.96 -19.39 2.62
CA VAL A 55 35.58 -19.57 1.23
C VAL A 55 36.49 -18.72 0.36
N PRO A 56 37.13 -19.33 -0.64
CA PRO A 56 38.05 -18.65 -1.55
C PRO A 56 37.43 -17.40 -2.18
N ASN A 57 38.25 -16.39 -2.43
CA ASN A 57 37.76 -15.18 -3.08
C ASN A 57 37.75 -15.48 -4.58
N LYS A 58 36.56 -15.68 -5.14
CA LYS A 58 36.43 -16.00 -6.56
C LYS A 58 36.17 -14.80 -7.46
N ILE A 59 35.87 -13.64 -6.86
CA ILE A 59 35.58 -12.45 -7.64
C ILE A 59 36.79 -11.56 -7.91
N ALA A 60 37.73 -11.53 -6.98
CA ALA A 60 38.93 -10.71 -7.16
C ALA A 60 39.50 -11.00 -8.55
N GLY A 61 39.21 -10.13 -9.50
CA GLY A 61 39.69 -10.32 -10.86
C GLY A 61 39.27 -9.22 -11.82
N ALA A 62 39.91 -9.20 -12.99
CA ALA A 62 39.66 -8.20 -14.04
C ALA A 62 38.23 -8.13 -14.58
N LEU A 63 38.09 -7.28 -15.61
CA LEU A 63 36.82 -7.05 -16.29
C LEU A 63 36.38 -8.32 -17.02
N ALA A 64 35.93 -8.16 -18.27
CA ALA A 64 35.49 -9.29 -19.08
C ALA A 64 36.63 -10.27 -19.23
N SER A 65 36.38 -11.38 -19.95
CA SER A 65 37.37 -12.44 -20.16
C SER A 65 37.46 -13.29 -18.90
N ASN A 66 37.70 -12.62 -17.77
CA ASN A 66 37.79 -13.28 -16.46
C ASN A 66 36.60 -12.80 -15.62
N ARG A 67 35.46 -13.47 -15.79
CA ARG A 67 34.24 -13.11 -15.08
C ARG A 67 33.87 -14.11 -14.00
N VAL A 68 32.91 -13.73 -13.15
CA VAL A 68 32.45 -14.62 -12.08
C VAL A 68 31.38 -15.55 -12.64
N ASN A 69 31.14 -16.65 -11.94
CA ASN A 69 30.16 -17.63 -12.37
C ASN A 69 28.72 -17.20 -12.07
N LEU A 70 28.49 -15.90 -12.03
CA LEU A 70 27.16 -15.34 -11.74
C LEU A 70 26.34 -15.10 -13.01
N VAL A 71 25.11 -15.61 -13.03
CA VAL A 71 24.22 -15.40 -14.17
C VAL A 71 23.10 -14.48 -13.69
N ALA A 72 23.05 -13.28 -14.26
CA ALA A 72 22.04 -12.29 -13.85
C ALA A 72 20.65 -12.52 -14.42
N VAL A 73 19.68 -12.68 -13.52
CA VAL A 73 18.29 -12.90 -13.90
C VAL A 73 17.53 -11.66 -13.40
N ILE A 74 17.16 -10.79 -14.33
CA ILE A 74 16.46 -9.55 -14.02
C ILE A 74 15.03 -9.62 -14.47
N ILE A 75 14.12 -9.64 -13.50
CA ILE A 75 12.71 -9.75 -13.79
C ILE A 75 11.89 -8.69 -13.06
N PRO A 76 10.65 -8.45 -13.51
CA PRO A 76 9.77 -7.45 -12.89
C PRO A 76 9.12 -7.79 -11.56
N SER A 77 8.71 -9.05 -11.40
CA SER A 77 8.02 -9.41 -10.18
C SER A 77 8.12 -10.86 -9.80
N LEU A 78 8.04 -11.13 -8.50
CA LEU A 78 8.07 -12.48 -7.97
C LEU A 78 6.76 -12.68 -7.21
N SER A 79 5.94 -11.64 -7.20
CA SER A 79 4.67 -11.65 -6.48
C SER A 79 3.50 -12.26 -7.25
N ASN A 80 3.66 -12.39 -8.56
CA ASN A 80 2.63 -13.04 -9.37
C ASN A 80 3.11 -14.49 -9.31
N MSE A 81 2.73 -15.31 -10.28
CA MSE A 81 3.19 -16.69 -10.24
C MSE A 81 3.66 -17.12 -11.60
O MSE A 81 3.57 -18.29 -11.99
CB MSE A 81 2.06 -17.58 -9.72
CG MSE A 81 1.71 -17.22 -8.30
SE MSE A 81 0.26 -18.22 -7.56
CE MSE A 81 -1.15 -17.53 -8.66
N VAL A 82 4.20 -16.14 -12.31
CA VAL A 82 4.74 -16.34 -13.64
C VAL A 82 6.20 -16.73 -13.52
N PHE A 83 7.01 -15.79 -13.05
CA PHE A 83 8.44 -15.99 -12.93
C PHE A 83 8.98 -17.02 -11.96
N PRO A 84 8.24 -17.33 -10.88
CA PRO A 84 8.80 -18.34 -9.98
C PRO A 84 9.05 -19.62 -10.77
N GLU A 85 8.18 -19.87 -11.74
CA GLU A 85 8.28 -21.03 -12.61
C GLU A 85 9.42 -20.89 -13.63
N VAL A 86 9.62 -19.67 -14.13
CA VAL A 86 10.67 -19.38 -15.09
C VAL A 86 12.02 -19.63 -14.43
N LEU A 87 12.18 -19.13 -13.22
CA LEU A 87 13.42 -19.30 -12.47
C LEU A 87 13.65 -20.78 -12.17
N THR A 88 12.58 -21.52 -11.93
CA THR A 88 12.67 -22.94 -11.67
C THR A 88 13.23 -23.64 -12.90
N GLY A 89 12.82 -23.18 -14.08
CA GLY A 89 13.32 -23.77 -15.31
C GLY A 89 14.79 -23.45 -15.45
N ILE A 90 15.13 -22.18 -15.20
CA ILE A 90 16.51 -21.74 -15.28
C ILE A 90 17.41 -22.59 -14.40
N ASN A 91 16.98 -22.83 -13.17
CA ASN A 91 17.77 -23.62 -12.24
C ASN A 91 18.02 -25.06 -12.70
N GLN A 92 16.98 -25.78 -13.11
CA GLN A 92 17.12 -27.15 -13.58
C GLN A 92 18.28 -27.28 -14.59
N VAL A 93 18.31 -26.40 -15.58
CA VAL A 93 19.35 -26.41 -16.61
C VAL A 93 20.74 -26.09 -16.07
N LEU A 94 20.85 -25.02 -15.28
CA LEU A 94 22.14 -24.64 -14.73
C LEU A 94 22.52 -25.45 -13.50
N GLU A 95 21.57 -26.25 -12.99
CA GLU A 95 21.82 -27.09 -11.81
C GLU A 95 23.06 -27.94 -12.05
N ASP A 96 23.42 -28.10 -13.32
CA ASP A 96 24.63 -28.82 -13.66
C ASP A 96 25.71 -27.86 -13.25
N THR A 97 25.86 -27.74 -11.93
CA THR A 97 26.81 -26.85 -11.27
C THR A 97 27.93 -26.33 -12.16
N GLU A 98 27.81 -25.05 -12.51
CA GLU A 98 28.78 -24.37 -13.35
C GLU A 98 28.57 -22.89 -13.10
N LEU A 99 27.37 -22.42 -13.46
CA LEU A 99 26.98 -21.03 -13.30
C LEU A 99 25.96 -20.93 -12.18
N GLN A 100 25.95 -19.80 -11.49
CA GLN A 100 25.02 -19.59 -10.39
C GLN A 100 24.02 -18.49 -10.73
N PRO A 101 22.75 -18.87 -10.97
CA PRO A 101 21.71 -17.90 -11.30
C PRO A 101 21.36 -17.07 -10.05
N VAL A 102 21.11 -15.77 -10.24
CA VAL A 102 20.71 -14.89 -9.15
C VAL A 102 19.64 -13.94 -9.68
N VAL A 103 18.62 -13.70 -8.87
CA VAL A 103 17.52 -12.86 -9.31
C VAL A 103 17.53 -11.43 -8.79
N GLY A 104 17.17 -10.51 -9.69
CA GLY A 104 17.09 -9.11 -9.35
C GLY A 104 15.69 -8.66 -9.77
N VAL A 105 14.99 -7.94 -8.89
CA VAL A 105 13.62 -7.50 -9.18
C VAL A 105 13.52 -6.00 -9.51
N THR A 106 12.82 -5.69 -10.61
CA THR A 106 12.66 -4.31 -11.09
C THR A 106 11.30 -3.63 -10.85
N ASP A 107 10.29 -4.41 -10.50
CA ASP A 107 8.95 -3.89 -10.25
C ASP A 107 8.34 -3.20 -11.47
N TYR A 108 8.77 -3.61 -12.66
CA TYR A 108 8.25 -3.06 -13.91
C TYR A 108 8.68 -1.62 -14.20
N LEU A 109 9.51 -1.05 -13.33
CA LEU A 109 9.97 0.32 -13.51
C LEU A 109 11.22 0.37 -14.39
N PRO A 110 11.13 1.05 -15.54
CA PRO A 110 12.28 1.15 -16.47
C PRO A 110 13.52 1.65 -15.73
N GLU A 111 13.31 2.64 -14.87
CA GLU A 111 14.35 3.27 -14.08
C GLU A 111 15.06 2.27 -13.16
N LYS A 112 14.30 1.40 -12.50
CA LYS A 112 14.91 0.45 -11.59
C LYS A 112 15.56 -0.70 -12.34
N GLU A 113 15.03 -1.04 -13.52
CA GLU A 113 15.60 -2.11 -14.34
C GLU A 113 16.99 -1.65 -14.76
N GLU A 114 17.09 -0.36 -15.06
CA GLU A 114 18.34 0.26 -15.49
C GLU A 114 19.37 0.22 -14.35
N LYS A 115 18.94 0.59 -13.15
CA LYS A 115 19.80 0.62 -11.98
C LYS A 115 20.27 -0.76 -11.53
N VAL A 116 19.39 -1.75 -11.65
CA VAL A 116 19.70 -3.12 -11.25
C VAL A 116 20.66 -3.82 -12.21
N LEU A 117 20.45 -3.63 -13.51
CA LEU A 117 21.31 -4.23 -14.53
C LEU A 117 22.71 -3.64 -14.44
N TYR A 118 22.78 -2.35 -14.17
CA TYR A 118 24.04 -1.63 -14.03
C TYR A 118 24.84 -2.27 -12.90
N GLU A 119 24.21 -2.43 -11.74
CA GLU A 119 24.86 -3.01 -10.56
C GLU A 119 25.40 -4.39 -10.85
N MSE A 120 24.54 -5.25 -11.38
CA MSE A 120 24.92 -6.61 -11.68
C MSE A 120 26.00 -6.70 -12.76
O MSE A 120 26.85 -7.60 -12.71
CB MSE A 120 23.67 -7.42 -12.05
CG MSE A 120 22.65 -7.42 -10.91
SE MSE A 120 21.16 -8.62 -11.12
CE MSE A 120 22.03 -10.23 -10.48
N LEU A 121 26.00 -5.77 -13.70
CA LEU A 121 27.01 -5.77 -14.76
C LEU A 121 28.37 -5.34 -14.18
N SER A 122 28.36 -4.48 -13.16
CA SER A 122 29.60 -4.03 -12.54
C SER A 122 30.29 -5.15 -11.78
N TRP A 123 29.59 -6.27 -11.57
CA TRP A 123 30.15 -7.42 -10.87
C TRP A 123 30.77 -8.38 -11.90
N ARG A 124 30.63 -8.04 -13.18
CA ARG A 124 31.18 -8.83 -14.28
C ARG A 124 30.64 -10.26 -14.32
N PRO A 125 29.33 -10.40 -14.56
CA PRO A 125 28.71 -11.73 -14.61
C PRO A 125 29.08 -12.49 -15.89
N SER A 126 28.67 -13.75 -15.96
CA SER A 126 28.94 -14.59 -17.13
C SER A 126 27.83 -14.44 -18.16
N GLY A 127 26.60 -14.26 -17.67
CA GLY A 127 25.46 -14.11 -18.56
C GLY A 127 24.32 -13.30 -17.97
N VAL A 128 23.41 -12.87 -18.83
CA VAL A 128 22.27 -12.09 -18.40
C VAL A 128 20.98 -12.58 -19.05
N ILE A 129 19.99 -12.86 -18.21
CA ILE A 129 18.66 -13.27 -18.69
C ILE A 129 17.75 -12.14 -18.20
N ILE A 130 17.16 -11.39 -19.11
CA ILE A 130 16.30 -10.29 -18.70
C ILE A 130 14.91 -10.31 -19.35
N ALA A 131 13.91 -9.88 -18.59
CA ALA A 131 12.53 -9.87 -19.06
C ALA A 131 12.09 -8.71 -19.95
N GLY A 132 11.41 -9.06 -21.04
CA GLY A 132 10.88 -8.08 -21.98
C GLY A 132 11.84 -7.56 -23.02
N LEU A 133 11.29 -6.80 -23.96
CA LEU A 133 12.07 -6.22 -25.05
C LEU A 133 12.10 -4.70 -24.98
N GLU A 134 11.39 -4.12 -24.00
CA GLU A 134 11.38 -2.68 -23.85
C GLU A 134 12.30 -2.32 -22.70
N HIS A 135 13.23 -1.40 -22.94
CA HIS A 135 14.17 -0.95 -21.94
C HIS A 135 14.47 0.51 -22.20
N SER A 136 15.05 1.18 -21.20
CA SER A 136 15.41 2.58 -21.38
C SER A 136 16.60 2.63 -22.34
N GLU A 137 16.88 3.81 -22.85
CA GLU A 137 17.99 4.00 -23.78
C GLU A 137 19.30 3.58 -23.13
N ALA A 138 19.50 3.99 -21.88
CA ALA A 138 20.70 3.65 -21.15
C ALA A 138 20.81 2.15 -20.88
N ALA A 139 19.69 1.51 -20.57
CA ALA A 139 19.69 0.08 -20.28
C ALA A 139 19.96 -0.74 -21.53
N ARG A 140 19.36 -0.33 -22.64
CA ARG A 140 19.54 -1.02 -23.90
C ARG A 140 21.03 -0.94 -24.29
N ALA A 141 21.63 0.24 -24.10
CA ALA A 141 23.04 0.45 -24.42
C ALA A 141 23.91 -0.51 -23.62
N MSE A 142 23.56 -0.70 -22.34
CA MSE A 142 24.30 -1.61 -21.48
C MSE A 142 24.24 -3.05 -21.98
O MSE A 142 25.24 -3.73 -22.02
CB MSE A 142 23.75 -1.56 -20.05
CG MSE A 142 24.18 -0.35 -19.25
SE MSE A 142 23.27 -0.27 -17.53
CE MSE A 142 23.16 1.66 -17.29
N LEU A 143 23.06 -3.51 -22.38
CA LEU A 143 22.92 -4.88 -22.87
C LEU A 143 23.62 -5.06 -24.22
N ASP A 144 23.78 -3.97 -24.95
CA ASP A 144 24.46 -4.03 -26.25
C ASP A 144 25.97 -4.10 -26.08
N ALA A 145 26.48 -3.36 -25.11
CA ALA A 145 27.92 -3.29 -24.85
C ALA A 145 28.46 -4.36 -23.88
N ALA A 146 27.60 -5.26 -23.43
CA ALA A 146 28.02 -6.32 -22.53
C ALA A 146 28.68 -7.37 -23.42
N GLY A 147 29.90 -7.75 -23.11
CA GLY A 147 30.57 -8.73 -23.96
C GLY A 147 30.16 -10.13 -23.61
N ILE A 148 28.97 -10.27 -23.05
CA ILE A 148 28.46 -11.56 -22.64
C ILE A 148 27.11 -11.83 -23.27
N PRO A 149 26.67 -13.09 -23.29
CA PRO A 149 25.37 -13.40 -23.89
C PRO A 149 24.21 -12.80 -23.09
N VAL A 150 23.21 -12.34 -23.81
CA VAL A 150 22.02 -11.73 -23.22
C VAL A 150 20.79 -12.38 -23.78
N VAL A 151 19.92 -12.85 -22.90
CA VAL A 151 18.70 -13.48 -23.35
C VAL A 151 17.48 -12.75 -22.80
N GLU A 152 16.76 -12.07 -23.70
CA GLU A 152 15.55 -11.36 -23.32
C GLU A 152 14.43 -12.40 -23.36
N ILE A 153 13.71 -12.55 -22.24
CA ILE A 153 12.64 -13.55 -22.18
C ILE A 153 11.22 -13.04 -22.06
N MSE A 154 10.28 -13.97 -22.30
CA MSE A 154 8.83 -13.75 -22.21
C MSE A 154 8.11 -13.16 -23.42
O MSE A 154 6.95 -13.49 -23.66
CB MSE A 154 8.49 -12.91 -20.97
CG MSE A 154 9.08 -13.43 -19.68
SE MSE A 154 8.85 -15.33 -19.43
CE MSE A 154 7.16 -15.36 -18.49
N ASP A 155 8.79 -12.31 -24.17
CA ASP A 155 8.14 -11.67 -25.30
C ASP A 155 8.96 -11.68 -26.60
N SER A 156 8.31 -12.04 -27.70
CA SER A 156 8.97 -12.07 -28.99
C SER A 156 8.28 -11.14 -29.99
N ASP A 157 7.69 -10.08 -29.49
CA ASP A 157 7.02 -9.11 -30.36
C ASP A 157 7.89 -7.87 -30.48
N GLY A 158 9.11 -8.07 -30.97
CA GLY A 158 10.02 -6.95 -31.11
C GLY A 158 11.39 -7.35 -31.65
N LYS A 159 12.38 -6.51 -31.39
CA LYS A 159 13.73 -6.74 -31.86
C LYS A 159 14.68 -7.04 -30.68
N PRO A 160 15.17 -8.27 -30.60
CA PRO A 160 16.08 -8.63 -29.50
C PRO A 160 17.49 -8.06 -29.63
N VAL A 161 18.14 -7.84 -28.50
CA VAL A 161 19.50 -7.33 -28.45
C VAL A 161 20.42 -8.42 -28.98
N ASP A 162 20.31 -9.60 -28.38
CA ASP A 162 21.13 -10.74 -28.76
C ASP A 162 20.24 -11.97 -28.88
N ALA A 163 20.05 -12.67 -27.76
CA ALA A 163 19.21 -13.87 -27.75
C ALA A 163 17.79 -13.54 -27.26
N MSE A 164 16.86 -14.40 -27.62
CA MSE A 164 15.47 -14.19 -27.26
C MSE A 164 14.66 -15.48 -27.18
O MSE A 164 14.82 -16.37 -28.01
CB MSE A 164 14.85 -13.25 -28.28
CG MSE A 164 13.33 -13.15 -28.23
SE MSE A 164 12.65 -12.32 -29.83
CE MSE A 164 12.51 -13.91 -30.93
N VAL A 165 13.79 -15.55 -26.17
CA VAL A 165 12.92 -16.71 -25.99
C VAL A 165 11.62 -16.22 -25.37
N GLY A 166 10.53 -16.37 -26.11
CA GLY A 166 9.23 -15.94 -25.60
C GLY A 166 8.09 -16.36 -26.50
N ILE A 167 6.94 -15.71 -26.33
CA ILE A 167 5.77 -15.99 -27.14
C ILE A 167 5.30 -14.65 -27.67
N SER A 168 4.42 -14.67 -28.67
CA SER A 168 3.92 -13.42 -29.21
C SER A 168 2.63 -13.06 -28.48
N HIS A 169 2.68 -11.99 -27.68
CA HIS A 169 1.55 -11.51 -26.89
C HIS A 169 0.49 -10.88 -27.78
N ARG A 170 0.91 -10.42 -28.95
CA ARG A 170 0.01 -9.81 -29.92
C ARG A 170 -0.93 -10.96 -30.33
N ARG A 171 -0.33 -12.10 -30.67
CA ARG A 171 -1.07 -13.29 -31.08
C ARG A 171 -1.98 -13.74 -29.96
N ALA A 172 -1.42 -13.87 -28.76
CA ALA A 172 -2.21 -14.30 -27.62
C ALA A 172 -3.54 -13.53 -27.58
N GLY A 173 -3.47 -12.21 -27.75
CA GLY A 173 -4.67 -11.38 -27.72
C GLY A 173 -5.63 -11.65 -28.85
N ARG A 174 -5.10 -11.72 -30.07
CA ARG A 174 -5.90 -11.98 -31.26
C ARG A 174 -6.62 -13.32 -31.17
N GLU A 175 -5.88 -14.38 -30.88
CA GLU A 175 -6.45 -15.71 -30.77
C GLU A 175 -7.60 -15.79 -29.79
N MSE A 176 -7.40 -15.24 -28.59
CA MSE A 176 -8.44 -15.27 -27.59
C MSE A 176 -9.67 -14.51 -28.09
O MSE A 176 -10.80 -14.98 -27.94
CB MSE A 176 -7.96 -14.68 -26.27
CG MSE A 176 -8.89 -14.95 -25.10
SE MSE A 176 -9.26 -16.86 -24.79
CE MSE A 176 -7.58 -17.40 -23.99
N ALA A 177 -9.45 -13.35 -28.71
CA ALA A 177 -10.56 -12.56 -29.24
C ALA A 177 -11.34 -13.35 -30.29
N GLN A 178 -10.62 -14.08 -31.14
CA GLN A 178 -11.25 -14.88 -32.17
C GLN A 178 -12.10 -16.01 -31.62
N ALA A 179 -11.57 -16.73 -30.62
CA ALA A 179 -12.30 -17.83 -29.99
C ALA A 179 -13.57 -17.35 -29.31
N ILE A 180 -13.50 -16.15 -28.74
CA ILE A 180 -14.62 -15.53 -28.05
C ILE A 180 -15.67 -15.06 -29.06
N LEU A 181 -15.22 -14.55 -30.21
CA LEU A 181 -16.16 -14.10 -31.23
C LEU A 181 -16.82 -15.35 -31.81
N LYS A 182 -16.00 -16.38 -32.04
CA LYS A 182 -16.50 -17.63 -32.57
C LYS A 182 -17.52 -18.23 -31.61
N ALA A 183 -17.19 -18.25 -30.31
CA ALA A 183 -18.10 -18.80 -29.31
C ALA A 183 -19.43 -18.06 -29.30
N GLY A 184 -19.43 -16.84 -29.82
CA GLY A 184 -20.67 -16.08 -29.90
C GLY A 184 -20.87 -14.93 -28.93
N TYR A 185 -19.80 -14.48 -28.28
CA TYR A 185 -19.95 -13.37 -27.35
C TYR A 185 -19.91 -12.00 -28.02
N ARG A 186 -20.71 -11.09 -27.47
CA ARG A 186 -20.82 -9.71 -27.91
C ARG A 186 -20.81 -8.94 -26.59
N ARG A 187 -20.50 -7.65 -26.58
CA ARG A 187 -20.49 -6.93 -25.30
C ARG A 187 -19.43 -7.56 -24.39
N ILE A 188 -18.18 -7.40 -24.75
CA ILE A 188 -17.10 -8.02 -23.99
C ILE A 188 -16.70 -7.45 -22.63
N GLY A 189 -15.74 -6.54 -22.58
CA GLY A 189 -15.31 -6.04 -21.28
C GLY A 189 -13.96 -6.63 -20.94
N PHE A 190 -13.02 -5.78 -20.55
CA PHE A 190 -11.66 -6.22 -20.22
C PHE A 190 -11.14 -5.62 -18.93
N MSE A 191 -10.35 -6.41 -18.22
CA MSE A 191 -9.72 -6.00 -16.96
C MSE A 191 -8.26 -6.42 -16.96
O MSE A 191 -7.91 -7.57 -17.27
CB MSE A 191 -10.45 -6.61 -15.77
CG MSE A 191 -11.81 -5.98 -15.53
SE MSE A 191 -12.92 -7.01 -14.35
CE MSE A 191 -13.62 -8.23 -15.71
N GLY A 192 -7.39 -5.48 -16.57
CA GLY A 192 -5.97 -5.75 -16.53
C GLY A 192 -5.33 -5.03 -15.37
N THR A 193 -4.20 -5.55 -14.92
CA THR A 193 -3.49 -4.94 -13.82
C THR A 193 -2.10 -4.53 -14.27
N LYS A 194 -1.38 -3.87 -13.38
CA LYS A 194 -0.04 -3.38 -13.67
C LYS A 194 0.03 -2.69 -15.04
N MSE A 195 -0.95 -1.85 -15.31
CA MSE A 195 -0.95 -1.12 -16.55
C MSE A 195 -0.95 0.37 -16.25
O MSE A 195 -1.56 0.81 -15.27
CB MSE A 195 -2.13 -1.56 -17.42
CG MSE A 195 -1.85 -2.94 -18.00
SE MSE A 195 -3.32 -3.88 -18.84
CE MSE A 195 -3.24 -3.04 -20.58
N PRO A 196 -0.28 1.17 -17.06
CA PRO A 196 0.47 0.85 -18.27
C PRO A 196 1.91 0.32 -18.17
N LEU A 197 2.39 -0.02 -16.97
CA LEU A 197 3.78 -0.50 -16.85
C LEU A 197 4.13 -1.85 -17.54
N ASP A 198 3.21 -2.82 -17.52
CA ASP A 198 3.45 -4.13 -18.12
C ASP A 198 3.22 -4.08 -19.63
N TYR A 199 4.30 -4.01 -20.40
CA TYR A 199 4.19 -3.95 -21.86
C TYR A 199 3.58 -5.19 -22.52
N ARG A 200 3.77 -6.37 -21.94
CA ARG A 200 3.21 -7.58 -22.55
C ARG A 200 1.69 -7.64 -22.40
N ALA A 201 1.17 -7.26 -21.23
CA ALA A 201 -0.27 -7.27 -21.02
C ALA A 201 -0.92 -6.30 -22.00
N ARG A 202 -0.25 -5.17 -22.21
CA ARG A 202 -0.74 -4.16 -23.14
C ARG A 202 -0.78 -4.69 -24.57
N LYS A 203 0.25 -5.46 -24.95
CA LYS A 203 0.27 -6.04 -26.28
C LYS A 203 -0.87 -7.03 -26.43
N ARG A 204 -1.06 -7.89 -25.43
CA ARG A 204 -2.16 -8.86 -25.50
C ARG A 204 -3.48 -8.14 -25.70
N PHE A 205 -3.64 -7.02 -25.03
CA PHE A 205 -4.87 -6.24 -25.13
C PHE A 205 -5.04 -5.62 -26.51
N GLU A 206 -3.93 -5.27 -27.15
CA GLU A 206 -3.97 -4.69 -28.48
C GLU A 206 -4.35 -5.75 -29.51
N GLY A 207 -3.85 -6.98 -29.30
CA GLY A 207 -4.17 -8.06 -30.22
C GLY A 207 -5.67 -8.32 -30.14
N PHE A 208 -6.16 -8.39 -28.90
CA PHE A 208 -7.56 -8.61 -28.60
C PHE A 208 -8.40 -7.54 -29.31
N THR A 209 -8.07 -6.28 -29.03
CA THR A 209 -8.73 -5.12 -29.62
C THR A 209 -8.74 -5.08 -31.15
N GLU A 210 -7.62 -5.45 -31.75
CA GLU A 210 -7.51 -5.44 -33.21
C GLU A 210 -8.55 -6.33 -33.87
N VAL A 211 -8.68 -7.56 -33.39
CA VAL A 211 -9.64 -8.50 -33.95
C VAL A 211 -11.09 -8.11 -33.73
N LEU A 212 -11.43 -7.65 -32.52
CA LEU A 212 -12.80 -7.25 -32.23
C LEU A 212 -13.26 -6.12 -33.14
N GLY A 213 -12.41 -5.10 -33.29
CA GLY A 213 -12.75 -3.98 -34.15
C GLY A 213 -12.90 -4.45 -35.58
N LYS A 214 -11.94 -5.26 -36.01
CA LYS A 214 -11.91 -5.84 -37.35
C LYS A 214 -13.26 -6.49 -37.69
N ASN A 215 -13.89 -7.09 -36.68
CA ASN A 215 -15.17 -7.75 -36.85
C ASN A 215 -16.34 -6.86 -36.44
N GLY A 216 -16.07 -5.55 -36.40
CA GLY A 216 -17.10 -4.58 -36.05
C GLY A 216 -17.59 -4.58 -34.61
N VAL A 217 -16.82 -5.17 -33.71
CA VAL A 217 -17.20 -5.23 -32.31
C VAL A 217 -16.36 -4.26 -31.47
N GLU A 218 -17.00 -3.59 -30.51
CA GLU A 218 -16.29 -2.67 -29.64
C GLU A 218 -16.44 -3.14 -28.20
N ILE A 219 -15.31 -3.24 -27.50
CA ILE A 219 -15.34 -3.66 -26.09
C ILE A 219 -16.31 -2.73 -25.37
N GLU A 220 -17.25 -3.29 -24.63
CA GLU A 220 -18.24 -2.49 -23.93
C GLU A 220 -17.74 -1.73 -22.69
N ASP A 221 -16.78 -2.31 -21.97
CA ASP A 221 -16.25 -1.68 -20.77
C ASP A 221 -14.84 -2.19 -20.49
N ARG A 222 -14.03 -1.37 -19.82
CA ARG A 222 -12.69 -1.79 -19.48
C ARG A 222 -12.20 -1.15 -18.18
N GLU A 223 -11.45 -1.93 -17.41
CA GLU A 223 -10.93 -1.47 -16.12
C GLU A 223 -9.44 -1.78 -16.06
N PHE A 224 -8.64 -0.74 -15.84
CA PHE A 224 -7.19 -0.88 -15.76
C PHE A 224 -6.71 -0.45 -14.41
N TYR A 225 -5.94 -1.32 -13.76
CA TYR A 225 -5.37 -0.99 -12.46
C TYR A 225 -3.87 -0.88 -12.65
N SER A 226 -3.28 0.17 -12.11
CA SER A 226 -1.85 0.39 -12.27
C SER A 226 -1.01 -0.41 -11.28
N GLY A 227 -1.65 -0.89 -10.21
CA GLY A 227 -0.93 -1.67 -9.21
C GLY A 227 -0.82 -3.15 -9.53
N GLY A 228 -0.36 -3.94 -8.57
CA GLY A 228 -0.17 -5.36 -8.80
C GLY A 228 -1.38 -6.27 -8.84
N SER A 229 -1.19 -7.41 -9.49
CA SER A 229 -2.24 -8.41 -9.62
C SER A 229 -2.54 -9.04 -8.26
N ALA A 230 -3.75 -9.56 -8.09
CA ALA A 230 -4.12 -10.18 -6.83
C ALA A 230 -5.53 -10.70 -6.93
N LEU A 231 -5.85 -11.70 -6.13
CA LEU A 231 -7.17 -12.30 -6.15
C LEU A 231 -8.25 -11.27 -5.76
N ALA A 232 -8.00 -10.53 -4.68
CA ALA A 232 -8.95 -9.53 -4.19
C ALA A 232 -9.27 -8.51 -5.27
N LYS A 233 -8.24 -8.06 -5.97
CA LYS A 233 -8.40 -7.08 -7.03
C LYS A 233 -9.30 -7.59 -8.14
N GLY A 234 -9.28 -8.90 -8.38
CA GLY A 234 -10.12 -9.47 -9.42
C GLY A 234 -11.58 -9.45 -9.00
N ARG A 235 -11.83 -9.67 -7.71
CA ARG A 235 -13.20 -9.65 -7.20
C ARG A 235 -13.73 -8.22 -7.28
N GLU A 236 -12.93 -7.28 -6.80
CA GLU A 236 -13.27 -5.86 -6.78
C GLU A 236 -13.60 -5.29 -8.16
N MSE A 237 -12.70 -5.47 -9.12
CA MSE A 237 -12.90 -4.95 -10.47
C MSE A 237 -14.11 -5.55 -11.17
O MSE A 237 -14.89 -4.85 -11.82
CB MSE A 237 -11.64 -5.20 -11.32
CG MSE A 237 -10.42 -4.38 -10.90
SE MSE A 237 -8.78 -4.88 -11.86
CE MSE A 237 -9.10 -4.04 -13.56
N THR A 238 -14.25 -6.87 -11.05
CA THR A 238 -15.36 -7.58 -11.69
C THR A 238 -16.71 -7.12 -11.15
N GLN A 239 -16.82 -7.01 -9.84
CA GLN A 239 -18.09 -6.59 -9.27
C GLN A 239 -18.36 -5.14 -9.66
N ALA A 240 -17.32 -4.31 -9.70
CA ALA A 240 -17.49 -2.91 -10.06
C ALA A 240 -17.93 -2.77 -11.53
N MSE A 241 -17.29 -3.53 -12.42
CA MSE A 241 -17.61 -3.48 -13.84
C MSE A 241 -19.00 -4.01 -14.14
O MSE A 241 -19.71 -3.45 -14.98
CB MSE A 241 -16.59 -4.26 -14.67
CG MSE A 241 -16.90 -4.26 -16.15
SE MSE A 241 -15.48 -4.98 -17.27
CE MSE A 241 -14.24 -3.54 -16.99
N LEU A 242 -19.39 -5.08 -13.47
CA LEU A 242 -20.71 -5.66 -13.71
C LEU A 242 -21.84 -4.74 -13.25
N GLU A 243 -21.58 -3.92 -12.24
CA GLU A 243 -22.58 -2.98 -11.75
C GLU A 243 -22.67 -1.85 -12.78
N ARG A 244 -21.53 -1.54 -13.38
CA ARG A 244 -21.39 -0.48 -14.37
C ARG A 244 -21.96 -0.90 -15.73
N SER A 245 -21.79 -2.17 -16.06
CA SER A 245 -22.27 -2.70 -17.33
C SER A 245 -22.82 -4.09 -17.02
N PRO A 246 -24.06 -4.15 -16.52
CA PRO A 246 -24.80 -5.37 -16.14
C PRO A 246 -25.07 -6.40 -17.23
N ASP A 247 -25.07 -5.99 -18.49
CA ASP A 247 -25.36 -6.93 -19.56
C ASP A 247 -24.18 -7.53 -20.32
N LEU A 248 -22.99 -7.48 -19.76
CA LEU A 248 -21.83 -8.06 -20.43
C LEU A 248 -21.99 -9.58 -20.50
N ASP A 249 -21.54 -10.20 -21.58
CA ASP A 249 -21.63 -11.66 -21.67
C ASP A 249 -20.25 -12.31 -21.59
N PHE A 250 -19.20 -11.49 -21.58
CA PHE A 250 -17.83 -12.01 -21.49
C PHE A 250 -16.79 -11.10 -20.82
N LEU A 251 -15.97 -11.70 -19.96
CA LEU A 251 -14.92 -10.97 -19.26
C LEU A 251 -13.54 -11.56 -19.54
N TYR A 252 -12.66 -10.74 -20.12
CA TYR A 252 -11.30 -11.13 -20.43
C TYR A 252 -10.35 -10.40 -19.48
N TYR A 253 -9.52 -11.18 -18.79
CA TYR A 253 -8.57 -10.65 -17.82
C TYR A 253 -7.12 -10.68 -18.32
N SER A 254 -6.31 -9.70 -17.90
CA SER A 254 -4.92 -9.69 -18.33
C SER A 254 -4.12 -10.87 -17.76
N ASN A 255 -4.62 -11.50 -16.69
CA ASN A 255 -3.95 -12.64 -16.07
C ASN A 255 -4.89 -13.52 -15.23
N ASP A 256 -4.46 -14.76 -14.99
CA ASP A 256 -5.24 -15.74 -14.22
C ASP A 256 -5.59 -15.34 -12.80
N MSE A 257 -4.66 -14.70 -12.11
CA MSE A 257 -4.92 -14.32 -10.75
C MSE A 257 -6.18 -13.46 -10.59
O MSE A 257 -7.05 -13.79 -9.79
CB MSE A 257 -3.70 -13.61 -10.16
CG MSE A 257 -3.75 -13.40 -8.65
SE MSE A 257 -3.61 -15.03 -7.55
CE MSE A 257 -3.98 -16.40 -8.87
N ILE A 258 -6.30 -12.39 -11.35
CA ILE A 258 -7.48 -11.55 -11.22
C ILE A 258 -8.69 -12.27 -11.75
N ALA A 259 -8.49 -13.12 -12.76
CA ALA A 259 -9.58 -13.87 -13.35
C ALA A 259 -10.15 -14.79 -12.29
N ALA A 260 -9.27 -15.41 -11.52
CA ALA A 260 -9.68 -16.32 -10.46
C ALA A 260 -10.55 -15.55 -9.47
N GLY A 261 -10.15 -14.32 -9.15
CA GLY A 261 -10.91 -13.51 -8.21
C GLY A 261 -12.30 -13.22 -8.74
N GLY A 262 -12.38 -12.92 -10.03
CA GLY A 262 -13.65 -12.66 -10.65
C GLY A 262 -14.51 -13.91 -10.69
N LEU A 263 -13.87 -15.06 -10.92
CA LEU A 263 -14.60 -16.32 -10.98
C LEU A 263 -15.32 -16.57 -9.67
N LEU A 264 -14.59 -16.51 -8.57
CA LEU A 264 -15.17 -16.74 -7.27
C LEU A 264 -16.30 -15.75 -6.95
N TYR A 265 -16.20 -14.52 -7.44
CA TYR A 265 -17.27 -13.55 -7.20
C TYR A 265 -18.51 -13.92 -8.00
N LEU A 266 -18.32 -14.21 -9.28
CA LEU A 266 -19.42 -14.60 -10.15
C LEU A 266 -20.14 -15.85 -9.59
N LEU A 267 -19.38 -16.88 -9.24
CA LEU A 267 -19.96 -18.10 -8.69
C LEU A 267 -20.74 -17.79 -7.41
N GLU A 268 -20.14 -16.97 -6.57
CA GLU A 268 -20.76 -16.57 -5.30
C GLU A 268 -22.11 -15.87 -5.58
N GLN A 269 -22.17 -15.09 -6.66
CA GLN A 269 -23.40 -14.41 -7.03
C GLN A 269 -24.39 -15.35 -7.70
N GLY A 270 -24.02 -16.61 -7.82
CA GLY A 270 -24.90 -17.58 -8.46
C GLY A 270 -25.09 -17.40 -9.95
N ILE A 271 -24.19 -16.66 -10.60
CA ILE A 271 -24.27 -16.41 -12.04
C ILE A 271 -23.85 -17.64 -12.86
N ASP A 272 -24.60 -17.93 -13.91
CA ASP A 272 -24.31 -19.07 -14.78
C ASP A 272 -23.09 -18.84 -15.69
N ILE A 273 -22.06 -19.66 -15.49
CA ILE A 273 -20.84 -19.57 -16.29
C ILE A 273 -20.72 -20.85 -17.11
N PRO A 274 -20.62 -20.76 -18.44
CA PRO A 274 -20.60 -19.57 -19.31
C PRO A 274 -21.98 -19.19 -19.82
N GLY A 275 -23.01 -19.86 -19.32
CA GLY A 275 -24.36 -19.59 -19.76
C GLY A 275 -24.67 -18.11 -19.92
N GLN A 276 -24.45 -17.35 -18.85
CA GLN A 276 -24.69 -15.91 -18.85
C GLN A 276 -23.40 -15.17 -19.16
N ILE A 277 -22.32 -15.57 -18.49
CA ILE A 277 -21.03 -14.91 -18.69
C ILE A 277 -19.84 -15.83 -18.85
N GLY A 278 -19.05 -15.60 -19.89
CA GLY A 278 -17.86 -16.40 -20.11
C GLY A 278 -16.66 -15.66 -19.55
N LEU A 279 -15.58 -16.42 -19.29
CA LEU A 279 -14.36 -15.86 -18.73
C LEU A 279 -13.12 -16.52 -19.31
N ALA A 280 -12.02 -15.76 -19.33
CA ALA A 280 -10.74 -16.24 -19.82
C ALA A 280 -9.63 -15.37 -19.21
N GLY A 281 -8.50 -16.00 -18.91
CA GLY A 281 -7.38 -15.27 -18.33
C GLY A 281 -6.12 -15.51 -19.14
N PHE A 282 -4.96 -15.46 -18.51
CA PHE A 282 -3.71 -15.70 -19.23
C PHE A 282 -2.62 -16.18 -18.26
N ASN A 283 -1.75 -17.05 -18.76
CA ASN A 283 -0.61 -17.64 -18.03
C ASN A 283 -0.74 -19.12 -17.70
N ASN A 284 -1.96 -19.57 -17.48
CA ASN A 284 -2.24 -20.96 -17.09
C ASN A 284 -1.42 -21.39 -15.88
N VAL A 285 -1.52 -20.64 -14.79
CA VAL A 285 -0.79 -20.97 -13.59
C VAL A 285 -1.42 -22.18 -12.91
N GLU A 286 -0.64 -22.85 -12.05
CA GLU A 286 -1.09 -24.04 -11.35
C GLU A 286 -2.32 -23.77 -10.50
N LEU A 287 -2.35 -22.62 -9.85
CA LEU A 287 -3.47 -22.21 -9.01
C LEU A 287 -4.83 -22.47 -9.66
N LEU A 288 -4.86 -22.45 -10.98
CA LEU A 288 -6.07 -22.70 -11.75
C LEU A 288 -6.62 -24.12 -11.54
N GLN A 289 -5.73 -25.06 -11.23
CA GLN A 289 -6.16 -26.45 -11.02
C GLN A 289 -6.91 -26.70 -9.72
N GLY A 290 -6.81 -25.78 -8.76
CA GLY A 290 -7.50 -25.96 -7.50
C GLY A 290 -8.81 -25.19 -7.36
N LEU A 291 -9.32 -24.65 -8.46
CA LEU A 291 -10.57 -23.88 -8.42
C LEU A 291 -11.77 -24.74 -8.83
N PRO A 292 -12.98 -24.39 -8.34
CA PRO A 292 -14.22 -25.12 -8.65
C PRO A 292 -14.64 -25.19 -10.11
N ARG A 293 -14.08 -24.33 -10.94
CA ARG A 293 -14.40 -24.34 -12.36
C ARG A 293 -13.11 -24.15 -13.11
N LYS A 294 -13.00 -24.72 -14.30
CA LYS A 294 -11.77 -24.59 -15.08
C LYS A 294 -11.76 -23.38 -16.00
N LEU A 295 -10.96 -22.40 -15.61
CA LEU A 295 -10.81 -21.14 -16.34
C LEU A 295 -10.13 -21.23 -17.69
N ALA A 296 -10.76 -20.61 -18.69
CA ALA A 296 -10.19 -20.58 -20.02
C ALA A 296 -8.94 -19.70 -19.88
N THR A 297 -7.86 -20.09 -20.56
CA THR A 297 -6.62 -19.35 -20.48
C THR A 297 -5.66 -19.83 -21.58
N MSE A 298 -4.42 -19.33 -21.53
CA MSE A 298 -3.39 -19.74 -22.47
C MSE A 298 -2.08 -19.83 -21.70
O MSE A 298 -1.74 -18.92 -20.95
CB MSE A 298 -3.25 -18.75 -23.62
CG MSE A 298 -2.32 -19.27 -24.72
SE MSE A 298 -1.89 -17.97 -26.09
CE MSE A 298 -2.98 -18.69 -27.53
N ASP A 299 -1.35 -20.92 -21.90
CA ASP A 299 -0.09 -21.14 -21.23
C ASP A 299 0.98 -20.18 -21.72
N ALA A 300 1.59 -19.44 -20.79
CA ALA A 300 2.63 -18.49 -21.12
C ALA A 300 3.98 -19.16 -21.39
N CYS A 301 4.01 -20.49 -21.25
CA CYS A 301 5.23 -21.28 -21.47
C CYS A 301 6.35 -20.84 -20.53
N ARG A 302 5.99 -20.53 -19.29
CA ARG A 302 6.98 -20.06 -18.32
C ARG A 302 8.12 -21.03 -18.00
N LEU A 303 7.83 -22.30 -17.74
CA LEU A 303 8.88 -23.26 -17.42
C LEU A 303 9.86 -23.44 -18.58
N GLU A 304 9.32 -23.67 -19.78
CA GLU A 304 10.14 -23.87 -20.98
C GLU A 304 11.02 -22.67 -21.29
N ILE A 305 10.44 -21.48 -21.20
CA ILE A 305 11.18 -20.25 -21.48
C ILE A 305 12.38 -20.17 -20.56
N GLY A 306 12.20 -20.51 -19.30
CA GLY A 306 13.29 -20.48 -18.35
C GLY A 306 14.36 -21.51 -18.68
N ARG A 307 13.95 -22.74 -18.97
CA ARG A 307 14.92 -23.78 -19.31
C ARG A 307 15.69 -23.42 -20.59
N LYS A 308 14.97 -23.00 -21.61
CA LYS A 308 15.59 -22.64 -22.88
C LYS A 308 16.52 -21.42 -22.78
N ALA A 309 16.18 -20.46 -21.94
CA ALA A 309 17.02 -19.27 -21.82
C ALA A 309 18.37 -19.64 -21.19
N ALA A 310 18.33 -20.51 -20.19
CA ALA A 310 19.56 -20.95 -19.51
C ALA A 310 20.32 -21.89 -20.43
N GLU A 311 19.59 -22.49 -21.36
CA GLU A 311 20.14 -23.41 -22.35
C GLU A 311 21.06 -22.63 -23.29
N ILE A 312 20.58 -21.50 -23.80
CA ILE A 312 21.40 -20.68 -24.68
C ILE A 312 22.67 -20.28 -23.92
N ILE A 313 22.52 -19.45 -22.90
CA ILE A 313 23.66 -18.99 -22.10
C ILE A 313 24.62 -20.13 -21.76
N ALA A 314 24.10 -21.33 -21.54
CA ALA A 314 24.94 -22.47 -21.21
C ALA A 314 25.84 -22.86 -22.38
N LYS A 315 25.24 -23.04 -23.56
CA LYS A 315 26.02 -23.40 -24.75
C LYS A 315 27.01 -22.28 -25.09
N ARG A 316 26.51 -21.06 -25.21
CA ARG A 316 27.35 -19.91 -25.51
C ARG A 316 28.65 -19.88 -24.71
N LEU A 317 28.57 -20.23 -23.43
CA LEU A 317 29.73 -20.23 -22.54
C LEU A 317 30.61 -21.46 -22.68
N GLU A 318 30.04 -22.55 -23.19
CA GLU A 318 30.83 -23.75 -23.39
C GLU A 318 31.66 -23.58 -24.66
N ASP A 319 30.96 -23.39 -25.77
CA ASP A 319 31.60 -23.20 -27.07
C ASP A 319 31.34 -21.79 -27.59
N PRO A 320 32.29 -20.87 -27.39
CA PRO A 320 32.09 -19.50 -27.88
C PRO A 320 31.60 -19.50 -29.32
N GLU A 321 32.20 -20.35 -30.15
CA GLU A 321 31.83 -20.47 -31.55
C GLU A 321 30.55 -21.30 -31.70
N ALA A 322 29.82 -21.41 -30.59
CA ALA A 322 28.57 -22.16 -30.53
C ALA A 322 27.93 -22.42 -31.89
N GLU A 323 27.31 -21.39 -32.45
CA GLU A 323 26.65 -21.49 -33.75
C GLU A 323 25.35 -22.30 -33.61
N ILE A 324 24.39 -21.75 -32.87
CA ILE A 324 23.10 -22.40 -32.65
C ILE A 324 21.99 -21.35 -32.61
N GLU A 325 20.73 -21.80 -32.58
CA GLU A 325 19.59 -20.87 -32.56
C GLU A 325 19.57 -19.97 -31.32
N THR A 326 19.29 -18.69 -31.55
CA THR A 326 19.24 -17.72 -30.46
C THR A 326 17.87 -17.08 -30.26
N ARG A 327 17.10 -16.90 -31.33
CA ARG A 327 15.78 -16.29 -31.24
C ARG A 327 14.65 -17.32 -31.40
N ILE A 328 14.12 -17.78 -30.26
CA ILE A 328 13.05 -18.77 -30.25
C ILE A 328 11.67 -18.16 -29.95
N THR A 329 10.69 -18.47 -30.79
CA THR A 329 9.33 -17.99 -30.59
C THR A 329 8.43 -19.20 -30.37
N LEU A 330 7.82 -19.28 -29.19
CA LEU A 330 6.93 -20.39 -28.87
C LEU A 330 5.51 -20.00 -29.15
N GLU A 331 4.68 -20.99 -29.46
CA GLU A 331 3.27 -20.74 -29.77
C GLU A 331 2.38 -21.67 -28.95
N PRO A 332 1.97 -21.22 -27.77
CA PRO A 332 1.10 -22.06 -26.92
C PRO A 332 -0.35 -22.06 -27.44
N LYS A 333 -1.13 -23.03 -26.97
CA LYS A 333 -2.53 -23.14 -27.37
C LYS A 333 -3.44 -22.69 -26.25
N ILE A 334 -4.66 -22.33 -26.62
CA ILE A 334 -5.65 -21.90 -25.65
C ILE A 334 -6.22 -23.09 -24.89
N SER A 335 -6.13 -23.07 -23.56
CA SER A 335 -6.72 -24.13 -22.74
C SER A 335 -8.14 -23.62 -22.55
N TYR A 336 -9.10 -24.28 -23.20
CA TYR A 336 -10.49 -23.86 -23.14
C TYR A 336 -11.24 -24.00 -21.84
N GLY A 337 -10.90 -25.01 -21.04
CA GLY A 337 -11.60 -25.20 -19.78
C GLY A 337 -13.10 -25.21 -19.97
N ASP A 338 -13.85 -24.91 -18.91
CA ASP A 338 -15.30 -24.91 -19.02
C ASP A 338 -15.96 -23.53 -18.84
N THR A 339 -15.19 -22.46 -19.07
CA THR A 339 -15.74 -21.10 -18.92
C THR A 339 -15.82 -20.28 -20.20
N LEU A 340 -15.63 -20.92 -21.35
CA LEU A 340 -15.70 -20.21 -22.63
C LEU A 340 -16.62 -20.92 -23.63
N LYS A 341 -16.32 -22.16 -23.96
CA LYS A 341 -17.17 -22.87 -24.92
C LYS A 341 -18.54 -23.21 -24.36
N ARG A 342 -19.55 -23.01 -25.20
CA ARG A 342 -20.94 -23.29 -24.85
C ARG A 342 -21.43 -24.49 -25.68
N PRO B 10 33.24 -5.99 -26.30
CA PRO B 10 33.53 -5.65 -24.88
C PRO B 10 34.18 -4.26 -24.81
N LEU B 11 33.43 -3.27 -24.37
CA LEU B 11 33.94 -1.91 -24.26
C LEU B 11 34.96 -1.75 -23.15
N THR B 12 35.84 -0.77 -23.33
CA THR B 12 36.90 -0.47 -22.36
C THR B 12 36.95 1.00 -22.03
N LEU B 13 37.86 1.36 -21.12
CA LEU B 13 38.05 2.73 -20.70
C LEU B 13 38.44 3.58 -21.92
N ARG B 14 39.26 3.00 -22.79
CA ARG B 14 39.72 3.69 -23.98
C ARG B 14 38.52 4.23 -24.77
N ASP B 15 37.45 3.44 -24.82
CA ASP B 15 36.25 3.84 -25.54
C ASP B 15 35.60 5.05 -24.86
N VAL B 16 35.55 5.02 -23.54
CA VAL B 16 34.95 6.12 -22.79
C VAL B 16 35.84 7.35 -22.92
N SER B 17 37.15 7.12 -22.95
CA SER B 17 38.13 8.20 -23.09
C SER B 17 38.01 8.93 -24.42
N GLU B 18 38.01 8.17 -25.52
CA GLU B 18 37.92 8.75 -26.85
C GLU B 18 36.61 9.48 -27.13
N ALA B 19 35.51 8.98 -26.57
CA ALA B 19 34.20 9.60 -26.76
C ALA B 19 34.01 10.75 -25.78
N SER B 20 34.82 10.77 -24.74
CA SER B 20 34.75 11.81 -23.71
C SER B 20 35.71 12.99 -23.97
N GLY B 21 36.81 12.72 -24.66
CA GLY B 21 37.77 13.77 -24.93
C GLY B 21 38.80 13.92 -23.81
N VAL B 22 38.75 13.05 -22.81
CA VAL B 22 39.69 13.11 -21.70
C VAL B 22 40.53 11.82 -21.60
N SER B 23 41.62 11.88 -20.86
CA SER B 23 42.53 10.73 -20.72
C SER B 23 41.92 9.59 -19.93
N GLU B 24 42.33 8.37 -20.25
CA GLU B 24 41.82 7.20 -19.52
C GLU B 24 42.08 7.35 -18.03
N MSE B 25 43.20 7.97 -17.67
CA MSE B 25 43.52 8.17 -16.27
C MSE B 25 42.44 9.01 -15.60
O MSE B 25 42.09 8.78 -14.45
CB MSE B 25 44.87 8.85 -16.13
CG MSE B 25 45.39 8.92 -14.71
SE MSE B 25 47.13 9.77 -14.63
CE MSE B 25 48.23 8.26 -15.15
N THR B 26 41.93 10.00 -16.32
CA THR B 26 40.89 10.85 -15.75
C THR B 26 39.55 10.15 -15.73
N VAL B 27 39.26 9.35 -16.76
CA VAL B 27 38.01 8.59 -16.81
C VAL B 27 37.96 7.68 -15.60
N SER B 28 39.09 7.03 -15.34
CA SER B 28 39.20 6.10 -14.21
C SER B 28 38.96 6.82 -12.89
N ARG B 29 39.50 8.02 -12.74
CA ARG B 29 39.32 8.78 -11.51
C ARG B 29 37.87 9.21 -11.32
N VAL B 30 37.18 9.51 -12.43
CA VAL B 30 35.78 9.90 -12.36
C VAL B 30 34.98 8.70 -11.92
N LEU B 31 35.20 7.57 -12.59
CA LEU B 31 34.51 6.32 -12.30
C LEU B 31 34.86 5.76 -10.93
N ARG B 32 36.14 5.53 -10.68
CA ARG B 32 36.59 4.99 -9.39
C ARG B 32 36.34 6.04 -8.31
N ASN B 33 35.85 7.20 -8.72
CA ASN B 33 35.56 8.30 -7.79
C ASN B 33 36.73 8.47 -6.84
N ARG B 34 37.92 8.68 -7.41
CA ARG B 34 39.14 8.83 -6.63
C ARG B 34 39.78 10.21 -6.80
N GLY B 35 39.56 10.83 -7.95
CA GLY B 35 40.16 12.11 -8.22
C GLY B 35 39.57 13.34 -7.55
N ASP B 36 39.87 14.49 -8.14
CA ASP B 36 39.41 15.78 -7.67
C ASP B 36 38.89 16.49 -8.91
N VAL B 37 38.56 15.68 -9.92
CA VAL B 37 38.05 16.16 -11.20
C VAL B 37 36.82 17.06 -11.02
N SER B 38 36.79 18.15 -11.78
CA SER B 38 35.68 19.10 -11.72
C SER B 38 34.39 18.41 -12.13
N ASP B 39 33.25 18.98 -11.72
CA ASP B 39 31.97 18.39 -12.06
C ASP B 39 31.60 18.55 -13.53
N ALA B 40 32.28 19.45 -14.22
CA ALA B 40 32.03 19.67 -15.65
C ALA B 40 32.55 18.47 -16.44
N THR B 41 33.78 18.06 -16.14
CA THR B 41 34.38 16.92 -16.82
C THR B 41 33.90 15.61 -16.22
N ARG B 42 33.62 15.60 -14.92
CA ARG B 42 33.12 14.40 -14.28
C ARG B 42 31.78 14.08 -14.91
N ALA B 43 31.04 15.12 -15.28
CA ALA B 43 29.73 14.94 -15.90
C ALA B 43 29.88 14.54 -17.37
N ARG B 44 30.90 15.07 -18.03
CA ARG B 44 31.13 14.76 -19.43
C ARG B 44 31.51 13.29 -19.58
N VAL B 45 32.31 12.79 -18.66
CA VAL B 45 32.74 11.40 -18.66
C VAL B 45 31.57 10.47 -18.40
N LEU B 46 30.85 10.72 -17.31
CA LEU B 46 29.69 9.91 -16.94
C LEU B 46 28.64 9.92 -18.04
N ALA B 47 28.44 11.08 -18.66
CA ALA B 47 27.47 11.21 -19.73
C ALA B 47 27.90 10.35 -20.93
N ALA B 48 29.20 10.29 -21.16
CA ALA B 48 29.74 9.49 -22.28
C ALA B 48 29.63 7.99 -22.01
N ALA B 49 29.86 7.60 -20.76
CA ALA B 49 29.77 6.20 -20.39
C ALA B 49 28.36 5.66 -20.65
N LYS B 50 27.36 6.51 -20.37
CA LYS B 50 25.95 6.14 -20.56
C LYS B 50 25.51 6.02 -22.00
N GLU B 51 26.09 6.83 -22.88
CA GLU B 51 25.75 6.77 -24.30
C GLU B 51 26.32 5.47 -24.85
N LEU B 52 27.55 5.15 -24.41
CA LEU B 52 28.26 3.96 -24.86
C LEU B 52 27.67 2.69 -24.28
N GLY B 53 27.29 2.76 -23.01
CA GLY B 53 26.73 1.60 -22.35
C GLY B 53 27.81 0.96 -21.50
N TYR B 54 28.76 1.79 -21.08
CA TYR B 54 29.87 1.31 -20.27
C TYR B 54 29.56 1.24 -18.79
N VAL B 55 29.87 0.09 -18.20
CA VAL B 55 29.64 -0.15 -16.78
C VAL B 55 30.99 -0.42 -16.12
N PRO B 56 31.38 0.44 -15.17
CA PRO B 56 32.64 0.32 -14.44
C PRO B 56 32.74 -0.94 -13.59
N ASN B 57 33.87 -1.63 -13.71
CA ASN B 57 34.12 -2.84 -12.94
C ASN B 57 34.28 -2.39 -11.49
N LYS B 58 33.37 -2.80 -10.61
CA LYS B 58 33.44 -2.41 -9.21
C LYS B 58 33.92 -3.55 -8.33
N ILE B 59 34.56 -4.54 -8.95
CA ILE B 59 35.07 -5.70 -8.24
C ILE B 59 36.59 -5.74 -8.24
N ALA B 60 37.21 -4.70 -7.69
CA ALA B 60 38.67 -4.65 -7.63
C ALA B 60 39.16 -4.88 -6.20
N GLY B 61 38.25 -5.38 -5.35
CA GLY B 61 38.60 -5.64 -3.96
C GLY B 61 38.74 -7.09 -3.55
N ALA B 62 39.85 -7.40 -2.90
CA ALA B 62 40.15 -8.77 -2.46
C ALA B 62 39.72 -9.06 -1.02
N LEU B 63 39.34 -10.32 -0.78
CA LEU B 63 38.90 -10.82 0.52
C LEU B 63 38.31 -9.79 1.49
N ALA B 64 38.53 -10.02 2.77
CA ALA B 64 38.03 -9.16 3.84
C ALA B 64 38.54 -7.73 3.67
N SER B 65 37.65 -6.77 3.93
CA SER B 65 37.89 -5.33 3.83
C SER B 65 37.32 -4.78 2.52
N ASN B 66 37.55 -5.52 1.43
CA ASN B 66 37.06 -5.13 0.11
C ASN B 66 35.99 -6.11 -0.35
N ARG B 67 34.73 -5.69 -0.23
CA ARG B 67 33.60 -6.52 -0.60
C ARG B 67 32.77 -5.83 -1.66
N VAL B 68 32.00 -6.61 -2.41
CA VAL B 68 31.14 -6.04 -3.43
C VAL B 68 29.83 -5.59 -2.76
N ASN B 69 29.12 -4.66 -3.38
CA ASN B 69 27.88 -4.15 -2.79
C ASN B 69 26.69 -5.08 -3.02
N LEU B 70 26.91 -6.37 -2.87
CA LEU B 70 25.86 -7.37 -3.06
C LEU B 70 25.31 -7.90 -1.73
N VAL B 71 24.00 -8.06 -1.65
CA VAL B 71 23.39 -8.60 -0.46
C VAL B 71 22.79 -9.94 -0.89
N ALA B 72 23.38 -11.02 -0.39
CA ALA B 72 22.92 -12.36 -0.73
C ALA B 72 21.65 -12.67 0.03
N VAL B 73 20.57 -12.95 -0.69
CA VAL B 73 19.30 -13.31 -0.07
C VAL B 73 19.05 -14.75 -0.46
N ILE B 74 19.28 -15.65 0.49
CA ILE B 74 19.12 -17.08 0.25
C ILE B 74 17.87 -17.62 0.93
N ILE B 75 16.91 -18.07 0.11
CA ILE B 75 15.64 -18.58 0.58
C ILE B 75 15.33 -19.93 -0.09
N PRO B 76 14.36 -20.69 0.45
CA PRO B 76 14.00 -22.01 -0.11
C PRO B 76 13.07 -22.06 -1.31
N SER B 77 12.17 -21.09 -1.41
CA SER B 77 11.22 -21.10 -2.51
C SER B 77 10.68 -19.73 -2.81
N LEU B 78 10.19 -19.57 -4.03
CA LEU B 78 9.60 -18.32 -4.47
C LEU B 78 8.25 -18.73 -5.03
N SER B 79 7.95 -20.02 -4.88
CA SER B 79 6.71 -20.61 -5.38
C SER B 79 5.59 -20.77 -4.35
N ASN B 80 5.86 -20.46 -3.08
CA ASN B 80 4.80 -20.54 -2.08
C ASN B 80 3.96 -19.30 -2.30
N MSE B 81 4.21 -18.28 -1.48
CA MSE B 81 3.53 -16.99 -1.53
C MSE B 81 4.05 -16.24 -0.31
O MSE B 81 3.51 -15.20 0.08
CB MSE B 81 2.01 -17.15 -1.43
CG MSE B 81 1.27 -17.30 -2.77
SE MSE B 81 1.19 -15.69 -3.86
CE MSE B 81 -0.27 -14.78 -2.94
N VAL B 82 5.10 -16.80 0.28
CA VAL B 82 5.68 -16.22 1.47
C VAL B 82 6.86 -15.30 1.23
N PHE B 83 7.90 -15.82 0.59
CA PHE B 83 9.10 -15.05 0.35
C PHE B 83 9.10 -13.89 -0.65
N PRO B 84 8.19 -13.88 -1.62
CA PRO B 84 8.25 -12.73 -2.53
C PRO B 84 8.02 -11.43 -1.73
N GLU B 85 7.23 -11.57 -0.66
CA GLU B 85 6.87 -10.47 0.24
C GLU B 85 8.02 -10.06 1.15
N VAL B 86 8.78 -11.06 1.62
CA VAL B 86 9.93 -10.76 2.47
C VAL B 86 10.86 -9.90 1.62
N LEU B 87 11.08 -10.34 0.38
CA LEU B 87 11.96 -9.65 -0.57
C LEU B 87 11.55 -8.21 -0.82
N THR B 88 10.25 -7.95 -0.89
CA THR B 88 9.74 -6.60 -1.09
C THR B 88 10.23 -5.74 0.08
N GLY B 89 10.08 -6.26 1.30
CA GLY B 89 10.52 -5.53 2.48
C GLY B 89 12.02 -5.27 2.47
N ILE B 90 12.79 -6.27 2.02
CA ILE B 90 14.24 -6.11 1.95
C ILE B 90 14.54 -4.99 0.97
N ASN B 91 13.90 -5.06 -0.20
CA ASN B 91 14.11 -4.05 -1.23
C ASN B 91 13.77 -2.63 -0.80
N GLN B 92 12.63 -2.45 -0.13
CA GLN B 92 12.22 -1.12 0.33
C GLN B 92 13.28 -0.45 1.21
N VAL B 93 13.89 -1.21 2.12
CA VAL B 93 14.90 -0.63 2.98
C VAL B 93 16.23 -0.38 2.25
N LEU B 94 16.61 -1.29 1.37
CA LEU B 94 17.87 -1.15 0.65
C LEU B 94 17.78 -0.20 -0.55
N GLU B 95 16.56 0.24 -0.86
CA GLU B 95 16.31 1.19 -1.95
C GLU B 95 17.19 2.43 -1.78
N ASP B 96 17.30 2.90 -0.55
CA ASP B 96 18.09 4.08 -0.27
C ASP B 96 19.58 3.82 -0.43
N THR B 97 20.06 2.81 0.28
CA THR B 97 21.46 2.43 0.26
C THR B 97 22.06 2.17 -1.11
N GLU B 98 23.36 1.91 -1.12
CA GLU B 98 24.10 1.63 -2.35
C GLU B 98 24.20 0.11 -2.47
N LEU B 99 23.47 -0.60 -1.60
CA LEU B 99 23.45 -2.05 -1.58
C LEU B 99 22.44 -2.58 -2.58
N GLN B 100 22.72 -3.75 -3.15
CA GLN B 100 21.83 -4.37 -4.12
C GLN B 100 21.53 -5.83 -3.74
N PRO B 101 20.32 -6.11 -3.27
CA PRO B 101 19.98 -7.49 -2.91
C PRO B 101 19.80 -8.38 -4.13
N VAL B 102 20.22 -9.63 -3.98
CA VAL B 102 20.13 -10.61 -5.04
C VAL B 102 19.67 -11.92 -4.40
N VAL B 103 18.78 -12.63 -5.08
CA VAL B 103 18.20 -13.86 -4.51
C VAL B 103 18.66 -15.20 -5.10
N GLY B 104 18.82 -16.17 -4.21
CA GLY B 104 19.22 -17.51 -4.58
C GLY B 104 18.23 -18.47 -3.94
N VAL B 105 17.66 -19.35 -4.76
CA VAL B 105 16.68 -20.35 -4.31
C VAL B 105 17.39 -21.66 -3.91
N THR B 106 16.97 -22.26 -2.81
CA THR B 106 17.59 -23.50 -2.35
C THR B 106 16.70 -24.75 -2.37
N ASP B 107 15.42 -24.58 -2.70
CA ASP B 107 14.48 -25.70 -2.76
C ASP B 107 14.34 -26.48 -1.45
N TYR B 108 14.74 -25.85 -0.34
CA TYR B 108 14.66 -26.48 0.98
C TYR B 108 15.74 -27.53 1.24
N LEU B 109 16.62 -27.76 0.26
CA LEU B 109 17.67 -28.77 0.39
C LEU B 109 18.96 -28.23 1.03
N PRO B 110 19.38 -28.83 2.15
CA PRO B 110 20.59 -28.45 2.88
C PRO B 110 21.82 -28.45 1.97
N GLU B 111 21.99 -29.55 1.27
CA GLU B 111 23.11 -29.71 0.35
C GLU B 111 23.16 -28.55 -0.65
N LYS B 112 22.00 -28.14 -1.15
CA LYS B 112 21.93 -27.07 -2.11
C LYS B 112 22.13 -25.69 -1.48
N GLU B 113 21.65 -25.51 -0.25
CA GLU B 113 21.82 -24.24 0.44
C GLU B 113 23.31 -23.99 0.57
N GLU B 114 24.04 -25.06 0.85
CA GLU B 114 25.50 -24.99 1.00
C GLU B 114 26.18 -24.59 -0.30
N LYS B 115 25.74 -25.16 -1.42
CA LYS B 115 26.35 -24.84 -2.71
C LYS B 115 26.11 -23.39 -3.10
N VAL B 116 24.87 -22.93 -2.94
CA VAL B 116 24.49 -21.55 -3.25
C VAL B 116 25.22 -20.58 -2.34
N LEU B 117 25.23 -20.89 -1.05
CA LEU B 117 25.90 -20.04 -0.08
C LEU B 117 27.39 -19.94 -0.37
N TYR B 118 28.00 -21.05 -0.77
CA TYR B 118 29.43 -21.06 -1.09
C TYR B 118 29.73 -20.14 -2.27
N GLU B 119 29.01 -20.35 -3.36
CA GLU B 119 29.20 -19.55 -4.56
C GLU B 119 29.09 -18.07 -4.28
N MSE B 120 28.00 -17.68 -3.62
CA MSE B 120 27.79 -16.28 -3.32
C MSE B 120 28.83 -15.74 -2.37
O MSE B 120 29.26 -14.60 -2.53
CB MSE B 120 26.39 -16.08 -2.78
CG MSE B 120 25.34 -16.38 -3.82
SE MSE B 120 23.58 -15.81 -3.36
CE MSE B 120 23.79 -13.93 -3.82
N LEU B 121 29.23 -16.54 -1.39
CA LEU B 121 30.25 -16.09 -0.46
C LEU B 121 31.60 -15.92 -1.15
N SER B 122 31.78 -16.54 -2.32
CA SER B 122 33.05 -16.40 -3.02
C SER B 122 33.08 -15.09 -3.80
N TRP B 123 31.94 -14.44 -3.90
CA TRP B 123 31.88 -13.16 -4.61
C TRP B 123 32.10 -12.04 -3.59
N ARG B 124 32.35 -12.44 -2.35
CA ARG B 124 32.58 -11.51 -1.25
C ARG B 124 31.50 -10.45 -1.12
N PRO B 125 30.27 -10.88 -0.77
CA PRO B 125 29.14 -9.96 -0.60
C PRO B 125 29.28 -9.07 0.64
N SER B 126 28.41 -8.08 0.77
CA SER B 126 28.46 -7.17 1.91
C SER B 126 27.55 -7.61 3.06
N GLY B 127 26.69 -8.58 2.78
CA GLY B 127 25.80 -9.05 3.82
C GLY B 127 25.09 -10.27 3.31
N VAL B 128 24.50 -11.03 4.24
CA VAL B 128 23.76 -12.23 3.89
C VAL B 128 22.47 -12.31 4.68
N ILE B 129 21.39 -12.67 3.98
CA ILE B 129 20.09 -12.86 4.60
C ILE B 129 19.73 -14.27 4.17
N ILE B 130 19.63 -15.18 5.14
CA ILE B 130 19.32 -16.57 4.85
C ILE B 130 18.19 -17.11 5.73
N ALA B 131 17.25 -17.79 5.10
CA ALA B 131 16.08 -18.34 5.79
C ALA B 131 16.31 -19.53 6.70
N GLY B 132 15.86 -19.42 7.95
CA GLY B 132 15.98 -20.53 8.89
C GLY B 132 17.18 -20.64 9.80
N LEU B 133 17.14 -21.64 10.67
CA LEU B 133 18.20 -21.88 11.63
C LEU B 133 18.88 -23.24 11.47
N GLU B 134 18.40 -24.06 10.54
CA GLU B 134 19.01 -25.36 10.31
C GLU B 134 19.88 -25.33 9.06
N HIS B 135 21.18 -25.54 9.24
CA HIS B 135 22.12 -25.53 8.12
C HIS B 135 23.09 -26.69 8.26
N SER B 136 23.65 -27.15 7.14
CA SER B 136 24.63 -28.23 7.18
C SER B 136 25.82 -27.77 8.02
N GLU B 137 26.72 -28.69 8.30
CA GLU B 137 27.90 -28.36 9.11
C GLU B 137 28.72 -27.22 8.52
N ALA B 138 29.15 -27.41 7.28
CA ALA B 138 29.96 -26.41 6.58
C ALA B 138 29.22 -25.10 6.33
N ALA B 139 27.96 -25.20 5.90
CA ALA B 139 27.17 -24.00 5.62
C ALA B 139 27.15 -23.13 6.87
N ARG B 140 26.96 -23.75 8.03
CA ARG B 140 26.94 -23.01 9.27
C ARG B 140 28.30 -22.40 9.56
N ALA B 141 29.37 -23.13 9.22
CA ALA B 141 30.71 -22.64 9.45
C ALA B 141 31.02 -21.44 8.56
N MSE B 142 30.61 -21.51 7.30
CA MSE B 142 30.84 -20.41 6.36
C MSE B 142 30.17 -19.15 6.91
O MSE B 142 30.78 -18.07 6.96
CB MSE B 142 30.23 -20.72 4.99
CG MSE B 142 30.78 -21.96 4.33
SE MSE B 142 29.99 -22.21 2.57
CE MSE B 142 28.83 -23.69 2.90
N LEU B 143 28.92 -19.28 7.32
CA LEU B 143 28.17 -18.16 7.87
C LEU B 143 28.89 -17.52 9.05
N ASP B 144 29.61 -18.32 9.82
CA ASP B 144 30.31 -17.75 10.96
C ASP B 144 31.73 -17.28 10.65
N ALA B 145 32.29 -17.75 9.54
CA ALA B 145 33.64 -17.36 9.14
C ALA B 145 33.55 -16.06 8.32
N ALA B 146 32.38 -15.80 7.75
CA ALA B 146 32.15 -14.60 6.96
C ALA B 146 32.39 -13.39 7.87
N GLY B 147 33.02 -12.36 7.34
CA GLY B 147 33.28 -11.18 8.15
C GLY B 147 32.21 -10.13 7.93
N ILE B 148 31.03 -10.59 7.52
CA ILE B 148 29.93 -9.70 7.21
C ILE B 148 28.66 -9.93 8.03
N PRO B 149 27.76 -8.95 8.03
CA PRO B 149 26.51 -9.10 8.78
C PRO B 149 25.69 -10.23 8.18
N VAL B 150 25.32 -11.18 9.02
CA VAL B 150 24.54 -12.33 8.60
C VAL B 150 23.24 -12.38 9.39
N VAL B 151 22.11 -12.39 8.67
CA VAL B 151 20.82 -12.44 9.33
C VAL B 151 20.06 -13.70 8.93
N GLU B 152 19.64 -14.46 9.93
CA GLU B 152 18.85 -15.66 9.66
C GLU B 152 17.42 -15.20 9.90
N ILE B 153 16.56 -15.41 8.91
CA ILE B 153 15.18 -14.96 8.96
C ILE B 153 14.08 -16.02 9.05
N MSE B 154 12.90 -15.57 9.50
CA MSE B 154 11.67 -16.36 9.64
C MSE B 154 11.49 -17.11 10.95
O MSE B 154 10.44 -17.00 11.60
CB MSE B 154 11.51 -17.35 8.48
CG MSE B 154 11.67 -16.76 7.08
SE MSE B 154 10.68 -15.11 6.76
CE MSE B 154 8.96 -15.85 6.30
N ASP B 155 12.50 -17.88 11.34
CA ASP B 155 12.45 -18.71 12.54
C ASP B 155 13.28 -18.15 13.69
N SER B 156 12.66 -18.01 14.86
CA SER B 156 13.36 -17.47 16.00
C SER B 156 13.59 -18.54 17.06
N ASP B 157 13.17 -19.77 16.76
CA ASP B 157 13.33 -20.87 17.71
C ASP B 157 14.79 -21.13 18.10
N GLY B 158 15.51 -21.98 17.36
CA GLY B 158 16.91 -22.27 17.70
C GLY B 158 17.89 -21.15 18.09
N LYS B 159 19.17 -21.40 17.86
CA LYS B 159 20.24 -20.43 18.17
C LYS B 159 20.86 -19.91 16.87
N PRO B 160 20.99 -18.59 16.75
CA PRO B 160 21.58 -17.98 15.55
C PRO B 160 23.10 -17.90 15.52
N VAL B 161 23.64 -17.73 14.31
CA VAL B 161 25.07 -17.60 14.12
C VAL B 161 25.44 -16.16 14.45
N ASP B 162 24.65 -15.22 13.92
CA ASP B 162 24.88 -13.79 14.13
C ASP B 162 23.55 -13.07 14.38
N ALA B 163 22.98 -12.45 13.35
CA ALA B 163 21.71 -11.74 13.51
C ALA B 163 20.52 -12.68 13.30
N MSE B 164 19.35 -12.23 13.73
CA MSE B 164 18.15 -13.05 13.59
C MSE B 164 16.88 -12.22 13.67
O MSE B 164 16.75 -11.32 14.49
CB MSE B 164 18.14 -14.11 14.69
CG MSE B 164 16.91 -15.01 14.71
SE MSE B 164 16.84 -16.12 16.32
CE MSE B 164 15.78 -14.92 17.41
N VAL B 165 15.93 -12.53 12.79
CA VAL B 165 14.64 -11.87 12.77
C VAL B 165 13.64 -12.93 12.40
N GLY B 166 12.67 -13.18 13.26
CA GLY B 166 11.66 -14.18 12.99
C GLY B 166 10.67 -14.35 14.13
N ILE B 167 9.85 -15.40 14.03
CA ILE B 167 8.85 -15.72 15.05
C ILE B 167 9.09 -17.18 15.50
N SER B 168 8.54 -17.54 16.65
CA SER B 168 8.66 -18.90 17.16
C SER B 168 7.55 -19.73 16.54
N HIS B 169 7.91 -20.69 15.71
CA HIS B 169 6.90 -21.51 15.07
C HIS B 169 6.27 -22.49 16.05
N ARG B 170 6.99 -22.80 17.13
CA ARG B 170 6.46 -23.69 18.16
C ARG B 170 5.31 -22.94 18.83
N ARG B 171 5.52 -21.67 19.15
CA ARG B 171 4.46 -20.87 19.77
C ARG B 171 3.24 -20.85 18.88
N ALA B 172 3.47 -20.61 17.59
CA ALA B 172 2.41 -20.54 16.60
C ALA B 172 1.45 -21.73 16.68
N GLY B 173 2.01 -22.94 16.63
CA GLY B 173 1.20 -24.13 16.71
C GLY B 173 0.50 -24.21 18.05
N ARG B 174 1.22 -23.87 19.11
CA ARG B 174 0.65 -23.91 20.45
C ARG B 174 -0.52 -22.95 20.60
N GLU B 175 -0.41 -21.75 20.03
CA GLU B 175 -1.48 -20.76 20.12
C GLU B 175 -2.72 -21.17 19.31
N MSE B 176 -2.49 -21.73 18.12
CA MSE B 176 -3.59 -22.16 17.27
C MSE B 176 -4.31 -23.34 17.93
O MSE B 176 -5.50 -23.55 17.72
CB MSE B 176 -3.07 -22.54 15.88
CG MSE B 176 -4.16 -22.88 14.86
SE MSE B 176 -5.52 -21.49 14.62
CE MSE B 176 -4.54 -20.21 13.54
N ALA B 177 -3.59 -24.09 18.74
CA ALA B 177 -4.19 -25.23 19.44
C ALA B 177 -5.08 -24.70 20.57
N GLN B 178 -4.58 -23.68 21.28
CA GLN B 178 -5.30 -23.07 22.39
C GLN B 178 -6.64 -22.52 21.92
N ALA B 179 -6.62 -21.79 20.81
CA ALA B 179 -7.85 -21.21 20.28
C ALA B 179 -8.81 -22.29 19.77
N ILE B 180 -8.26 -23.37 19.20
CA ILE B 180 -9.08 -24.45 18.68
C ILE B 180 -9.82 -25.20 19.79
N LEU B 181 -9.07 -25.71 20.75
CA LEU B 181 -9.66 -26.45 21.86
C LEU B 181 -10.72 -25.59 22.55
N LYS B 182 -10.37 -24.33 22.81
CA LYS B 182 -11.29 -23.41 23.47
C LYS B 182 -12.64 -23.30 22.77
N ALA B 183 -12.63 -23.24 21.45
CA ALA B 183 -13.87 -23.11 20.67
C ALA B 183 -14.73 -24.38 20.63
N GLY B 184 -14.29 -25.42 21.32
CA GLY B 184 -15.06 -26.65 21.36
C GLY B 184 -14.63 -27.81 20.49
N TYR B 185 -13.87 -27.52 19.44
CA TYR B 185 -13.43 -28.56 18.53
C TYR B 185 -12.71 -29.73 19.21
N ARG B 186 -12.98 -30.92 18.71
CA ARG B 186 -12.37 -32.16 19.19
C ARG B 186 -12.28 -32.98 17.91
N ARG B 187 -11.32 -33.90 17.82
CA ARG B 187 -11.19 -34.71 16.58
C ARG B 187 -10.66 -33.80 15.47
N ILE B 188 -9.42 -33.35 15.64
CA ILE B 188 -8.81 -32.46 14.68
C ILE B 188 -8.11 -33.19 13.54
N GLY B 189 -8.06 -32.56 12.38
CA GLY B 189 -7.38 -33.13 11.24
C GLY B 189 -6.23 -32.22 10.85
N PHE B 190 -5.08 -32.78 10.48
CA PHE B 190 -3.95 -31.93 10.10
C PHE B 190 -3.37 -32.28 8.74
N MSE B 191 -3.19 -31.24 7.93
CA MSE B 191 -2.63 -31.41 6.60
C MSE B 191 -1.45 -30.48 6.46
O MSE B 191 -1.52 -29.29 6.78
CB MSE B 191 -3.70 -31.13 5.55
CG MSE B 191 -4.80 -32.16 5.57
SE MSE B 191 -6.35 -31.75 4.51
CE MSE B 191 -7.44 -30.89 5.88
N GLY B 192 -0.34 -31.04 6.00
CA GLY B 192 0.86 -30.26 5.84
C GLY B 192 1.52 -30.52 4.52
N THR B 193 2.36 -29.59 4.08
CA THR B 193 3.04 -29.71 2.82
C THR B 193 4.52 -29.38 2.96
N LYS B 194 5.34 -30.01 2.13
CA LYS B 194 6.78 -29.82 2.11
C LYS B 194 7.48 -30.23 3.39
N MSE B 195 7.00 -31.31 4.01
CA MSE B 195 7.59 -31.84 5.22
C MSE B 195 8.16 -33.22 4.90
O MSE B 195 7.58 -33.95 4.08
CB MSE B 195 6.54 -31.91 6.32
CG MSE B 195 6.06 -30.53 6.73
SE MSE B 195 4.31 -30.47 7.53
CE MSE B 195 4.81 -30.73 9.38
N PRO B 196 9.27 -33.62 5.54
CA PRO B 196 10.11 -32.98 6.56
C PRO B 196 11.18 -31.97 6.12
N LEU B 197 11.05 -31.42 4.92
CA LEU B 197 12.04 -30.45 4.45
C LEU B 197 11.91 -29.08 5.13
N ASP B 198 10.66 -28.67 5.39
CA ASP B 198 10.39 -27.39 6.03
C ASP B 198 10.42 -27.56 7.54
N TYR B 199 11.54 -27.21 8.16
CA TYR B 199 11.66 -27.33 9.61
C TYR B 199 10.67 -26.47 10.38
N ARG B 200 10.39 -25.28 9.85
CA ARG B 200 9.47 -24.37 10.52
C ARG B 200 8.03 -24.90 10.57
N ALA B 201 7.59 -25.55 9.50
CA ALA B 201 6.23 -26.11 9.47
C ALA B 201 6.17 -27.24 10.51
N ARG B 202 7.25 -28.02 10.60
CA ARG B 202 7.34 -29.12 11.56
C ARG B 202 7.30 -28.58 12.99
N LYS B 203 7.95 -27.45 13.21
CA LYS B 203 7.93 -26.84 14.53
C LYS B 203 6.52 -26.41 14.89
N ARG B 204 5.76 -25.93 13.90
CA ARG B 204 4.38 -25.49 14.14
C ARG B 204 3.51 -26.69 14.51
N PHE B 205 3.71 -27.80 13.80
CA PHE B 205 2.96 -29.04 14.03
C PHE B 205 3.22 -29.54 15.46
N GLU B 206 4.45 -29.34 15.93
CA GLU B 206 4.86 -29.75 17.27
C GLU B 206 4.17 -29.00 18.41
N GLY B 207 4.18 -27.68 18.34
CA GLY B 207 3.55 -26.88 19.38
C GLY B 207 2.05 -27.09 19.35
N PHE B 208 1.54 -27.44 18.16
CA PHE B 208 0.13 -27.70 17.97
C PHE B 208 -0.23 -28.99 18.67
N THR B 209 0.59 -30.02 18.44
CA THR B 209 0.40 -31.32 19.05
C THR B 209 0.39 -31.18 20.56
N GLU B 210 1.47 -30.62 21.11
CA GLU B 210 1.60 -30.45 22.55
C GLU B 210 0.34 -29.95 23.25
N VAL B 211 -0.06 -28.70 23.00
CA VAL B 211 -1.25 -28.18 23.65
C VAL B 211 -2.39 -29.20 23.57
N LEU B 212 -2.49 -29.91 22.45
CA LEU B 212 -3.55 -30.90 22.29
C LEU B 212 -3.33 -32.16 23.13
N GLY B 213 -2.09 -32.62 23.21
CA GLY B 213 -1.78 -33.80 23.99
C GLY B 213 -1.88 -33.57 25.49
N LYS B 214 -1.65 -32.33 25.91
CA LYS B 214 -1.71 -31.98 27.32
C LYS B 214 -3.16 -31.74 27.74
N ASN B 215 -4.04 -31.66 26.75
CA ASN B 215 -5.46 -31.44 27.03
C ASN B 215 -6.20 -32.74 26.73
N GLY B 216 -5.43 -33.82 26.60
CA GLY B 216 -5.99 -35.12 26.34
C GLY B 216 -6.68 -35.28 24.99
N VAL B 217 -6.22 -34.52 23.99
CA VAL B 217 -6.79 -34.57 22.67
C VAL B 217 -5.73 -34.98 21.65
N GLU B 218 -6.16 -35.60 20.56
CA GLU B 218 -5.23 -36.02 19.52
C GLU B 218 -5.83 -35.88 18.13
N ILE B 219 -4.95 -35.86 17.14
CA ILE B 219 -5.35 -35.72 15.73
C ILE B 219 -6.02 -37.00 15.25
N GLU B 220 -7.30 -36.90 14.90
CA GLU B 220 -8.01 -38.06 14.40
C GLU B 220 -7.39 -38.51 13.08
N ASP B 221 -7.25 -37.58 12.13
CA ASP B 221 -6.66 -37.89 10.83
C ASP B 221 -5.53 -36.92 10.52
N ARG B 222 -4.43 -37.45 10.00
CA ARG B 222 -3.26 -36.64 9.69
C ARG B 222 -2.52 -37.10 8.45
N GLU B 223 -2.20 -36.14 7.58
CA GLU B 223 -1.47 -36.44 6.35
C GLU B 223 -0.42 -35.39 6.03
N PHE B 224 0.82 -35.83 5.92
CA PHE B 224 1.95 -34.97 5.60
C PHE B 224 2.22 -35.14 4.11
N TYR B 225 2.73 -34.10 3.47
CA TYR B 225 3.03 -34.16 2.06
C TYR B 225 4.46 -33.66 1.84
N SER B 226 5.21 -34.40 1.04
CA SER B 226 6.60 -34.07 0.74
C SER B 226 6.77 -32.98 -0.30
N GLY B 227 5.79 -32.83 -1.19
CA GLY B 227 5.87 -31.84 -2.25
C GLY B 227 5.54 -30.40 -1.87
N GLY B 228 5.36 -29.56 -2.90
CA GLY B 228 5.06 -28.15 -2.67
C GLY B 228 3.62 -27.77 -2.41
N SER B 229 3.42 -26.59 -1.83
CA SER B 229 2.09 -26.09 -1.54
C SER B 229 1.37 -25.86 -2.87
N ALA B 230 0.07 -26.07 -2.88
CA ALA B 230 -0.71 -25.86 -4.07
C ALA B 230 -2.18 -25.84 -3.68
N LEU B 231 -2.91 -24.91 -4.29
CA LEU B 231 -4.32 -24.78 -4.03
C LEU B 231 -5.02 -26.10 -4.36
N ALA B 232 -4.58 -26.73 -5.43
CA ALA B 232 -5.16 -28.00 -5.87
C ALA B 232 -4.81 -29.12 -4.90
N LYS B 233 -3.59 -29.10 -4.41
CA LYS B 233 -3.15 -30.13 -3.47
C LYS B 233 -3.96 -30.05 -2.18
N GLY B 234 -4.24 -28.84 -1.72
CA GLY B 234 -5.04 -28.69 -0.51
C GLY B 234 -6.41 -29.27 -0.75
N ARG B 235 -6.92 -29.07 -1.97
CA ARG B 235 -8.23 -29.56 -2.36
C ARG B 235 -8.27 -31.09 -2.35
N GLU B 236 -7.34 -31.73 -3.04
CA GLU B 236 -7.32 -33.19 -3.08
C GLU B 236 -7.22 -33.75 -1.67
N MSE B 237 -6.21 -33.29 -0.92
CA MSE B 237 -5.98 -33.75 0.45
C MSE B 237 -7.22 -33.69 1.32
O MSE B 237 -7.56 -34.67 1.98
CB MSE B 237 -4.87 -32.93 1.11
CG MSE B 237 -3.48 -33.19 0.56
SE MSE B 237 -2.10 -32.24 1.57
CE MSE B 237 -1.66 -33.65 2.83
N THR B 238 -7.88 -32.55 1.34
CA THR B 238 -9.08 -32.39 2.16
C THR B 238 -10.16 -33.39 1.78
N GLN B 239 -10.36 -33.60 0.49
CA GLN B 239 -11.38 -34.52 0.02
C GLN B 239 -11.08 -35.97 0.39
N ALA B 240 -9.81 -36.32 0.41
CA ALA B 240 -9.42 -37.68 0.75
C ALA B 240 -9.51 -37.90 2.26
N MSE B 241 -9.65 -36.82 3.01
CA MSE B 241 -9.72 -36.92 4.46
C MSE B 241 -11.14 -36.93 5.02
O MSE B 241 -11.41 -37.58 6.02
CB MSE B 241 -8.92 -35.78 5.11
CG MSE B 241 -8.81 -35.88 6.61
SE MSE B 241 -7.65 -34.52 7.33
CE MSE B 241 -5.96 -35.39 6.99
N LEU B 242 -12.05 -36.20 4.38
CA LEU B 242 -13.43 -36.19 4.84
C LEU B 242 -14.11 -37.45 4.32
N GLU B 243 -13.44 -38.12 3.40
CA GLU B 243 -13.95 -39.36 2.82
C GLU B 243 -13.44 -40.50 3.70
N ARG B 244 -12.28 -40.27 4.31
CA ARG B 244 -11.64 -41.24 5.18
C ARG B 244 -12.15 -41.10 6.63
N SER B 245 -12.33 -39.86 7.08
CA SER B 245 -12.81 -39.59 8.43
C SER B 245 -13.81 -38.44 8.37
N PRO B 246 -15.01 -38.71 7.84
CA PRO B 246 -16.11 -37.75 7.68
C PRO B 246 -16.69 -37.10 8.93
N ASP B 247 -16.15 -37.44 10.10
CA ASP B 247 -16.67 -36.89 11.34
C ASP B 247 -15.86 -35.75 11.96
N LEU B 248 -14.76 -35.38 11.30
CA LEU B 248 -13.90 -34.30 11.79
C LEU B 248 -14.69 -33.00 11.97
N ASP B 249 -14.21 -32.12 12.85
CA ASP B 249 -14.89 -30.86 13.06
C ASP B 249 -13.96 -29.67 12.86
N PHE B 250 -12.68 -29.97 12.63
CA PHE B 250 -11.69 -28.91 12.38
C PHE B 250 -10.52 -29.43 11.56
N LEU B 251 -10.09 -28.62 10.60
CA LEU B 251 -8.97 -28.96 9.75
C LEU B 251 -7.91 -27.88 9.87
N TYR B 252 -6.72 -28.25 10.34
CA TYR B 252 -5.64 -27.29 10.48
C TYR B 252 -4.63 -27.55 9.37
N TYR B 253 -4.30 -26.51 8.62
CA TYR B 253 -3.38 -26.60 7.49
C TYR B 253 -2.00 -25.99 7.75
N SER B 254 -0.99 -26.59 7.17
CA SER B 254 0.40 -26.13 7.32
C SER B 254 0.63 -24.69 6.82
N ASN B 255 -0.11 -24.29 5.79
CA ASN B 255 -0.03 -22.96 5.21
C ASN B 255 -1.40 -22.59 4.62
N ASP B 256 -1.58 -21.32 4.26
CA ASP B 256 -2.84 -20.85 3.71
C ASP B 256 -3.14 -21.36 2.30
N MSE B 257 -2.11 -21.54 1.51
CA MSE B 257 -2.29 -22.00 0.15
C MSE B 257 -3.14 -23.26 0.10
O MSE B 257 -4.17 -23.30 -0.56
CB MSE B 257 -0.93 -22.24 -0.50
CG MSE B 257 -0.92 -22.10 -2.02
SE MSE B 257 -1.65 -20.40 -2.66
CE MSE B 257 -0.84 -19.20 -1.39
N ILE B 258 -2.74 -24.31 0.82
CA ILE B 258 -3.50 -25.55 0.81
C ILE B 258 -4.82 -25.38 1.54
N ALA B 259 -4.83 -24.53 2.56
CA ALA B 259 -6.04 -24.28 3.31
C ALA B 259 -7.10 -23.69 2.36
N ALA B 260 -6.71 -22.71 1.56
CA ALA B 260 -7.63 -22.08 0.63
C ALA B 260 -8.26 -23.11 -0.32
N GLY B 261 -7.47 -24.10 -0.69
CA GLY B 261 -7.97 -25.15 -1.58
C GLY B 261 -9.02 -25.95 -0.83
N GLY B 262 -8.68 -26.35 0.39
CA GLY B 262 -9.63 -27.09 1.19
C GLY B 262 -10.88 -26.26 1.38
N LEU B 263 -10.72 -24.98 1.73
CA LEU B 263 -11.86 -24.10 1.94
C LEU B 263 -12.83 -24.10 0.78
N LEU B 264 -12.34 -23.77 -0.42
CA LEU B 264 -13.19 -23.75 -1.60
C LEU B 264 -13.92 -25.06 -1.79
N TYR B 265 -13.22 -26.17 -1.56
CA TYR B 265 -13.82 -27.49 -1.72
C TYR B 265 -15.04 -27.65 -0.81
N LEU B 266 -14.87 -27.38 0.48
CA LEU B 266 -15.93 -27.50 1.46
C LEU B 266 -17.14 -26.64 1.11
N LEU B 267 -16.91 -25.38 0.75
CA LEU B 267 -18.01 -24.50 0.40
C LEU B 267 -18.69 -24.99 -0.88
N GLU B 268 -17.95 -25.76 -1.66
CA GLU B 268 -18.48 -26.32 -2.90
C GLU B 268 -19.40 -27.49 -2.54
N GLN B 269 -19.01 -28.19 -1.47
CA GLN B 269 -19.78 -29.33 -0.99
C GLN B 269 -20.93 -28.86 -0.13
N GLY B 270 -21.20 -27.55 -0.18
CA GLY B 270 -22.28 -26.97 0.57
C GLY B 270 -22.28 -27.16 2.08
N ILE B 271 -21.11 -27.33 2.68
CA ILE B 271 -21.06 -27.51 4.12
C ILE B 271 -20.86 -26.16 4.80
N ASP B 272 -21.24 -26.05 6.07
CA ASP B 272 -21.11 -24.78 6.78
C ASP B 272 -19.84 -24.68 7.61
N ILE B 273 -19.23 -23.50 7.53
CA ILE B 273 -17.99 -23.19 8.25
C ILE B 273 -18.27 -21.95 9.10
N PRO B 274 -18.01 -22.00 10.41
CA PRO B 274 -17.49 -23.11 11.22
C PRO B 274 -18.62 -23.96 11.78
N GLY B 275 -19.79 -23.89 11.14
CA GLY B 275 -20.94 -24.65 11.59
C GLY B 275 -20.67 -26.13 11.77
N GLN B 276 -20.46 -26.85 10.67
CA GLN B 276 -20.19 -28.28 10.76
C GLN B 276 -18.71 -28.48 11.03
N ILE B 277 -17.88 -27.66 10.38
CA ILE B 277 -16.44 -27.75 10.55
C ILE B 277 -15.69 -26.45 10.29
N GLY B 278 -14.76 -26.13 11.19
CA GLY B 278 -13.96 -24.94 11.05
C GLY B 278 -12.60 -25.29 10.48
N LEU B 279 -11.83 -24.28 10.10
CA LEU B 279 -10.50 -24.52 9.54
C LEU B 279 -9.59 -23.32 9.64
N ALA B 280 -8.29 -23.58 9.65
CA ALA B 280 -7.31 -22.53 9.75
C ALA B 280 -6.01 -22.90 9.07
N GLY B 281 -5.17 -21.89 8.87
CA GLY B 281 -3.89 -22.11 8.24
C GLY B 281 -2.82 -21.25 8.89
N PHE B 282 -1.84 -20.89 8.10
CA PHE B 282 -0.74 -20.09 8.59
C PHE B 282 -0.14 -19.29 7.41
N ASN B 283 0.38 -18.11 7.74
CA ASN B 283 1.02 -17.14 6.84
C ASN B 283 0.26 -15.85 6.64
N ASN B 284 -1.06 -15.96 6.47
CA ASN B 284 -1.90 -14.80 6.20
C ASN B 284 -1.47 -14.11 4.91
N VAL B 285 -1.55 -14.85 3.80
CA VAL B 285 -1.16 -14.29 2.51
C VAL B 285 -2.27 -13.44 1.92
N GLU B 286 -1.88 -12.48 1.08
CA GLU B 286 -2.84 -11.60 0.46
C GLU B 286 -3.94 -12.38 -0.25
N LEU B 287 -3.61 -13.52 -0.80
CA LEU B 287 -4.58 -14.33 -1.52
C LEU B 287 -5.85 -14.54 -0.69
N LEU B 288 -5.68 -14.77 0.60
CA LEU B 288 -6.81 -14.97 1.51
C LEU B 288 -7.85 -13.84 1.39
N GLN B 289 -7.36 -12.63 1.11
CA GLN B 289 -8.22 -11.46 1.00
C GLN B 289 -9.22 -11.56 -0.15
N GLY B 290 -8.93 -12.42 -1.11
CA GLY B 290 -9.81 -12.57 -2.26
C GLY B 290 -10.75 -13.76 -2.22
N LEU B 291 -10.76 -14.49 -1.12
CA LEU B 291 -11.63 -15.66 -1.00
C LEU B 291 -13.04 -15.32 -0.49
N PRO B 292 -14.02 -16.18 -0.80
CA PRO B 292 -15.41 -15.99 -0.38
C PRO B 292 -15.65 -15.88 1.12
N ARG B 293 -14.79 -16.53 1.90
CA ARG B 293 -14.88 -16.48 3.34
C ARG B 293 -13.49 -16.09 3.87
N LYS B 294 -13.41 -15.63 5.11
CA LYS B 294 -12.12 -15.21 5.68
C LYS B 294 -11.52 -16.31 6.53
N LEU B 295 -10.51 -16.98 5.97
CA LEU B 295 -9.84 -18.08 6.65
C LEU B 295 -9.03 -17.66 7.86
N ALA B 296 -9.25 -18.35 8.99
CA ALA B 296 -8.50 -18.07 10.20
C ALA B 296 -7.05 -18.46 9.92
N THR B 297 -6.11 -17.64 10.38
CA THR B 297 -4.70 -17.92 10.16
C THR B 297 -3.86 -17.04 11.07
N MSE B 298 -2.55 -17.04 10.85
CA MSE B 298 -1.67 -16.20 11.66
C MSE B 298 -0.61 -15.60 10.75
O MSE B 298 0.05 -16.30 10.00
CB MSE B 298 -1.01 -16.98 12.78
CG MSE B 298 -0.10 -16.11 13.65
SE MSE B 298 0.72 -16.99 15.14
CE MSE B 298 2.32 -17.64 14.30
N ASP B 299 -0.45 -14.29 10.86
CA ASP B 299 0.54 -13.57 10.07
C ASP B 299 1.95 -14.12 10.33
N ALA B 300 2.74 -14.25 9.28
CA ALA B 300 4.11 -14.75 9.41
C ALA B 300 5.08 -13.58 9.49
N CYS B 301 4.52 -12.36 9.42
CA CYS B 301 5.30 -11.12 9.49
C CYS B 301 6.35 -11.02 8.38
N ARG B 302 5.98 -11.51 7.21
CA ARG B 302 6.86 -11.53 6.04
C ARG B 302 7.49 -10.18 5.68
N LEU B 303 6.66 -9.17 5.49
CA LEU B 303 7.14 -7.84 5.13
C LEU B 303 8.04 -7.26 6.21
N GLU B 304 7.58 -7.28 7.45
CA GLU B 304 8.35 -6.73 8.55
C GLU B 304 9.69 -7.44 8.74
N ILE B 305 9.71 -8.76 8.62
CA ILE B 305 10.96 -9.51 8.80
C ILE B 305 12.02 -9.11 7.77
N GLY B 306 11.60 -8.97 6.52
CA GLY B 306 12.52 -8.58 5.47
C GLY B 306 13.04 -7.16 5.63
N ARG B 307 12.17 -6.23 6.02
CA ARG B 307 12.61 -4.84 6.22
C ARG B 307 13.61 -4.79 7.35
N LYS B 308 13.29 -5.48 8.44
CA LYS B 308 14.16 -5.50 9.62
C LYS B 308 15.52 -6.19 9.41
N ALA B 309 15.55 -7.22 8.58
CA ALA B 309 16.81 -7.94 8.31
C ALA B 309 17.69 -6.99 7.51
N ALA B 310 17.09 -6.33 6.52
CA ALA B 310 17.79 -5.37 5.67
C ALA B 310 18.37 -4.24 6.52
N GLU B 311 17.51 -3.73 7.40
CA GLU B 311 17.87 -2.63 8.30
C GLU B 311 19.09 -3.02 9.15
N ILE B 312 19.09 -4.26 9.65
CA ILE B 312 20.21 -4.74 10.45
C ILE B 312 21.49 -4.74 9.60
N ILE B 313 21.42 -5.33 8.41
CA ILE B 313 22.57 -5.36 7.52
C ILE B 313 23.03 -3.95 7.15
N ALA B 314 22.07 -3.06 6.89
CA ALA B 314 22.40 -1.70 6.52
C ALA B 314 23.08 -0.91 7.64
N LYS B 315 22.53 -0.96 8.85
CA LYS B 315 23.14 -0.22 9.95
C LYS B 315 24.47 -0.80 10.40
N ARG B 316 24.65 -2.10 10.25
CA ARG B 316 25.91 -2.72 10.66
C ARG B 316 27.00 -2.51 9.62
N LEU B 317 26.60 -2.04 8.45
CA LEU B 317 27.57 -1.78 7.39
C LEU B 317 28.03 -0.33 7.47
N GLU B 318 27.13 0.59 7.81
CA GLU B 318 27.53 1.99 7.91
C GLU B 318 28.36 2.26 9.17
N ASP B 319 28.02 1.59 10.28
CA ASP B 319 28.78 1.78 11.51
C ASP B 319 29.03 0.46 12.22
N PRO B 320 30.04 -0.29 11.77
CA PRO B 320 30.36 -1.59 12.38
C PRO B 320 30.53 -1.51 13.89
N GLU B 321 30.72 -0.29 14.39
CA GLU B 321 30.91 -0.07 15.82
C GLU B 321 29.58 0.21 16.54
N ALA B 322 28.57 0.59 15.78
CA ALA B 322 27.23 0.94 16.27
C ALA B 322 26.65 0.27 17.52
N GLU B 323 26.37 -1.03 17.45
CA GLU B 323 25.77 -1.75 18.59
C GLU B 323 24.25 -1.61 18.49
N ILE B 324 23.61 -2.50 17.74
CA ILE B 324 22.16 -2.44 17.57
C ILE B 324 21.49 -3.76 17.87
N GLU B 325 20.15 -3.73 17.95
CA GLU B 325 19.39 -4.94 18.22
C GLU B 325 19.48 -5.86 17.01
N THR B 326 20.19 -6.97 17.18
CA THR B 326 20.38 -7.93 16.11
C THR B 326 19.54 -9.18 16.23
N ARG B 327 19.14 -9.53 17.46
CA ARG B 327 18.30 -10.70 17.72
C ARG B 327 16.88 -10.26 17.98
N ILE B 328 16.03 -10.35 16.95
CA ILE B 328 14.64 -9.94 17.06
C ILE B 328 13.65 -11.07 16.90
N THR B 329 12.68 -11.11 17.81
CA THR B 329 11.63 -12.11 17.80
C THR B 329 10.31 -11.37 17.74
N LEU B 330 9.55 -11.60 16.67
CA LEU B 330 8.25 -10.95 16.50
C LEU B 330 7.17 -11.88 17.00
N GLU B 331 6.12 -11.31 17.58
CA GLU B 331 5.04 -12.13 18.10
C GLU B 331 3.70 -11.78 17.51
N PRO B 332 3.35 -12.39 16.38
CA PRO B 332 2.06 -12.11 15.76
C PRO B 332 0.92 -12.81 16.49
N LYS B 333 -0.29 -12.29 16.35
CA LYS B 333 -1.44 -12.92 16.98
C LYS B 333 -2.35 -13.55 15.92
N ILE B 334 -3.15 -14.51 16.36
CA ILE B 334 -4.07 -15.21 15.47
C ILE B 334 -5.05 -14.24 14.82
N SER B 335 -5.40 -14.54 13.57
CA SER B 335 -6.34 -13.72 12.83
C SER B 335 -7.58 -14.58 12.59
N TYR B 336 -8.66 -14.29 13.31
CA TYR B 336 -9.91 -15.04 13.21
C TYR B 336 -10.84 -14.59 12.08
N GLY B 337 -12.13 -14.56 12.37
CA GLY B 337 -13.11 -14.15 11.39
C GLY B 337 -13.53 -15.33 10.55
N ASP B 338 -14.77 -15.76 10.69
CA ASP B 338 -15.30 -16.90 9.96
C ASP B 338 -14.48 -18.12 10.32
N THR B 339 -14.78 -19.22 9.65
CA THR B 339 -14.08 -20.48 9.80
C THR B 339 -13.60 -21.01 11.16
N LEU B 340 -13.65 -20.21 12.22
CA LEU B 340 -13.19 -20.72 13.53
C LEU B 340 -14.04 -20.34 14.75
N LYS B 341 -14.02 -19.05 15.13
CA LYS B 341 -14.77 -18.55 16.28
C LYS B 341 -15.99 -19.39 16.65
N ARG B 342 -17.09 -19.19 15.93
CA ARG B 342 -18.31 -19.95 16.18
C ARG B 342 -19.01 -19.42 17.45
N PRO C 10 -39.16 8.73 16.66
CA PRO C 10 -38.06 7.80 17.04
C PRO C 10 -38.69 6.52 17.60
N LEU C 11 -38.07 5.38 17.34
CA LEU C 11 -38.63 4.13 17.81
C LEU C 11 -38.22 3.80 19.24
N THR C 12 -38.77 2.71 19.76
CA THR C 12 -38.49 2.25 21.12
C THR C 12 -38.48 0.72 21.13
N LEU C 13 -38.00 0.13 22.21
CA LEU C 13 -37.95 -1.32 22.31
C LEU C 13 -39.33 -1.92 22.18
N ARG C 14 -40.36 -1.10 22.38
CA ARG C 14 -41.73 -1.58 22.27
C ARG C 14 -42.11 -1.92 20.83
N ASP C 15 -41.60 -1.13 19.89
CA ASP C 15 -41.87 -1.35 18.46
C ASP C 15 -41.17 -2.62 18.01
N VAL C 16 -39.97 -2.84 18.56
CA VAL C 16 -39.21 -4.03 18.22
C VAL C 16 -39.91 -5.26 18.84
N SER C 17 -40.50 -5.06 20.01
CA SER C 17 -41.20 -6.11 20.72
C SER C 17 -42.42 -6.56 19.95
N GLU C 18 -43.28 -5.61 19.60
CA GLU C 18 -44.50 -5.90 18.86
C GLU C 18 -44.27 -6.43 17.45
N ALA C 19 -43.21 -5.96 16.78
CA ALA C 19 -42.91 -6.42 15.43
C ALA C 19 -42.20 -7.76 15.47
N SER C 20 -41.70 -8.12 16.65
CA SER C 20 -40.97 -9.37 16.79
C SER C 20 -41.80 -10.44 17.49
N GLY C 21 -42.76 -10.02 18.30
CA GLY C 21 -43.61 -10.97 19.00
C GLY C 21 -43.00 -11.53 20.28
N VAL C 22 -41.91 -10.92 20.73
CA VAL C 22 -41.26 -11.34 21.97
C VAL C 22 -41.32 -10.15 22.93
N SER C 23 -41.13 -10.42 24.22
CA SER C 23 -41.20 -9.36 25.21
C SER C 23 -40.10 -8.32 25.07
N GLU C 24 -40.36 -7.13 25.60
CA GLU C 24 -39.41 -6.05 25.57
C GLU C 24 -38.20 -6.48 26.40
N MSE C 25 -38.44 -7.31 27.41
CA MSE C 25 -37.36 -7.79 28.27
C MSE C 25 -36.44 -8.72 27.48
O MSE C 25 -35.23 -8.74 27.67
CB MSE C 25 -37.91 -8.54 29.48
CG MSE C 25 -36.82 -8.98 30.46
SE MSE C 25 -37.46 -9.92 32.04
CE MSE C 25 -38.15 -8.40 33.04
N THR C 26 -37.03 -9.50 26.57
CA THR C 26 -36.25 -10.42 25.75
C THR C 26 -35.54 -9.69 24.61
N VAL C 27 -36.19 -8.65 24.07
CA VAL C 27 -35.59 -7.87 22.99
C VAL C 27 -34.35 -7.21 23.55
N SER C 28 -34.46 -6.74 24.78
CA SER C 28 -33.37 -6.08 25.48
C SER C 28 -32.21 -7.03 25.76
N ARG C 29 -32.49 -8.33 25.78
CA ARG C 29 -31.45 -9.33 26.02
C ARG C 29 -30.77 -9.69 24.71
N VAL C 30 -31.51 -9.59 23.62
CA VAL C 30 -30.93 -9.90 22.32
C VAL C 30 -29.95 -8.81 21.94
N LEU C 31 -30.40 -7.56 22.02
CA LEU C 31 -29.58 -6.41 21.69
C LEU C 31 -28.37 -6.22 22.62
N ARG C 32 -27.93 -7.29 23.27
CA ARG C 32 -26.78 -7.22 24.17
C ARG C 32 -26.09 -8.57 24.31
N ASN C 33 -26.68 -9.62 23.76
CA ASN C 33 -26.13 -10.96 23.85
C ASN C 33 -26.27 -11.49 25.27
N ARG C 34 -26.91 -10.68 26.13
CA ARG C 34 -27.15 -11.04 27.53
C ARG C 34 -28.21 -12.13 27.56
N GLY C 35 -28.42 -12.71 28.75
CA GLY C 35 -29.42 -13.76 28.90
C GLY C 35 -29.15 -14.97 28.04
N ASP C 36 -30.03 -15.97 28.14
CA ASP C 36 -29.88 -17.18 27.34
C ASP C 36 -30.39 -16.92 25.93
N VAL C 37 -31.71 -17.02 25.76
CA VAL C 37 -32.35 -16.79 24.48
C VAL C 37 -31.82 -17.73 23.39
N SER C 38 -32.70 -18.56 22.85
CA SER C 38 -32.33 -19.49 21.80
C SER C 38 -31.71 -18.72 20.63
N ASP C 39 -30.73 -19.33 19.98
CA ASP C 39 -30.06 -18.70 18.84
C ASP C 39 -31.00 -18.52 17.64
N ALA C 40 -32.28 -18.84 17.84
CA ALA C 40 -33.27 -18.69 16.78
C ALA C 40 -34.19 -17.50 17.01
N THR C 41 -34.38 -17.14 18.27
CA THR C 41 -35.23 -16.01 18.62
C THR C 41 -34.50 -14.70 18.44
N ARG C 42 -33.18 -14.73 18.56
CA ARG C 42 -32.37 -13.53 18.37
C ARG C 42 -32.56 -13.06 16.94
N ALA C 43 -32.46 -13.99 16.02
CA ALA C 43 -32.62 -13.69 14.60
C ALA C 43 -33.92 -12.93 14.34
N ARG C 44 -35.00 -13.35 14.99
CA ARG C 44 -36.29 -12.70 14.83
C ARG C 44 -36.22 -11.25 15.31
N VAL C 45 -35.67 -11.08 16.51
CA VAL C 45 -35.55 -9.75 17.12
C VAL C 45 -34.63 -8.84 16.32
N LEU C 46 -33.48 -9.36 15.89
CA LEU C 46 -32.52 -8.57 15.13
C LEU C 46 -33.07 -8.18 13.76
N ALA C 47 -33.90 -9.03 13.17
CA ALA C 47 -34.48 -8.74 11.87
C ALA C 47 -35.61 -7.72 12.01
N ALA C 48 -36.43 -7.87 13.04
CA ALA C 48 -37.51 -6.92 13.22
C ALA C 48 -36.92 -5.54 13.45
N ALA C 49 -35.74 -5.51 14.11
CA ALA C 49 -35.05 -4.27 14.41
C ALA C 49 -34.45 -3.68 13.13
N LYS C 50 -33.81 -4.52 12.32
CA LYS C 50 -33.21 -4.07 11.07
C LYS C 50 -34.24 -3.55 10.06
N GLU C 51 -35.40 -4.19 9.97
CA GLU C 51 -36.43 -3.76 9.03
C GLU C 51 -37.17 -2.51 9.53
N LEU C 52 -37.25 -2.34 10.86
CA LEU C 52 -37.93 -1.18 11.42
C LEU C 52 -37.04 0.08 11.32
N GLY C 53 -35.74 -0.12 11.51
CA GLY C 53 -34.80 0.98 11.47
C GLY C 53 -34.30 1.29 12.87
N TYR C 54 -34.63 0.43 13.82
CA TYR C 54 -34.22 0.62 15.20
C TYR C 54 -32.77 0.31 15.47
N VAL C 55 -32.08 1.24 16.11
CA VAL C 55 -30.68 1.06 16.46
C VAL C 55 -30.60 1.07 17.98
N PRO C 56 -30.05 0.01 18.57
CA PRO C 56 -29.97 -0.01 20.02
C PRO C 56 -29.09 1.10 20.59
N ASN C 57 -29.33 1.42 21.85
CA ASN C 57 -28.58 2.46 22.56
C ASN C 57 -27.32 1.75 23.07
N LYS C 58 -26.16 2.37 22.85
CA LYS C 58 -24.92 1.76 23.33
C LYS C 58 -24.08 2.80 24.06
N ILE C 59 -24.72 3.88 24.47
CA ILE C 59 -24.06 4.98 25.20
C ILE C 59 -24.50 5.05 26.65
N ALA C 60 -25.49 4.23 27.00
CA ALA C 60 -26.03 4.19 28.37
C ALA C 60 -25.07 3.68 29.45
N GLY C 61 -23.79 3.49 29.09
CA GLY C 61 -22.80 3.00 30.03
C GLY C 61 -22.50 3.88 31.23
N ALA C 62 -21.25 4.33 31.33
CA ALA C 62 -20.80 5.19 32.43
C ALA C 62 -19.41 5.76 32.13
N LEU C 63 -18.63 6.05 33.18
CA LEU C 63 -17.28 6.60 33.00
C LEU C 63 -16.25 5.59 32.46
N ALA C 64 -15.11 5.51 33.14
CA ALA C 64 -14.02 4.61 32.75
C ALA C 64 -14.45 3.14 32.66
N SER C 65 -15.49 2.79 33.41
CA SER C 65 -15.99 1.41 33.41
C SER C 65 -16.85 1.09 32.18
N ASN C 66 -17.71 2.03 31.79
CA ASN C 66 -18.58 1.82 30.63
C ASN C 66 -18.39 2.89 29.55
N ARG C 67 -17.47 2.62 28.64
CA ARG C 67 -17.15 3.53 27.54
C ARG C 67 -18.15 3.37 26.39
N VAL C 68 -17.83 4.03 25.28
CA VAL C 68 -18.59 3.97 24.05
C VAL C 68 -17.50 3.54 23.07
N ASN C 69 -17.85 2.81 22.04
CA ASN C 69 -16.86 2.31 21.08
C ASN C 69 -16.29 3.36 20.13
N LEU C 70 -16.33 4.61 20.53
CA LEU C 70 -15.81 5.71 19.71
C LEU C 70 -14.31 5.93 19.91
N VAL C 71 -13.57 6.08 18.83
CA VAL C 71 -12.15 6.35 18.92
C VAL C 71 -12.01 7.76 18.35
N ALA C 72 -11.64 8.73 19.19
CA ALA C 72 -11.51 10.11 18.73
C ALA C 72 -10.21 10.37 17.98
N VAL C 73 -10.32 10.94 16.79
CA VAL C 73 -9.16 11.25 15.96
C VAL C 73 -9.21 12.78 15.79
N ILE C 74 -8.33 13.48 16.49
CA ILE C 74 -8.29 14.94 16.45
C ILE C 74 -7.07 15.41 15.68
N ILE C 75 -7.34 16.08 14.56
CA ILE C 75 -6.30 16.57 13.68
C ILE C 75 -6.50 18.04 13.33
N PRO C 76 -5.44 18.72 12.83
CA PRO C 76 -5.47 20.14 12.46
C PRO C 76 -6.34 20.48 11.23
N SER C 77 -6.14 19.74 10.15
CA SER C 77 -6.93 19.97 8.95
C SER C 77 -6.71 18.88 7.92
N LEU C 78 -7.33 19.07 6.76
CA LEU C 78 -7.22 18.13 5.67
C LEU C 78 -6.87 18.88 4.39
N SER C 79 -6.61 20.18 4.53
CA SER C 79 -6.26 21.05 3.41
C SER C 79 -4.92 20.69 2.78
N ASN C 80 -4.17 19.87 3.49
CA ASN C 80 -2.89 19.38 3.01
C ASN C 80 -3.30 17.98 2.57
N MSE C 81 -2.42 17.25 1.88
CA MSE C 81 -2.81 15.90 1.50
C MSE C 81 -2.06 14.93 2.40
O MSE C 81 -1.51 13.93 1.94
CB MSE C 81 -2.52 15.65 0.02
CG MSE C 81 -3.54 16.27 -0.95
SE MSE C 81 -5.42 15.63 -0.77
CE MSE C 81 -6.14 17.10 0.26
N VAL C 82 -2.06 15.22 3.69
CA VAL C 82 -1.37 14.39 4.67
C VAL C 82 -2.29 13.55 5.56
N PHE C 83 -3.13 14.21 6.34
CA PHE C 83 -4.03 13.51 7.24
C PHE C 83 -5.07 12.60 6.60
N PRO C 84 -5.50 12.90 5.37
CA PRO C 84 -6.48 11.97 4.81
C PRO C 84 -5.90 10.55 4.82
N GLU C 85 -4.64 10.45 4.46
CA GLU C 85 -3.92 9.19 4.41
C GLU C 85 -3.66 8.64 5.82
N VAL C 86 -3.69 9.49 6.83
CA VAL C 86 -3.49 9.02 8.20
C VAL C 86 -4.80 8.36 8.62
N LEU C 87 -5.92 9.02 8.32
CA LEU C 87 -7.24 8.50 8.66
C LEU C 87 -7.49 7.18 7.93
N THR C 88 -6.92 7.05 6.73
CA THR C 88 -7.05 5.83 5.96
C THR C 88 -6.42 4.63 6.70
N GLY C 89 -5.18 4.80 7.15
CA GLY C 89 -4.48 3.74 7.85
C GLY C 89 -5.19 3.39 9.15
N ILE C 90 -5.71 4.40 9.82
CA ILE C 90 -6.43 4.16 11.06
C ILE C 90 -7.65 3.29 10.76
N ASN C 91 -8.38 3.63 9.70
CA ASN C 91 -9.55 2.86 9.32
C ASN C 91 -9.23 1.41 8.94
N GLN C 92 -8.12 1.19 8.26
CA GLN C 92 -7.76 -0.17 7.84
C GLN C 92 -7.56 -1.09 9.06
N VAL C 93 -6.81 -0.60 10.03
CA VAL C 93 -6.54 -1.39 11.23
C VAL C 93 -7.80 -1.63 12.05
N LEU C 94 -8.63 -0.61 12.17
CA LEU C 94 -9.85 -0.71 12.95
C LEU C 94 -11.04 -1.33 12.22
N GLU C 95 -10.92 -1.51 10.90
CA GLU C 95 -11.99 -2.15 10.12
C GLU C 95 -12.30 -3.50 10.76
N ASP C 96 -11.24 -4.19 11.18
CA ASP C 96 -11.33 -5.50 11.78
C ASP C 96 -11.60 -5.41 13.29
N THR C 97 -12.27 -4.33 13.71
CA THR C 97 -12.55 -4.11 15.12
C THR C 97 -13.97 -3.61 15.34
N GLU C 98 -14.37 -3.53 16.61
CA GLU C 98 -15.69 -3.05 16.99
C GLU C 98 -15.59 -1.55 17.23
N LEU C 99 -14.40 -0.98 17.06
CA LEU C 99 -14.17 0.43 17.28
C LEU C 99 -14.48 1.33 16.08
N GLN C 100 -15.10 2.47 16.34
CA GLN C 100 -15.48 3.39 15.28
C GLN C 100 -14.75 4.73 15.39
N PRO C 101 -13.74 4.94 14.54
CA PRO C 101 -13.01 6.21 14.59
C PRO C 101 -13.79 7.35 13.94
N VAL C 102 -13.95 8.46 14.65
CA VAL C 102 -14.63 9.64 14.11
C VAL C 102 -13.64 10.81 14.19
N VAL C 103 -13.65 11.68 13.18
CA VAL C 103 -12.71 12.79 13.09
C VAL C 103 -13.15 14.20 13.51
N GLY C 104 -12.29 14.88 14.27
CA GLY C 104 -12.54 16.23 14.72
C GLY C 104 -11.43 17.13 14.19
N VAL C 105 -11.79 18.29 13.65
CA VAL C 105 -10.80 19.22 13.09
C VAL C 105 -10.56 20.42 14.03
N THR C 106 -9.30 20.87 14.11
CA THR C 106 -8.95 21.99 14.99
C THR C 106 -8.44 23.26 14.30
N ASP C 107 -8.04 23.13 13.05
CA ASP C 107 -7.48 24.27 12.30
C ASP C 107 -6.18 24.79 12.91
N TYR C 108 -5.54 23.95 13.73
CA TYR C 108 -4.28 24.28 14.38
C TYR C 108 -4.46 25.22 15.57
N LEU C 109 -5.72 25.52 15.92
CA LEU C 109 -6.02 26.42 17.03
C LEU C 109 -6.07 25.70 18.38
N PRO C 110 -5.15 26.05 19.29
CA PRO C 110 -5.13 25.43 20.62
C PRO C 110 -6.47 25.54 21.36
N GLU C 111 -7.19 26.64 21.15
CA GLU C 111 -8.48 26.83 21.81
C GLU C 111 -9.49 25.88 21.20
N LYS C 112 -9.38 25.71 19.90
CA LYS C 112 -10.27 24.82 19.15
C LYS C 112 -9.98 23.35 19.47
N GLU C 113 -8.70 23.00 19.60
CA GLU C 113 -8.32 21.64 19.94
C GLU C 113 -8.85 21.31 21.33
N GLU C 114 -8.74 22.27 22.22
CA GLU C 114 -9.20 22.11 23.60
C GLU C 114 -10.70 21.86 23.70
N LYS C 115 -11.51 22.61 22.96
CA LYS C 115 -12.96 22.43 23.00
C LYS C 115 -13.44 21.15 22.30
N VAL C 116 -12.71 20.73 21.27
CA VAL C 116 -13.06 19.54 20.54
C VAL C 116 -12.71 18.30 21.38
N LEU C 117 -11.59 18.35 22.07
CA LEU C 117 -11.18 17.25 22.92
C LEU C 117 -12.13 17.15 24.11
N TYR C 118 -12.47 18.31 24.66
CA TYR C 118 -13.37 18.34 25.80
C TYR C 118 -14.68 17.66 25.41
N GLU C 119 -15.30 18.14 24.33
CA GLU C 119 -16.56 17.58 23.85
C GLU C 119 -16.51 16.06 23.68
N MSE C 120 -15.50 15.59 22.95
CA MSE C 120 -15.38 14.17 22.70
C MSE C 120 -15.07 13.33 23.94
O MSE C 120 -15.53 12.20 24.04
CB MSE C 120 -14.36 13.93 21.59
CG MSE C 120 -14.84 14.49 20.26
SE MSE C 120 -13.87 13.92 18.71
CE MSE C 120 -12.46 15.17 18.81
N LEU C 121 -14.31 13.89 24.87
CA LEU C 121 -14.00 13.17 26.10
C LEU C 121 -15.26 13.08 26.96
N SER C 122 -16.15 14.04 26.81
CA SER C 122 -17.38 14.04 27.61
C SER C 122 -18.26 12.88 27.18
N TRP C 123 -17.97 12.32 26.00
CA TRP C 123 -18.77 11.21 25.51
C TRP C 123 -18.16 9.87 25.89
N ARG C 124 -17.07 9.89 26.64
CA ARG C 124 -16.40 8.66 27.06
C ARG C 124 -16.02 7.73 25.90
N PRO C 125 -15.04 8.14 25.08
CA PRO C 125 -14.62 7.30 23.96
C PRO C 125 -13.71 6.17 24.46
N SER C 126 -13.28 5.29 23.57
CA SER C 126 -12.43 4.20 24.00
C SER C 126 -10.97 4.55 23.83
N GLY C 127 -10.70 5.51 22.94
CA GLY C 127 -9.34 5.93 22.67
C GLY C 127 -9.26 7.29 21.98
N VAL C 128 -8.09 7.92 22.03
CA VAL C 128 -7.86 9.21 21.40
C VAL C 128 -6.58 9.16 20.58
N ILE C 129 -6.66 9.61 19.33
CA ILE C 129 -5.50 9.69 18.48
C ILE C 129 -5.51 11.17 18.14
N ILE C 130 -4.51 11.88 18.65
CA ILE C 130 -4.41 13.32 18.46
C ILE C 130 -3.09 13.71 17.82
N ALA C 131 -3.16 14.64 16.88
CA ALA C 131 -1.96 15.09 16.17
C ALA C 131 -1.13 16.09 16.95
N GLY C 132 0.18 15.92 16.89
CA GLY C 132 1.10 16.83 17.55
C GLY C 132 1.33 16.64 19.03
N LEU C 133 2.36 17.31 19.54
CA LEU C 133 2.72 17.25 20.95
C LEU C 133 2.39 18.54 21.72
N GLU C 134 2.11 19.64 21.01
CA GLU C 134 1.80 20.90 21.67
C GLU C 134 0.30 21.11 21.83
N HIS C 135 -0.14 21.33 23.06
CA HIS C 135 -1.56 21.54 23.37
C HIS C 135 -1.69 22.57 24.49
N SER C 136 -2.87 23.16 24.63
CA SER C 136 -3.10 24.14 25.68
C SER C 136 -2.88 23.40 26.99
N GLU C 137 -2.77 24.15 28.07
CA GLU C 137 -2.56 23.55 29.38
C GLU C 137 -3.72 22.66 29.83
N ALA C 138 -4.95 23.10 29.59
CA ALA C 138 -6.12 22.32 29.98
C ALA C 138 -6.28 21.10 29.07
N ALA C 139 -5.97 21.29 27.80
CA ALA C 139 -6.06 20.21 26.84
C ALA C 139 -5.09 19.09 27.21
N ARG C 140 -3.88 19.44 27.61
CA ARG C 140 -2.92 18.39 27.99
C ARG C 140 -3.35 17.70 29.28
N ALA C 141 -3.99 18.45 30.17
CA ALA C 141 -4.45 17.89 31.45
C ALA C 141 -5.55 16.86 31.20
N MSE C 142 -6.38 17.09 30.18
CA MSE C 142 -7.47 16.16 29.85
C MSE C 142 -6.89 14.87 29.31
O MSE C 142 -7.32 13.79 29.67
CB MSE C 142 -8.39 16.78 28.80
CG MSE C 142 -9.13 18.01 29.27
SE MSE C 142 -10.32 18.75 27.90
CE MSE C 142 -9.00 19.24 26.58
N LEU C 143 -5.90 14.99 28.43
CA LEU C 143 -5.26 13.83 27.85
C LEU C 143 -4.62 12.98 28.93
N ASP C 144 -4.00 13.63 29.90
CA ASP C 144 -3.32 12.95 30.99
C ASP C 144 -4.27 12.36 32.02
N ALA C 145 -5.45 12.96 32.14
CA ALA C 145 -6.45 12.46 33.09
C ALA C 145 -7.36 11.38 32.49
N ALA C 146 -7.40 11.25 31.17
CA ALA C 146 -8.26 10.23 30.57
C ALA C 146 -7.74 8.87 31.01
N GLY C 147 -8.62 7.89 31.11
CA GLY C 147 -8.16 6.57 31.52
C GLY C 147 -8.22 5.63 30.35
N ILE C 148 -8.02 6.16 29.16
CA ILE C 148 -8.08 5.40 27.90
C ILE C 148 -6.78 5.61 27.15
N PRO C 149 -6.47 4.73 26.20
CA PRO C 149 -5.23 4.91 25.45
C PRO C 149 -5.23 6.24 24.72
N VAL C 150 -4.09 6.93 24.75
CA VAL C 150 -3.97 8.19 24.06
C VAL C 150 -2.76 8.11 23.16
N VAL C 151 -2.92 8.43 21.89
CA VAL C 151 -1.77 8.40 21.01
C VAL C 151 -1.55 9.73 20.30
N GLU C 152 -0.40 10.34 20.56
CA GLU C 152 -0.05 11.59 19.90
C GLU C 152 0.74 11.16 18.67
N ILE C 153 0.29 11.58 17.50
CA ILE C 153 0.92 11.20 16.22
C ILE C 153 1.56 12.33 15.42
N MSE C 154 2.49 11.92 14.56
CA MSE C 154 3.24 12.79 13.63
C MSE C 154 4.58 13.32 14.12
O MSE C 154 5.50 13.52 13.34
CB MSE C 154 2.38 14.00 13.20
CG MSE C 154 0.99 13.67 12.65
SE MSE C 154 0.95 12.22 11.37
CE MSE C 154 1.72 13.10 9.82
N ASP C 155 4.70 13.54 15.43
CA ASP C 155 5.90 14.13 15.97
C ASP C 155 6.50 13.38 17.17
N SER C 156 7.79 13.03 17.09
CA SER C 156 8.44 12.34 18.20
C SER C 156 9.42 13.25 18.97
N ASP C 157 9.53 14.50 18.55
CA ASP C 157 10.41 15.47 19.21
C ASP C 157 9.79 15.95 20.53
N GLY C 158 9.64 15.05 21.50
CA GLY C 158 9.05 15.47 22.76
C GLY C 158 8.74 14.38 23.76
N LYS C 159 8.55 13.16 23.30
CA LYS C 159 8.25 12.02 24.18
C LYS C 159 7.33 12.42 25.36
N PRO C 160 6.01 12.42 25.15
CA PRO C 160 5.22 12.80 26.32
C PRO C 160 3.82 12.19 26.36
N VAL C 161 3.12 12.47 27.47
CA VAL C 161 1.75 12.05 27.79
C VAL C 161 1.47 10.54 27.95
N ASP C 162 1.21 9.84 26.85
CA ASP C 162 0.95 8.41 26.90
C ASP C 162 1.68 7.74 25.74
N ALA C 163 0.99 7.50 24.63
CA ALA C 163 1.63 6.87 23.49
C ALA C 163 2.04 7.90 22.46
N MSE C 164 2.84 7.49 21.49
CA MSE C 164 3.31 8.39 20.48
C MSE C 164 3.86 7.64 19.27
O MSE C 164 4.56 6.64 19.41
CB MSE C 164 4.40 9.27 21.10
CG MSE C 164 5.33 10.04 20.15
SE MSE C 164 6.82 10.91 21.15
CE MSE C 164 8.16 9.53 20.97
N VAL C 165 3.48 8.11 18.08
CA VAL C 165 3.98 7.55 16.82
C VAL C 165 4.24 8.74 15.90
N GLY C 166 5.48 8.85 15.45
CA GLY C 166 5.83 9.95 14.55
C GLY C 166 7.29 9.92 14.19
N ILE C 167 7.76 11.02 13.60
CA ILE C 167 9.15 11.14 13.20
C ILE C 167 9.68 12.42 13.83
N SER C 168 10.98 12.61 13.76
CA SER C 168 11.56 13.81 14.32
C SER C 168 11.61 14.82 13.17
N HIS C 169 10.83 15.89 13.31
CA HIS C 169 10.80 16.92 12.29
C HIS C 169 12.09 17.71 12.31
N ARG C 170 12.65 17.82 13.50
CA ARG C 170 13.92 18.52 13.71
C ARG C 170 14.97 17.73 12.89
N ARG C 171 14.90 16.42 12.98
CA ARG C 171 15.81 15.55 12.26
C ARG C 171 15.56 15.70 10.75
N ALA C 172 14.30 15.66 10.34
CA ALA C 172 13.98 15.83 8.94
C ALA C 172 14.66 17.10 8.44
N GLY C 173 14.53 18.16 9.24
CA GLY C 173 15.12 19.45 8.88
C GLY C 173 16.64 19.45 8.77
N ARG C 174 17.32 18.70 9.63
CA ARG C 174 18.77 18.64 9.60
C ARG C 174 19.25 17.82 8.41
N GLU C 175 18.56 16.71 8.15
CA GLU C 175 18.90 15.82 7.07
C GLU C 175 18.91 16.52 5.69
N MSE C 176 17.88 17.31 5.44
CA MSE C 176 17.79 18.03 4.17
C MSE C 176 18.91 19.05 4.02
O MSE C 176 19.48 19.22 2.94
CB MSE C 176 16.42 18.73 4.06
CG MSE C 176 16.13 19.31 2.67
SE MSE C 176 16.19 18.00 1.24
CE MSE C 176 14.41 17.24 1.41
N ALA C 177 19.25 19.72 5.12
CA ALA C 177 20.33 20.70 5.14
C ALA C 177 21.63 20.00 4.77
N GLN C 178 21.83 18.80 5.28
CA GLN C 178 23.05 18.06 4.97
C GLN C 178 23.13 17.75 3.49
N ALA C 179 22.07 17.16 2.97
CA ALA C 179 21.97 16.79 1.55
C ALA C 179 22.25 17.96 0.61
N ILE C 180 21.70 19.12 0.94
CA ILE C 180 21.86 20.33 0.15
C ILE C 180 23.32 20.82 0.16
N LEU C 181 23.90 20.91 1.36
CA LEU C 181 25.28 21.35 1.51
C LEU C 181 26.19 20.39 0.74
N LYS C 182 25.99 19.11 0.99
CA LYS C 182 26.78 18.06 0.36
C LYS C 182 26.64 18.05 -1.17
N ALA C 183 25.63 18.75 -1.67
CA ALA C 183 25.36 18.82 -3.10
C ALA C 183 26.02 20.02 -3.79
N GLY C 184 26.58 20.92 -2.99
CA GLY C 184 27.25 22.07 -3.57
C GLY C 184 26.53 23.38 -3.37
N TYR C 185 25.26 23.32 -2.94
CA TYR C 185 24.47 24.52 -2.76
C TYR C 185 24.82 25.38 -1.55
N ARG C 186 24.84 26.68 -1.79
CA ARG C 186 25.08 27.70 -0.79
C ARG C 186 24.09 28.72 -1.35
N ARG C 187 23.76 29.79 -0.64
CA ARG C 187 22.77 30.75 -1.17
C ARG C 187 21.45 29.99 -1.23
N ILE C 188 20.78 29.92 -0.08
CA ILE C 188 19.55 29.16 0.04
C ILE C 188 18.35 29.97 0.50
N GLY C 189 17.21 29.67 -0.10
CA GLY C 189 15.97 30.35 0.23
C GLY C 189 14.97 29.43 0.88
N PHE C 190 14.13 29.98 1.74
CA PHE C 190 13.13 29.18 2.42
C PHE C 190 11.74 29.77 2.24
N MSE C 191 10.73 28.89 2.21
CA MSE C 191 9.35 29.29 2.08
C MSE C 191 8.47 28.32 2.86
O MSE C 191 8.56 27.11 2.66
CB MSE C 191 8.93 29.33 0.61
CG MSE C 191 9.57 30.47 -0.15
SE MSE C 191 9.17 30.52 -2.04
CE MSE C 191 10.67 29.48 -2.71
N GLY C 192 7.66 28.86 3.75
CA GLY C 192 6.79 28.04 4.57
C GLY C 192 5.48 28.73 4.87
N THR C 193 4.52 27.98 5.39
CA THR C 193 3.21 28.52 5.72
C THR C 193 2.63 27.85 6.96
N LYS C 194 1.46 28.32 7.37
CA LYS C 194 0.77 27.77 8.52
C LYS C 194 1.58 27.94 9.81
N MSE C 195 2.76 28.53 9.70
CA MSE C 195 3.58 28.78 10.88
C MSE C 195 3.42 30.28 11.23
O MSE C 195 3.05 31.07 10.37
CB MSE C 195 5.05 28.40 10.62
CG MSE C 195 5.63 28.77 9.26
SE MSE C 195 7.10 27.57 8.69
CE MSE C 195 8.32 27.84 10.18
N PRO C 196 3.69 30.66 12.49
CA PRO C 196 4.13 29.93 13.68
C PRO C 196 3.08 29.03 14.35
N LEU C 197 2.10 28.59 13.58
CA LEU C 197 1.05 27.73 14.12
C LEU C 197 1.41 26.26 14.00
N ASP C 198 2.05 25.89 12.89
CA ASP C 198 2.45 24.50 12.66
C ASP C 198 3.80 24.27 13.32
N TYR C 199 3.80 23.67 14.51
CA TYR C 199 5.04 23.41 15.23
C TYR C 199 5.95 22.39 14.56
N ARG C 200 5.36 21.49 13.78
CA ARG C 200 6.17 20.51 13.09
C ARG C 200 6.96 21.21 12.00
N ALA C 201 6.31 22.17 11.34
CA ALA C 201 6.99 22.92 10.29
C ALA C 201 8.15 23.71 10.90
N ARG C 202 7.91 24.40 12.02
CA ARG C 202 8.95 25.18 12.70
C ARG C 202 10.12 24.30 13.10
N LYS C 203 9.84 23.07 13.51
CA LYS C 203 10.91 22.17 13.92
C LYS C 203 11.77 21.73 12.74
N ARG C 204 11.17 21.65 11.56
CA ARG C 204 11.96 21.27 10.39
C ARG C 204 12.85 22.45 9.97
N PHE C 205 12.30 23.66 10.07
CA PHE C 205 13.05 24.86 9.73
C PHE C 205 14.19 25.08 10.73
N GLU C 206 13.95 24.76 11.99
CA GLU C 206 14.97 24.90 13.03
C GLU C 206 16.09 23.92 12.78
N GLY C 207 15.74 22.65 12.57
CA GLY C 207 16.76 21.65 12.31
C GLY C 207 17.54 22.04 11.07
N PHE C 208 16.82 22.51 10.06
CA PHE C 208 17.42 22.92 8.80
C PHE C 208 18.50 23.99 9.00
N THR C 209 18.08 25.16 9.49
CA THR C 209 19.00 26.28 9.72
C THR C 209 20.08 26.04 10.76
N GLU C 210 19.87 25.09 11.66
CA GLU C 210 20.86 24.80 12.68
C GLU C 210 22.08 24.17 12.01
N VAL C 211 21.82 23.24 11.09
CA VAL C 211 22.88 22.56 10.36
C VAL C 211 23.57 23.48 9.36
N LEU C 212 22.86 24.45 8.82
CA LEU C 212 23.45 25.37 7.86
C LEU C 212 24.31 26.39 8.60
N GLY C 213 23.91 26.73 9.82
CA GLY C 213 24.65 27.70 10.63
C GLY C 213 25.95 27.10 11.11
N LYS C 214 25.95 25.78 11.30
CA LYS C 214 27.14 25.05 11.75
C LYS C 214 28.01 24.72 10.54
N ASN C 215 28.02 25.63 9.59
CA ASN C 215 28.81 25.49 8.37
C ASN C 215 28.98 26.88 7.78
N GLY C 216 28.66 27.88 8.59
CA GLY C 216 28.78 29.27 8.15
C GLY C 216 27.75 29.75 7.15
N VAL C 217 26.87 28.85 6.71
CA VAL C 217 25.84 29.18 5.74
C VAL C 217 24.59 29.72 6.45
N GLU C 218 24.02 30.79 5.90
CA GLU C 218 22.81 31.38 6.46
C GLU C 218 21.79 31.49 5.35
N ILE C 219 20.52 31.31 5.67
CA ILE C 219 19.47 31.40 4.67
C ILE C 219 19.61 32.77 3.99
N GLU C 220 19.89 32.76 2.69
CA GLU C 220 20.05 34.01 1.95
C GLU C 220 18.78 34.83 1.84
N ASP C 221 17.64 34.14 1.84
CA ASP C 221 16.34 34.83 1.74
C ASP C 221 15.19 33.87 2.05
N ARG C 222 14.18 34.39 2.74
CA ARG C 222 13.03 33.57 3.09
C ARG C 222 11.83 34.40 3.53
N GLU C 223 10.63 33.90 3.24
CA GLU C 223 9.40 34.58 3.63
C GLU C 223 8.34 33.61 4.09
N PHE C 224 8.18 33.51 5.40
CA PHE C 224 7.21 32.62 6.02
C PHE C 224 5.79 32.99 5.57
N TYR C 225 4.82 32.43 6.30
CA TYR C 225 3.40 32.66 6.08
C TYR C 225 2.66 31.88 7.15
N SER C 226 1.56 32.45 7.65
CA SER C 226 0.76 31.81 8.68
C SER C 226 -0.54 31.21 8.17
N GLY C 227 -0.80 31.35 6.87
CA GLY C 227 -2.02 30.81 6.28
C GLY C 227 -1.88 29.42 5.69
N GLY C 228 -2.98 28.93 5.13
CA GLY C 228 -3.01 27.59 4.55
C GLY C 228 -2.07 27.33 3.38
N SER C 229 -1.85 26.04 3.13
CA SER C 229 -0.98 25.56 2.06
C SER C 229 -1.68 25.61 0.69
N ALA C 230 -1.01 26.16 -0.32
CA ALA C 230 -1.60 26.28 -1.66
C ALA C 230 -0.53 26.32 -2.74
N LEU C 231 -0.87 25.83 -3.93
CA LEU C 231 0.05 25.83 -5.06
C LEU C 231 0.24 27.22 -5.65
N ALA C 232 -0.78 28.06 -5.53
CA ALA C 232 -0.71 29.43 -6.03
C ALA C 232 0.21 30.18 -5.09
N LYS C 233 0.08 29.89 -3.81
CA LYS C 233 0.89 30.51 -2.77
C LYS C 233 2.35 30.21 -3.04
N GLY C 234 2.63 28.94 -3.34
CA GLY C 234 3.99 28.53 -3.63
C GLY C 234 4.57 29.23 -4.84
N ARG C 235 3.74 29.41 -5.87
CA ARG C 235 4.17 30.09 -7.09
C ARG C 235 4.42 31.55 -6.82
N GLU C 236 3.45 32.19 -6.17
CA GLU C 236 3.54 33.61 -5.85
C GLU C 236 4.86 33.91 -5.11
N MSE C 237 5.06 33.27 -3.98
CA MSE C 237 6.29 33.45 -3.20
C MSE C 237 7.55 33.24 -4.03
O MSE C 237 8.49 34.03 -3.97
CB MSE C 237 6.31 32.50 -2.02
CG MSE C 237 5.27 32.74 -0.96
SE MSE C 237 5.52 31.47 0.47
CE MSE C 237 3.95 31.87 1.54
N THR C 238 7.58 32.16 -4.81
CA THR C 238 8.74 31.85 -5.63
C THR C 238 9.16 32.95 -6.58
N GLN C 239 8.23 33.41 -7.42
CA GLN C 239 8.54 34.46 -8.38
C GLN C 239 9.03 35.74 -7.71
N ALA C 240 8.38 36.12 -6.60
CA ALA C 240 8.76 37.32 -5.87
C ALA C 240 10.15 37.18 -5.25
N MSE C 241 10.45 36.01 -4.70
CA MSE C 241 11.76 35.82 -4.10
C MSE C 241 12.85 35.90 -5.14
O MSE C 241 13.79 36.68 -4.98
CB MSE C 241 11.85 34.45 -3.40
CG MSE C 241 13.15 34.27 -2.64
SE MSE C 241 13.22 32.69 -1.54
CE MSE C 241 12.00 33.22 -0.12
N LEU C 242 12.72 35.12 -6.20
CA LEU C 242 13.72 35.12 -7.26
C LEU C 242 13.81 36.51 -7.91
N GLU C 243 12.91 37.38 -7.50
CA GLU C 243 12.85 38.76 -7.99
C GLU C 243 13.83 39.62 -7.21
N ARG C 244 13.81 39.47 -5.89
CA ARG C 244 14.68 40.21 -4.99
C ARG C 244 15.97 39.47 -4.67
N SER C 245 16.05 38.21 -5.08
CA SER C 245 17.23 37.38 -4.83
C SER C 245 17.45 36.40 -5.97
N PRO C 246 17.62 36.91 -7.20
CA PRO C 246 17.85 36.12 -8.42
C PRO C 246 19.08 35.23 -8.50
N ASP C 247 19.89 35.19 -7.45
CA ASP C 247 21.10 34.38 -7.49
C ASP C 247 21.01 33.06 -6.71
N LEU C 248 19.90 32.87 -5.99
CA LEU C 248 19.68 31.67 -5.19
C LEU C 248 19.91 30.44 -6.06
N ASP C 249 20.40 29.38 -5.46
CA ASP C 249 20.64 28.16 -6.22
C ASP C 249 19.87 27.00 -5.61
N PHE C 250 19.13 27.26 -4.54
CA PHE C 250 18.31 26.25 -3.91
C PHE C 250 17.15 26.84 -3.11
N LEU C 251 15.96 26.26 -3.31
CA LEU C 251 14.76 26.71 -2.63
C LEU C 251 14.15 25.55 -1.84
N TYR C 252 14.10 25.69 -0.52
CA TYR C 252 13.52 24.65 0.32
C TYR C 252 12.15 25.12 0.81
N TYR C 253 11.14 24.25 0.63
CA TYR C 253 9.77 24.54 1.01
C TYR C 253 9.35 23.72 2.24
N SER C 254 8.50 24.27 3.10
CA SER C 254 8.06 23.53 4.29
C SER C 254 7.20 22.31 3.97
N ASN C 255 6.66 22.25 2.75
CA ASN C 255 5.85 21.11 2.31
C ASN C 255 5.83 21.02 0.78
N ASP C 256 5.50 19.85 0.23
CA ASP C 256 5.48 19.64 -1.22
C ASP C 256 4.48 20.46 -2.00
N MSE C 257 3.36 20.77 -1.37
CA MSE C 257 2.34 21.54 -2.06
C MSE C 257 2.89 22.88 -2.52
O MSE C 257 2.89 23.16 -3.72
CB MSE C 257 1.13 21.74 -1.14
CG MSE C 257 -0.20 21.74 -1.88
SE MSE C 257 -0.53 20.07 -2.84
CE MSE C 257 -2.24 19.59 -2.03
N ILE C 258 3.38 23.70 -1.59
CA ILE C 258 3.92 24.99 -1.99
C ILE C 258 5.13 24.80 -2.91
N ALA C 259 5.84 23.68 -2.74
CA ALA C 259 7.00 23.38 -3.56
C ALA C 259 6.54 23.10 -4.98
N ALA C 260 5.36 22.50 -5.11
CA ALA C 260 4.81 22.18 -6.42
C ALA C 260 4.52 23.47 -7.18
N GLY C 261 3.94 24.45 -6.49
CA GLY C 261 3.62 25.73 -7.12
C GLY C 261 4.88 26.39 -7.65
N GLY C 262 5.98 26.21 -6.94
CA GLY C 262 7.24 26.78 -7.36
C GLY C 262 7.85 25.97 -8.49
N LEU C 263 7.79 24.64 -8.38
CA LEU C 263 8.36 23.79 -9.42
C LEU C 263 7.77 24.09 -10.78
N LEU C 264 6.48 24.42 -10.80
CA LEU C 264 5.81 24.72 -12.06
C LEU C 264 6.18 26.11 -12.56
N TYR C 265 6.28 27.08 -11.67
CA TYR C 265 6.66 28.43 -12.08
C TYR C 265 8.04 28.38 -12.69
N LEU C 266 8.94 27.67 -12.03
CA LEU C 266 10.30 27.51 -12.50
C LEU C 266 10.35 26.86 -13.88
N LEU C 267 9.63 25.76 -14.06
CA LEU C 267 9.63 25.10 -15.36
C LEU C 267 9.12 26.03 -16.46
N GLU C 268 8.12 26.86 -16.11
CA GLU C 268 7.54 27.82 -17.05
C GLU C 268 8.57 28.84 -17.49
N GLN C 269 9.37 29.33 -16.55
CA GLN C 269 10.40 30.31 -16.84
C GLN C 269 11.57 29.68 -17.57
N GLY C 270 11.45 28.37 -17.81
CA GLY C 270 12.49 27.65 -18.54
C GLY C 270 13.84 27.47 -17.85
N ILE C 271 13.92 27.76 -16.55
CA ILE C 271 15.20 27.60 -15.85
C ILE C 271 15.49 26.14 -15.53
N ASP C 272 16.78 25.79 -15.60
CA ASP C 272 17.25 24.43 -15.37
C ASP C 272 17.21 23.94 -13.92
N ILE C 273 16.58 22.80 -13.70
CA ILE C 273 16.49 22.19 -12.37
C ILE C 273 17.21 20.85 -12.43
N PRO C 274 18.21 20.63 -11.57
CA PRO C 274 18.74 21.52 -10.53
C PRO C 274 19.94 22.36 -10.98
N GLY C 275 20.33 22.19 -12.25
CA GLY C 275 21.47 22.94 -12.78
C GLY C 275 21.66 24.34 -12.22
N GLN C 276 20.65 25.18 -12.39
CA GLN C 276 20.72 26.56 -11.90
C GLN C 276 20.12 26.65 -10.50
N ILE C 277 18.97 26.01 -10.33
CA ILE C 277 18.29 25.99 -9.04
C ILE C 277 17.72 24.62 -8.74
N GLY C 278 17.94 24.15 -7.51
CA GLY C 278 17.43 22.87 -7.08
C GLY C 278 16.38 23.13 -6.00
N LEU C 279 15.52 22.17 -5.73
CA LEU C 279 14.50 22.37 -4.71
C LEU C 279 14.03 21.08 -4.08
N ALA C 280 13.35 21.22 -2.96
CA ALA C 280 12.84 20.08 -2.23
C ALA C 280 11.75 20.56 -1.30
N GLY C 281 10.90 19.63 -0.90
CA GLY C 281 9.82 19.94 0.01
C GLY C 281 9.75 18.88 1.09
N PHE C 282 8.55 18.63 1.59
CA PHE C 282 8.36 17.62 2.64
C PHE C 282 6.94 17.06 2.59
N ASN C 283 6.80 15.83 3.10
CA ASN C 283 5.53 15.06 3.19
C ASN C 283 5.43 13.88 2.24
N ASN C 284 5.84 14.10 1.00
CA ASN C 284 5.79 13.09 -0.07
C ASN C 284 4.35 12.72 -0.49
N VAL C 285 3.54 13.75 -0.71
CA VAL C 285 2.14 13.58 -1.10
C VAL C 285 1.97 12.94 -2.48
N GLU C 286 0.83 12.26 -2.70
CA GLU C 286 0.53 11.60 -3.98
C GLU C 286 0.59 12.57 -5.14
N LEU C 287 0.16 13.80 -4.90
CA LEU C 287 0.15 14.82 -5.94
C LEU C 287 1.49 14.86 -6.68
N LEU C 288 2.55 14.55 -5.96
CA LEU C 288 3.90 14.54 -6.52
C LEU C 288 4.07 13.59 -7.71
N GLN C 289 3.29 12.50 -7.74
CA GLN C 289 3.40 11.54 -8.85
C GLN C 289 2.83 12.02 -10.17
N GLY C 290 2.15 13.16 -10.14
CA GLY C 290 1.54 13.68 -11.34
C GLY C 290 2.22 14.91 -11.92
N LEU C 291 3.40 15.24 -11.41
CA LEU C 291 4.14 16.40 -11.89
C LEU C 291 5.16 15.98 -12.96
N PRO C 292 5.57 16.91 -13.82
CA PRO C 292 6.55 16.69 -14.91
C PRO C 292 7.97 16.40 -14.43
N ARG C 293 8.21 16.58 -13.14
CA ARG C 293 9.52 16.33 -12.56
C ARG C 293 9.32 15.73 -11.18
N LYS C 294 10.22 14.82 -10.79
CA LYS C 294 10.15 14.16 -9.48
C LYS C 294 10.78 15.04 -8.39
N LEU C 295 9.94 15.73 -7.62
CA LEU C 295 10.40 16.64 -6.58
C LEU C 295 11.09 15.97 -5.39
N ALA C 296 12.25 16.50 -5.01
CA ALA C 296 13.00 15.97 -3.87
C ALA C 296 12.16 16.23 -2.62
N THR C 297 12.02 15.22 -1.76
CA THR C 297 11.20 15.35 -0.57
C THR C 297 11.52 14.27 0.46
N MSE C 298 10.67 14.17 1.49
CA MSE C 298 10.79 13.16 2.53
C MSE C 298 9.39 12.76 2.99
O MSE C 298 8.54 13.61 3.25
CB MSE C 298 11.59 13.70 3.73
CG MSE C 298 11.75 12.65 4.84
SE MSE C 298 12.85 13.16 6.35
CE MSE C 298 14.50 12.35 5.75
N ASP C 299 9.16 11.46 3.10
CA ASP C 299 7.87 10.97 3.52
C ASP C 299 7.56 11.26 4.99
N ALA C 300 6.32 11.65 5.25
CA ALA C 300 5.90 11.95 6.62
C ALA C 300 5.43 10.66 7.29
N CYS C 301 5.47 9.55 6.54
CA CYS C 301 5.06 8.26 7.07
C CYS C 301 3.59 8.27 7.48
N ARG C 302 2.81 8.84 6.57
CA ARG C 302 1.36 9.00 6.66
C ARG C 302 0.58 7.75 7.06
N LEU C 303 0.58 6.77 6.15
CA LEU C 303 -0.13 5.53 6.37
C LEU C 303 0.44 4.74 7.55
N GLU C 304 1.76 4.63 7.60
CA GLU C 304 2.42 3.91 8.69
C GLU C 304 2.01 4.45 10.06
N ILE C 305 2.07 5.77 10.23
CA ILE C 305 1.70 6.38 11.50
C ILE C 305 0.24 6.07 11.86
N GLY C 306 -0.64 6.24 10.89
CA GLY C 306 -2.06 5.97 11.10
C GLY C 306 -2.38 4.55 11.50
N ARG C 307 -1.77 3.55 10.84
CA ARG C 307 -2.04 2.15 11.19
C ARG C 307 -1.48 1.86 12.56
N LYS C 308 -0.23 2.29 12.74
CA LYS C 308 0.49 2.10 13.98
C LYS C 308 -0.27 2.66 15.19
N ALA C 309 -0.80 3.87 15.09
CA ALA C 309 -1.55 4.44 16.21
C ALA C 309 -2.78 3.60 16.51
N ALA C 310 -3.46 3.19 15.46
CA ALA C 310 -4.67 2.36 15.59
C ALA C 310 -4.35 1.04 16.30
N GLU C 311 -3.22 0.44 15.95
CA GLU C 311 -2.83 -0.82 16.57
C GLU C 311 -2.65 -0.64 18.07
N ILE C 312 -1.89 0.38 18.47
CA ILE C 312 -1.67 0.63 19.88
C ILE C 312 -3.01 0.78 20.60
N ILE C 313 -3.96 1.47 19.97
CA ILE C 313 -5.28 1.66 20.59
C ILE C 313 -5.95 0.30 20.77
N ALA C 314 -6.17 -0.39 19.65
CA ALA C 314 -6.81 -1.69 19.65
C ALA C 314 -6.16 -2.64 20.65
N LYS C 315 -4.84 -2.73 20.58
CA LYS C 315 -4.12 -3.61 21.48
C LYS C 315 -4.30 -3.21 22.95
N ARG C 316 -4.19 -1.92 23.23
CA ARG C 316 -4.36 -1.44 24.60
C ARG C 316 -5.73 -1.80 25.18
N LEU C 317 -6.76 -1.71 24.35
CA LEU C 317 -8.12 -2.03 24.76
C LEU C 317 -8.32 -3.54 24.88
N GLU C 318 -7.77 -4.29 23.93
CA GLU C 318 -7.88 -5.73 23.92
C GLU C 318 -7.30 -6.30 25.23
N ASP C 319 -6.06 -5.94 25.53
CA ASP C 319 -5.39 -6.40 26.75
C ASP C 319 -4.57 -5.29 27.40
N PRO C 320 -5.17 -4.58 28.37
CA PRO C 320 -4.51 -3.48 29.08
C PRO C 320 -3.22 -3.90 29.80
N GLU C 321 -3.11 -5.18 30.11
CA GLU C 321 -1.94 -5.69 30.83
C GLU C 321 -0.84 -6.20 29.89
N ALA C 322 -1.10 -6.12 28.59
CA ALA C 322 -0.15 -6.61 27.58
C ALA C 322 1.24 -5.98 27.55
N GLU C 323 1.35 -4.68 27.83
CA GLU C 323 2.68 -4.06 27.80
C GLU C 323 3.27 -4.20 26.40
N ILE C 324 3.20 -3.12 25.63
CA ILE C 324 3.69 -3.12 24.27
C ILE C 324 4.59 -1.93 24.02
N GLU C 325 4.98 -1.72 22.77
CA GLU C 325 5.82 -0.60 22.40
C GLU C 325 4.88 0.60 22.24
N THR C 326 5.02 1.60 23.10
CA THR C 326 4.14 2.77 23.06
C THR C 326 4.75 4.06 22.51
N ARG C 327 6.06 4.08 22.31
CA ARG C 327 6.73 5.26 21.77
C ARG C 327 7.48 4.87 20.52
N ILE C 328 6.83 5.04 19.37
CA ILE C 328 7.46 4.69 18.12
C ILE C 328 7.97 5.88 17.32
N THR C 329 9.22 5.77 16.89
CA THR C 329 9.86 6.80 16.12
C THR C 329 10.31 6.22 14.79
N LEU C 330 9.61 6.58 13.73
CA LEU C 330 9.97 6.10 12.40
C LEU C 330 11.02 7.05 11.87
N GLU C 331 11.86 6.58 10.95
CA GLU C 331 12.89 7.43 10.40
C GLU C 331 12.91 7.40 8.89
N PRO C 332 12.04 8.18 8.27
CA PRO C 332 12.00 8.19 6.81
C PRO C 332 13.33 8.72 6.27
N LYS C 333 13.65 8.31 5.05
CA LYS C 333 14.87 8.74 4.39
C LYS C 333 14.48 9.71 3.28
N ILE C 334 15.44 10.52 2.86
CA ILE C 334 15.17 11.49 1.80
C ILE C 334 14.81 10.80 0.50
N SER C 335 13.87 11.41 -0.23
CA SER C 335 13.45 10.93 -1.54
C SER C 335 14.01 12.01 -2.46
N TYR C 336 15.16 11.72 -3.05
CA TYR C 336 15.86 12.66 -3.92
C TYR C 336 15.24 13.13 -5.22
N GLY C 337 14.33 12.35 -5.81
CA GLY C 337 13.74 12.75 -7.07
C GLY C 337 14.83 13.16 -8.06
N ASP C 338 14.52 14.09 -8.97
CA ASP C 338 15.53 14.53 -9.92
C ASP C 338 15.93 15.99 -9.66
N THR C 339 15.41 16.56 -8.58
CA THR C 339 15.82 17.91 -8.24
C THR C 339 16.98 17.70 -7.25
N LEU C 340 17.46 18.78 -6.62
CA LEU C 340 18.55 18.65 -5.64
C LEU C 340 19.87 18.13 -6.22
N LYS C 341 20.02 16.81 -6.30
CA LYS C 341 21.26 16.21 -6.81
C LYS C 341 21.63 16.61 -8.23
N ARG C 342 22.78 17.29 -8.36
CA ARG C 342 23.28 17.76 -9.66
C ARG C 342 24.22 16.75 -10.33
N LYS D 8 -1.30 4.39 33.70
CA LYS D 8 -1.84 5.77 33.94
C LYS D 8 -3.30 5.66 34.38
N ARG D 9 -3.55 5.91 35.66
CA ARG D 9 -4.89 5.81 36.19
C ARG D 9 -5.76 7.02 35.78
N PRO D 10 -7.07 6.80 35.69
CA PRO D 10 -8.00 7.87 35.31
C PRO D 10 -8.39 8.73 36.51
N LEU D 11 -8.32 10.06 36.37
CA LEU D 11 -8.71 10.94 37.45
C LEU D 11 -10.23 10.88 37.47
N THR D 12 -10.83 10.92 38.64
CA THR D 12 -12.28 10.84 38.70
C THR D 12 -12.90 11.12 40.05
N LEU D 13 -14.03 11.81 40.01
CA LEU D 13 -14.84 12.16 41.18
C LEU D 13 -14.07 12.37 42.48
N ARG D 14 -13.45 11.30 42.96
CA ARG D 14 -12.67 11.33 44.19
C ARG D 14 -11.64 12.46 44.12
N ASP D 15 -10.82 12.45 43.07
CA ASP D 15 -9.78 13.47 42.88
C ASP D 15 -10.34 14.90 42.84
N VAL D 16 -11.49 15.07 42.21
CA VAL D 16 -12.10 16.39 42.12
C VAL D 16 -12.41 16.89 43.54
N SER D 17 -12.99 16.01 44.36
CA SER D 17 -13.33 16.34 45.73
C SER D 17 -12.06 16.67 46.54
N GLU D 18 -10.96 15.99 46.22
CA GLU D 18 -9.67 16.22 46.89
C GLU D 18 -8.95 17.49 46.45
N ALA D 19 -9.41 18.12 45.38
CA ALA D 19 -8.76 19.33 44.89
C ALA D 19 -9.63 20.56 45.08
N SER D 20 -10.94 20.34 45.18
CA SER D 20 -11.88 21.43 45.35
C SER D 20 -12.17 21.67 46.82
N GLY D 21 -12.27 20.59 47.58
CA GLY D 21 -12.56 20.71 48.99
C GLY D 21 -14.04 20.50 49.26
N VAL D 22 -14.82 20.33 48.20
CA VAL D 22 -16.26 20.12 48.34
C VAL D 22 -16.61 18.63 48.40
N SER D 23 -17.55 18.29 49.26
CA SER D 23 -18.01 16.91 49.45
C SER D 23 -18.17 16.11 48.17
N GLU D 24 -17.67 14.87 48.20
CA GLU D 24 -17.75 13.97 47.06
C GLU D 24 -19.23 13.76 46.72
N MSE D 25 -20.08 13.93 47.74
CA MSE D 25 -21.52 13.77 47.56
C MSE D 25 -22.07 14.91 46.70
O MSE D 25 -22.75 14.68 45.70
CB MSE D 25 -22.22 13.80 48.92
CG MSE D 25 -23.67 13.33 48.86
SE MSE D 25 -24.74 13.93 50.38
CE MSE D 25 -26.46 14.05 49.48
N THR D 26 -21.74 16.14 47.09
CA THR D 26 -22.19 17.32 46.36
C THR D 26 -21.50 17.45 45.01
N VAL D 27 -20.26 16.97 44.90
CA VAL D 27 -19.51 17.03 43.64
C VAL D 27 -20.32 16.33 42.56
N SER D 28 -20.87 15.17 42.95
CA SER D 28 -21.70 14.37 42.05
C SER D 28 -22.88 15.20 41.61
N ARG D 29 -23.47 15.92 42.56
CA ARG D 29 -24.62 16.77 42.28
C ARG D 29 -24.20 17.93 41.37
N VAL D 30 -23.08 18.56 41.70
CA VAL D 30 -22.57 19.69 40.93
C VAL D 30 -22.69 19.43 39.43
N LEU D 31 -22.37 18.21 39.03
CA LEU D 31 -22.41 17.83 37.62
C LEU D 31 -23.80 17.40 37.16
N ARG D 32 -24.61 18.40 36.83
CA ARG D 32 -25.99 18.23 36.35
C ARG D 32 -26.59 19.59 36.01
N ASN D 33 -26.70 20.44 37.03
CA ASN D 33 -27.27 21.79 36.92
C ASN D 33 -28.79 21.75 36.95
N ARG D 34 -29.36 22.03 38.11
CA ARG D 34 -30.80 22.02 38.31
C ARG D 34 -31.18 22.37 39.74
N GLY D 35 -30.47 21.78 40.70
CA GLY D 35 -30.75 22.02 42.10
C GLY D 35 -29.94 23.10 42.79
N ASP D 36 -30.22 24.35 42.44
CA ASP D 36 -29.53 25.50 43.02
C ASP D 36 -28.01 25.34 43.11
N VAL D 37 -27.51 25.14 44.34
CA VAL D 37 -26.07 24.99 44.56
C VAL D 37 -25.34 26.21 44.00
N SER D 38 -25.05 27.17 44.87
CA SER D 38 -24.39 28.42 44.49
C SER D 38 -23.28 28.27 43.45
N ASP D 39 -23.01 29.36 42.74
CA ASP D 39 -21.97 29.40 41.72
C ASP D 39 -20.61 29.69 42.38
N ALA D 40 -20.53 29.38 43.67
CA ALA D 40 -19.31 29.58 44.45
C ALA D 40 -18.86 28.19 44.90
N THR D 41 -19.82 27.28 44.93
CA THR D 41 -19.59 25.90 45.33
C THR D 41 -19.75 24.99 44.11
N ARG D 42 -20.23 25.57 43.01
CA ARG D 42 -20.42 24.84 41.76
C ARG D 42 -19.35 25.30 40.77
N ALA D 43 -18.93 26.54 40.93
CA ALA D 43 -17.90 27.12 40.07
C ALA D 43 -16.56 26.64 40.58
N ARG D 44 -16.47 26.38 41.89
CA ARG D 44 -15.23 25.89 42.48
C ARG D 44 -14.99 24.43 42.09
N VAL D 45 -16.08 23.65 42.03
CA VAL D 45 -16.02 22.24 41.65
C VAL D 45 -15.54 22.13 40.22
N LEU D 46 -16.27 22.79 39.32
CA LEU D 46 -15.93 22.79 37.90
C LEU D 46 -14.55 23.41 37.68
N ALA D 47 -14.22 24.43 38.46
CA ALA D 47 -12.92 25.09 38.36
C ALA D 47 -11.82 24.11 38.74
N ALA D 48 -12.10 23.26 39.72
CA ALA D 48 -11.14 22.27 40.19
C ALA D 48 -10.91 21.17 39.14
N ALA D 49 -11.98 20.77 38.48
CA ALA D 49 -11.91 19.73 37.46
C ALA D 49 -11.11 20.18 36.26
N LYS D 50 -11.31 21.42 35.85
CA LYS D 50 -10.58 21.97 34.71
C LYS D 50 -9.08 21.96 35.00
N GLU D 51 -8.75 22.06 36.27
CA GLU D 51 -7.35 22.05 36.68
C GLU D 51 -6.76 20.65 36.56
N LEU D 52 -7.51 19.66 37.04
CA LEU D 52 -7.10 18.26 37.00
C LEU D 52 -7.14 17.65 35.61
N GLY D 53 -8.11 18.07 34.81
CA GLY D 53 -8.24 17.55 33.47
C GLY D 53 -9.47 16.65 33.40
N TYR D 54 -10.30 16.72 34.43
CA TYR D 54 -11.51 15.93 34.50
C TYR D 54 -12.58 16.55 33.61
N VAL D 55 -13.21 15.70 32.79
CA VAL D 55 -14.28 16.11 31.88
C VAL D 55 -15.55 15.41 32.35
N PRO D 56 -16.56 16.18 32.74
CA PRO D 56 -17.81 15.56 33.20
C PRO D 56 -18.40 14.65 32.12
N ASN D 57 -19.09 13.60 32.55
CA ASN D 57 -19.71 12.62 31.66
C ASN D 57 -21.06 13.15 31.16
N LYS D 58 -21.08 13.67 29.95
CA LYS D 58 -22.31 14.22 29.39
C LYS D 58 -23.26 13.13 28.88
N ILE D 59 -22.71 12.02 28.40
CA ILE D 59 -23.53 10.93 27.87
C ILE D 59 -24.45 10.27 28.91
N ALA D 60 -25.65 10.82 29.03
CA ALA D 60 -26.66 10.31 29.95
C ALA D 60 -27.99 10.27 29.20
N GLY D 61 -27.90 10.21 27.87
CA GLY D 61 -29.08 10.18 27.02
C GLY D 61 -29.80 8.86 26.93
N ALA D 62 -31.09 8.87 27.28
CA ALA D 62 -31.93 7.68 27.25
C ALA D 62 -32.61 7.58 25.89
N LEU D 63 -31.96 6.91 24.96
CA LEU D 63 -32.48 6.76 23.59
C LEU D 63 -32.95 8.10 23.03
N ALA D 64 -34.06 8.08 22.31
CA ALA D 64 -34.63 9.26 21.67
C ALA D 64 -34.85 10.47 22.60
N SER D 65 -35.19 10.22 23.86
CA SER D 65 -35.44 11.29 24.82
C SER D 65 -34.27 12.26 24.92
N ASN D 66 -33.26 11.91 25.73
CA ASN D 66 -32.11 12.79 25.86
C ASN D 66 -30.99 12.34 24.94
N ARG D 67 -30.50 13.27 24.14
CA ARG D 67 -29.45 12.99 23.17
C ARG D 67 -28.23 13.85 23.41
N VAL D 68 -27.05 13.34 23.08
CA VAL D 68 -25.82 14.09 23.26
C VAL D 68 -25.67 15.13 22.17
N ASN D 69 -24.79 16.09 22.45
CA ASN D 69 -24.49 17.21 21.56
C ASN D 69 -23.66 16.85 20.32
N LEU D 70 -23.74 15.60 19.88
CA LEU D 70 -22.97 15.16 18.72
C LEU D 70 -23.77 15.29 17.42
N VAL D 71 -23.12 15.76 16.38
CA VAL D 71 -23.74 15.89 15.08
C VAL D 71 -22.93 15.02 14.14
N ALA D 72 -23.53 13.91 13.70
CA ALA D 72 -22.87 12.95 12.82
C ALA D 72 -22.79 13.39 11.37
N VAL D 73 -21.57 13.53 10.89
CA VAL D 73 -21.33 13.90 9.49
C VAL D 73 -20.75 12.66 8.83
N ILE D 74 -21.54 12.05 7.94
CA ILE D 74 -21.12 10.85 7.25
C ILE D 74 -20.90 11.14 5.77
N ILE D 75 -19.65 11.07 5.37
CA ILE D 75 -19.21 11.35 4.02
C ILE D 75 -18.38 10.20 3.47
N PRO D 76 -18.27 10.10 2.14
CA PRO D 76 -17.50 9.02 1.48
C PRO D 76 -15.99 9.13 1.45
N SER D 77 -15.47 10.35 1.44
CA SER D 77 -14.05 10.56 1.35
C SER D 77 -13.55 11.87 1.94
N LEU D 78 -12.27 11.87 2.25
CA LEU D 78 -11.60 13.04 2.79
C LEU D 78 -10.32 13.17 1.99
N SER D 79 -10.18 12.29 0.99
CA SER D 79 -9.00 12.21 0.13
C SER D 79 -9.06 12.98 -1.17
N ASN D 80 -10.24 13.16 -1.74
CA ASN D 80 -10.33 13.97 -2.95
C ASN D 80 -10.14 15.34 -2.32
N MSE D 81 -10.81 16.37 -2.80
CA MSE D 81 -10.61 17.65 -2.15
C MSE D 81 -11.93 18.37 -2.08
O MSE D 81 -11.99 19.59 -2.10
CB MSE D 81 -9.59 18.46 -2.91
CG MSE D 81 -8.27 17.75 -3.02
SE MSE D 81 -6.92 18.73 -3.99
CE MSE D 81 -7.40 18.20 -5.81
N VAL D 82 -12.99 17.59 -1.96
CA VAL D 82 -14.33 18.12 -1.92
C VAL D 82 -14.88 18.40 -0.53
N PHE D 83 -15.00 17.34 0.27
CA PHE D 83 -15.58 17.42 1.60
C PHE D 83 -14.87 18.21 2.68
N PRO D 84 -13.55 18.45 2.55
CA PRO D 84 -12.89 19.22 3.61
C PRO D 84 -13.51 20.63 3.68
N GLU D 85 -13.83 21.19 2.51
CA GLU D 85 -14.44 22.51 2.43
C GLU D 85 -15.84 22.44 3.05
N VAL D 86 -16.55 21.36 2.74
CA VAL D 86 -17.88 21.15 3.29
C VAL D 86 -17.79 21.10 4.83
N LEU D 87 -16.76 20.47 5.36
CA LEU D 87 -16.63 20.39 6.80
C LEU D 87 -16.36 21.77 7.36
N THR D 88 -15.69 22.60 6.57
CA THR D 88 -15.38 23.96 6.98
C THR D 88 -16.66 24.77 7.15
N GLY D 89 -17.62 24.61 6.23
CA GLY D 89 -18.87 25.33 6.33
C GLY D 89 -19.70 24.81 7.49
N ILE D 90 -19.63 23.50 7.73
CA ILE D 90 -20.38 22.91 8.83
C ILE D 90 -19.89 23.50 10.15
N ASN D 91 -18.57 23.57 10.29
CA ASN D 91 -17.95 24.11 11.51
C ASN D 91 -18.20 25.61 11.72
N GLN D 92 -18.09 26.42 10.67
CA GLN D 92 -18.34 27.85 10.80
C GLN D 92 -19.72 28.08 11.44
N VAL D 93 -20.69 27.26 11.06
CA VAL D 93 -22.05 27.40 11.56
C VAL D 93 -22.28 26.83 12.95
N LEU D 94 -21.80 25.62 13.21
CA LEU D 94 -22.03 25.01 14.51
C LEU D 94 -21.12 25.55 15.60
N GLU D 95 -20.12 26.31 15.20
CA GLU D 95 -19.16 26.88 16.15
C GLU D 95 -19.82 27.71 17.24
N ASP D 96 -20.78 28.54 16.86
CA ASP D 96 -21.47 29.39 17.82
C ASP D 96 -22.60 28.67 18.54
N THR D 97 -22.80 27.38 18.22
CA THR D 97 -23.84 26.59 18.85
C THR D 97 -23.17 25.69 19.87
N GLU D 98 -23.97 24.88 20.56
CA GLU D 98 -23.45 23.97 21.55
C GLU D 98 -23.26 22.59 20.91
N LEU D 99 -23.50 22.51 19.61
CA LEU D 99 -23.37 21.26 18.87
C LEU D 99 -21.95 21.03 18.36
N GLN D 100 -21.51 19.77 18.44
CA GLN D 100 -20.18 19.39 17.98
C GLN D 100 -20.30 18.32 16.88
N PRO D 101 -19.83 18.63 15.67
CA PRO D 101 -19.87 17.71 14.53
C PRO D 101 -18.65 16.80 14.47
N VAL D 102 -18.88 15.51 14.20
CA VAL D 102 -17.76 14.57 14.08
C VAL D 102 -17.92 13.80 12.78
N VAL D 103 -16.81 13.54 12.09
CA VAL D 103 -16.85 12.89 10.80
C VAL D 103 -16.61 11.37 10.70
N GLY D 104 -17.50 10.71 9.97
CA GLY D 104 -17.40 9.28 9.74
C GLY D 104 -17.22 9.07 8.25
N VAL D 105 -16.21 8.28 7.89
CA VAL D 105 -15.89 7.98 6.49
C VAL D 105 -16.43 6.62 6.03
N THR D 106 -17.08 6.61 4.86
CA THR D 106 -17.70 5.42 4.29
C THR D 106 -17.01 4.79 3.07
N ASP D 107 -16.11 5.53 2.44
CA ASP D 107 -15.42 5.05 1.23
C ASP D 107 -16.37 4.75 0.07
N TYR D 108 -17.52 5.41 0.07
CA TYR D 108 -18.51 5.23 -0.99
C TYR D 108 -19.19 3.87 -0.93
N LEU D 109 -18.80 3.05 0.05
CA LEU D 109 -19.35 1.71 0.21
C LEU D 109 -20.68 1.74 0.94
N PRO D 110 -21.76 1.34 0.25
CA PRO D 110 -23.06 1.35 0.93
C PRO D 110 -23.09 0.49 2.19
N GLU D 111 -22.37 -0.62 2.19
CA GLU D 111 -22.33 -1.49 3.36
C GLU D 111 -21.57 -0.77 4.47
N LYS D 112 -20.52 -0.05 4.12
CA LYS D 112 -19.75 0.67 5.13
C LYS D 112 -20.52 1.89 5.64
N GLU D 113 -21.34 2.51 4.80
CA GLU D 113 -22.11 3.65 5.24
C GLU D 113 -23.12 3.17 6.26
N GLU D 114 -23.69 2.00 6.00
CA GLU D 114 -24.68 1.39 6.87
C GLU D 114 -24.09 1.10 8.24
N LYS D 115 -22.86 0.65 8.27
CA LYS D 115 -22.23 0.35 9.56
C LYS D 115 -21.90 1.61 10.34
N VAL D 116 -21.33 2.60 9.68
CA VAL D 116 -20.98 3.86 10.32
C VAL D 116 -22.25 4.54 10.86
N LEU D 117 -23.32 4.52 10.06
CA LEU D 117 -24.57 5.14 10.47
C LEU D 117 -25.12 4.50 11.73
N TYR D 118 -25.08 3.17 11.77
CA TYR D 118 -25.56 2.39 12.90
C TYR D 118 -24.78 2.75 14.16
N GLU D 119 -23.45 2.70 14.08
CA GLU D 119 -22.60 3.01 15.21
C GLU D 119 -22.81 4.40 15.78
N MSE D 120 -22.93 5.39 14.91
CA MSE D 120 -23.11 6.76 15.34
C MSE D 120 -24.50 7.02 15.92
O MSE D 120 -24.64 7.76 16.88
CB MSE D 120 -22.80 7.72 14.18
CG MSE D 120 -21.33 7.64 13.81
SE MSE D 120 -20.68 8.90 12.47
CE MSE D 120 -20.39 10.41 13.64
N LEU D 121 -25.52 6.37 15.36
CA LEU D 121 -26.87 6.52 15.86
C LEU D 121 -27.00 5.81 17.21
N SER D 122 -26.20 4.76 17.41
CA SER D 122 -26.26 4.03 18.66
C SER D 122 -25.70 4.92 19.77
N TRP D 123 -25.14 6.06 19.39
CA TRP D 123 -24.60 7.01 20.36
C TRP D 123 -25.63 8.09 20.66
N ARG D 124 -26.77 8.01 19.99
CA ARG D 124 -27.89 8.95 20.16
C ARG D 124 -27.52 10.41 19.92
N PRO D 125 -26.93 10.72 18.74
CA PRO D 125 -26.54 12.08 18.41
C PRO D 125 -27.74 13.01 18.29
N SER D 126 -27.46 14.30 18.11
CA SER D 126 -28.52 15.28 17.98
C SER D 126 -29.02 15.42 16.56
N GLY D 127 -28.12 15.16 15.61
CA GLY D 127 -28.51 15.29 14.21
C GLY D 127 -27.55 14.59 13.27
N VAL D 128 -27.98 14.43 12.03
CA VAL D 128 -27.17 13.75 11.04
C VAL D 128 -27.05 14.51 9.75
N ILE D 129 -25.84 14.56 9.22
CA ILE D 129 -25.57 15.20 7.92
C ILE D 129 -24.84 14.10 7.13
N ILE D 130 -25.52 13.55 6.13
CA ILE D 130 -24.97 12.46 5.34
C ILE D 130 -24.95 12.79 3.86
N ALA D 131 -23.89 12.36 3.19
CA ALA D 131 -23.74 12.61 1.76
C ALA D 131 -24.58 11.69 0.88
N GLY D 132 -25.17 12.26 -0.16
CA GLY D 132 -25.92 11.48 -1.12
C GLY D 132 -27.36 11.11 -0.84
N LEU D 133 -28.04 10.67 -1.89
CA LEU D 133 -29.44 10.27 -1.82
C LEU D 133 -29.62 8.76 -1.95
N GLU D 134 -28.52 8.04 -2.13
CA GLU D 134 -28.57 6.59 -2.24
C GLU D 134 -28.08 5.90 -0.96
N HIS D 135 -28.86 4.94 -0.46
CA HIS D 135 -28.48 4.22 0.75
C HIS D 135 -28.93 2.76 0.65
N SER D 136 -28.40 1.91 1.54
CA SER D 136 -28.68 0.47 1.54
C SER D 136 -30.05 -0.07 2.01
N GLU D 137 -31.08 0.77 2.05
CA GLU D 137 -32.38 0.27 2.51
C GLU D 137 -32.39 0.09 4.02
N ALA D 138 -31.43 -0.65 4.55
CA ALA D 138 -31.33 -0.81 6.00
C ALA D 138 -30.89 0.56 6.53
N ALA D 139 -30.02 1.23 5.78
CA ALA D 139 -29.53 2.55 6.13
C ALA D 139 -30.67 3.55 5.97
N ARG D 140 -31.46 3.35 4.92
CA ARG D 140 -32.61 4.23 4.67
C ARG D 140 -33.62 4.06 5.82
N ALA D 141 -33.83 2.81 6.24
CA ALA D 141 -34.76 2.56 7.35
C ALA D 141 -34.26 3.28 8.60
N MSE D 142 -32.95 3.21 8.79
CA MSE D 142 -32.26 3.82 9.92
C MSE D 142 -32.48 5.34 9.93
O MSE D 142 -32.82 5.92 10.95
CB MSE D 142 -30.78 3.48 9.79
CG MSE D 142 -30.14 2.99 11.04
SE MSE D 142 -28.69 1.75 10.66
CE MSE D 142 -27.93 2.51 9.08
N LEU D 143 -32.26 5.97 8.78
CA LEU D 143 -32.43 7.41 8.67
C LEU D 143 -33.90 7.79 8.80
N ASP D 144 -34.76 6.90 8.32
CA ASP D 144 -36.20 7.12 8.34
C ASP D 144 -36.77 7.04 9.75
N ALA D 145 -36.17 6.21 10.60
CA ALA D 145 -36.64 6.00 11.97
C ALA D 145 -35.87 6.80 13.02
N ALA D 146 -34.95 7.65 12.57
CA ALA D 146 -34.14 8.45 13.50
C ALA D 146 -34.95 9.69 13.88
N GLY D 147 -35.42 9.73 15.13
CA GLY D 147 -36.21 10.87 15.56
C GLY D 147 -35.43 12.15 15.71
N ILE D 148 -34.50 12.39 14.79
CA ILE D 148 -33.67 13.59 14.81
C ILE D 148 -33.58 14.11 13.40
N PRO D 149 -33.17 15.38 13.25
CA PRO D 149 -33.01 16.05 11.96
C PRO D 149 -31.95 15.37 11.10
N VAL D 150 -32.33 15.01 9.88
CA VAL D 150 -31.45 14.37 8.92
C VAL D 150 -31.35 15.25 7.69
N VAL D 151 -30.13 15.51 7.24
CA VAL D 151 -29.92 16.31 6.05
C VAL D 151 -28.99 15.57 5.08
N GLU D 152 -29.47 15.33 3.86
CA GLU D 152 -28.65 14.67 2.85
C GLU D 152 -28.04 15.78 2.00
N ILE D 153 -26.73 15.69 1.77
CA ILE D 153 -26.03 16.72 1.04
C ILE D 153 -25.39 16.38 -0.29
N MSE D 154 -25.12 17.43 -1.06
CA MSE D 154 -24.45 17.41 -2.37
C MSE D 154 -25.33 17.15 -3.61
O MSE D 154 -25.00 17.59 -4.70
CB MSE D 154 -23.30 16.39 -2.42
CG MSE D 154 -22.34 16.42 -1.24
SE MSE D 154 -21.49 18.14 -0.89
CE MSE D 154 -20.15 18.12 -2.28
N ASP D 155 -26.42 16.41 -3.40
CA ASP D 155 -27.29 16.00 -4.50
C ASP D 155 -28.75 16.44 -4.38
N SER D 156 -29.28 17.05 -5.45
CA SER D 156 -30.66 17.51 -5.49
C SER D 156 -31.53 16.59 -6.38
N ASP D 157 -30.87 15.85 -7.27
CA ASP D 157 -31.56 14.92 -8.19
C ASP D 157 -32.15 13.70 -7.47
N GLY D 158 -33.25 13.88 -6.75
CA GLY D 158 -33.85 12.76 -6.07
C GLY D 158 -34.71 13.11 -4.87
N LYS D 159 -35.27 12.10 -4.23
CA LYS D 159 -36.14 12.29 -3.06
C LYS D 159 -35.31 12.11 -1.78
N PRO D 160 -35.40 13.08 -0.86
CA PRO D 160 -34.66 12.99 0.41
C PRO D 160 -35.47 12.28 1.47
N VAL D 161 -34.80 11.82 2.52
CA VAL D 161 -35.49 11.15 3.62
C VAL D 161 -36.15 12.29 4.40
N ASP D 162 -35.36 13.32 4.64
CA ASP D 162 -35.77 14.50 5.37
C ASP D 162 -34.68 15.53 5.10
N ALA D 163 -35.07 16.73 4.70
CA ALA D 163 -34.09 17.78 4.48
C ALA D 163 -33.01 17.42 3.46
N MSE D 164 -32.68 18.38 2.60
CA MSE D 164 -31.69 18.16 1.57
C MSE D 164 -31.09 19.48 1.09
O MSE D 164 -31.81 20.48 0.95
CB MSE D 164 -32.36 17.42 0.41
CG MSE D 164 -31.65 17.45 -0.92
SE MSE D 164 -32.88 16.76 -2.26
CE MSE D 164 -33.76 18.41 -2.77
N VAL D 165 -29.78 19.47 0.87
CA VAL D 165 -29.06 20.64 0.40
C VAL D 165 -28.03 20.14 -0.61
N GLY D 166 -28.09 20.62 -1.85
CA GLY D 166 -27.14 20.19 -2.85
C GLY D 166 -27.40 20.80 -4.21
N ILE D 167 -26.71 20.29 -5.23
CA ILE D 167 -26.90 20.79 -6.58
C ILE D 167 -27.41 19.65 -7.44
N SER D 168 -27.83 19.98 -8.64
CA SER D 168 -28.29 18.97 -9.58
C SER D 168 -27.06 18.56 -10.41
N HIS D 169 -26.65 17.30 -10.28
CA HIS D 169 -25.49 16.82 -11.00
C HIS D 169 -25.83 16.55 -12.44
N ARG D 170 -27.11 16.29 -12.71
CA ARG D 170 -27.56 16.08 -14.09
C ARG D 170 -27.38 17.43 -14.81
N ARG D 171 -27.92 18.48 -14.20
CA ARG D 171 -27.80 19.81 -14.78
C ARG D 171 -26.35 20.20 -14.99
N ALA D 172 -25.48 19.86 -14.04
CA ALA D 172 -24.07 20.19 -14.18
C ALA D 172 -23.50 19.53 -15.43
N GLY D 173 -23.83 18.26 -15.67
CA GLY D 173 -23.33 17.60 -16.87
C GLY D 173 -23.92 18.18 -18.16
N ARG D 174 -25.22 18.48 -18.13
CA ARG D 174 -25.90 19.07 -19.30
C ARG D 174 -25.30 20.43 -19.58
N GLU D 175 -25.20 21.24 -18.53
CA GLU D 175 -24.65 22.57 -18.61
C GLU D 175 -23.27 22.55 -19.30
N MSE D 176 -22.37 21.66 -18.86
CA MSE D 176 -21.04 21.59 -19.44
C MSE D 176 -21.07 21.12 -20.88
O MSE D 176 -20.30 21.59 -21.71
CB MSE D 176 -20.12 20.67 -18.62
CG MSE D 176 -18.66 20.65 -19.09
SE MSE D 176 -17.73 22.39 -19.04
CE MSE D 176 -17.74 22.64 -17.11
N ALA D 177 -21.94 20.16 -21.19
CA ALA D 177 -22.06 19.67 -22.56
C ALA D 177 -22.48 20.82 -23.49
N GLN D 178 -23.44 21.63 -23.03
CA GLN D 178 -23.90 22.79 -23.81
C GLN D 178 -22.75 23.73 -24.12
N ALA D 179 -21.92 24.02 -23.12
CA ALA D 179 -20.77 24.91 -23.29
C ALA D 179 -19.77 24.42 -24.33
N ILE D 180 -19.48 23.12 -24.30
CA ILE D 180 -18.53 22.50 -25.22
C ILE D 180 -19.05 22.49 -26.66
N LEU D 181 -20.35 22.26 -26.83
CA LEU D 181 -20.91 22.24 -28.15
C LEU D 181 -20.89 23.67 -28.69
N LYS D 182 -21.30 24.63 -27.86
CA LYS D 182 -21.31 26.04 -28.26
C LYS D 182 -19.90 26.52 -28.59
N ALA D 183 -18.91 25.95 -27.92
CA ALA D 183 -17.52 26.35 -28.17
C ALA D 183 -17.03 25.73 -29.48
N GLY D 184 -17.83 24.84 -30.05
CA GLY D 184 -17.45 24.22 -31.30
C GLY D 184 -16.68 22.91 -31.25
N TYR D 185 -16.69 22.24 -30.09
CA TYR D 185 -15.97 20.97 -29.97
C TYR D 185 -16.79 19.77 -30.44
N ARG D 186 -16.11 18.82 -31.07
CA ARG D 186 -16.70 17.57 -31.55
C ARG D 186 -15.58 16.59 -31.20
N ARG D 187 -15.78 15.28 -31.35
CA ARG D 187 -14.69 14.38 -30.98
C ARG D 187 -14.35 14.62 -29.49
N ILE D 188 -15.27 14.20 -28.63
CA ILE D 188 -15.12 14.39 -27.19
C ILE D 188 -14.71 13.13 -26.44
N GLY D 189 -13.90 13.32 -25.39
CA GLY D 189 -13.46 12.20 -24.58
C GLY D 189 -13.91 12.39 -23.14
N PHE D 190 -14.11 11.29 -22.41
CA PHE D 190 -14.54 11.38 -21.03
C PHE D 190 -13.75 10.43 -20.14
N MSE D 191 -13.43 10.90 -18.95
CA MSE D 191 -12.69 10.12 -17.97
C MSE D 191 -13.28 10.43 -16.61
O MSE D 191 -13.38 11.60 -16.24
CB MSE D 191 -11.21 10.48 -18.01
CG MSE D 191 -10.55 10.18 -19.34
SE MSE D 191 -8.75 10.85 -19.50
CE MSE D 191 -9.10 12.44 -20.56
N GLY D 192 -13.68 9.38 -15.90
CA GLY D 192 -14.24 9.54 -14.57
C GLY D 192 -13.67 8.48 -13.64
N THR D 193 -13.59 8.81 -12.36
CA THR D 193 -13.08 7.90 -11.35
C THR D 193 -14.22 7.60 -10.41
N LYS D 194 -13.97 6.72 -9.45
CA LYS D 194 -14.98 6.29 -8.49
C LYS D 194 -16.27 5.85 -9.14
N MSE D 195 -16.17 5.20 -10.28
CA MSE D 195 -17.38 4.72 -10.91
C MSE D 195 -17.33 3.19 -10.87
O MSE D 195 -16.30 2.58 -11.14
CB MSE D 195 -17.50 5.29 -12.32
CG MSE D 195 -18.09 6.70 -12.24
SE MSE D 195 -17.80 7.89 -13.72
CE MSE D 195 -19.53 7.76 -14.57
N PRO D 196 -18.46 2.54 -10.58
CA PRO D 196 -19.79 3.10 -10.29
C PRO D 196 -20.11 3.61 -8.88
N LEU D 197 -19.21 3.51 -7.92
CA LEU D 197 -19.58 3.93 -6.56
C LEU D 197 -20.07 5.37 -6.33
N ASP D 198 -19.57 6.34 -7.10
CA ASP D 198 -19.97 7.74 -6.94
C ASP D 198 -21.14 8.13 -7.86
N TYR D 199 -22.35 8.07 -7.32
CA TYR D 199 -23.57 8.37 -8.07
C TYR D 199 -23.65 9.76 -8.66
N ARG D 200 -23.09 10.74 -7.97
CA ARG D 200 -23.10 12.12 -8.45
C ARG D 200 -22.29 12.19 -9.74
N ALA D 201 -21.10 11.60 -9.75
CA ALA D 201 -20.28 11.63 -10.96
C ALA D 201 -21.05 10.96 -12.08
N ARG D 202 -21.75 9.87 -11.76
CA ARG D 202 -22.52 9.15 -12.77
C ARG D 202 -23.60 10.07 -13.33
N LYS D 203 -24.29 10.80 -12.46
CA LYS D 203 -25.36 11.68 -12.91
C LYS D 203 -24.86 12.80 -13.80
N ARG D 204 -23.64 13.27 -13.57
CA ARG D 204 -23.05 14.31 -14.38
C ARG D 204 -22.72 13.75 -15.76
N PHE D 205 -22.25 12.50 -15.79
CA PHE D 205 -21.91 11.87 -17.06
C PHE D 205 -23.20 11.72 -17.86
N GLU D 206 -24.26 11.33 -17.16
CA GLU D 206 -25.56 11.12 -17.78
C GLU D 206 -26.04 12.39 -18.44
N GLY D 207 -26.08 13.48 -17.67
CA GLY D 207 -26.50 14.77 -18.20
C GLY D 207 -25.62 15.23 -19.35
N PHE D 208 -24.33 15.02 -19.21
CA PHE D 208 -23.37 15.41 -20.23
C PHE D 208 -23.73 14.71 -21.54
N THR D 209 -23.82 13.38 -21.45
CA THR D 209 -24.14 12.50 -22.58
C THR D 209 -25.48 12.85 -23.24
N GLU D 210 -26.47 13.09 -22.42
CA GLU D 210 -27.82 13.42 -22.87
C GLU D 210 -27.81 14.60 -23.84
N VAL D 211 -27.25 15.72 -23.40
CA VAL D 211 -27.21 16.90 -24.25
C VAL D 211 -26.40 16.68 -25.52
N LEU D 212 -25.25 16.02 -25.41
CA LEU D 212 -24.46 15.73 -26.60
C LEU D 212 -25.33 14.94 -27.57
N GLY D 213 -26.07 13.97 -27.02
CA GLY D 213 -26.94 13.14 -27.83
C GLY D 213 -28.02 13.95 -28.53
N LYS D 214 -28.68 14.83 -27.79
CA LYS D 214 -29.73 15.68 -28.36
C LYS D 214 -29.18 16.50 -29.52
N ASN D 215 -27.91 16.89 -29.45
CA ASN D 215 -27.32 17.67 -30.52
C ASN D 215 -26.64 16.76 -31.53
N GLY D 216 -27.07 15.51 -31.58
CA GLY D 216 -26.54 14.52 -32.52
C GLY D 216 -25.06 14.15 -32.47
N VAL D 217 -24.46 14.20 -31.28
CA VAL D 217 -23.05 13.85 -31.12
C VAL D 217 -22.86 12.89 -29.96
N GLU D 218 -21.94 11.94 -30.11
CA GLU D 218 -21.72 10.99 -29.02
C GLU D 218 -20.24 10.84 -28.69
N ILE D 219 -19.93 10.71 -27.40
CA ILE D 219 -18.56 10.55 -26.92
C ILE D 219 -17.76 9.64 -27.85
N GLU D 220 -16.56 10.09 -28.26
CA GLU D 220 -15.74 9.29 -29.14
C GLU D 220 -14.89 8.30 -28.35
N ASP D 221 -14.64 8.60 -27.09
CA ASP D 221 -13.84 7.72 -26.26
C ASP D 221 -14.08 7.99 -24.78
N ARG D 222 -14.27 6.94 -24.00
CA ARG D 222 -14.49 7.11 -22.58
C ARG D 222 -13.69 6.11 -21.77
N GLU D 223 -13.37 6.49 -20.53
CA GLU D 223 -12.63 5.62 -19.66
C GLU D 223 -13.21 5.73 -18.28
N PHE D 224 -13.66 4.61 -17.75
CA PHE D 224 -14.21 4.59 -16.40
C PHE D 224 -13.20 3.86 -15.53
N TYR D 225 -13.01 4.35 -14.32
CA TYR D 225 -12.09 3.77 -13.35
C TYR D 225 -12.84 3.72 -12.03
N SER D 226 -12.77 2.59 -11.33
CA SER D 226 -13.50 2.45 -10.08
C SER D 226 -12.73 2.83 -8.83
N GLY D 227 -11.43 3.08 -8.99
CA GLY D 227 -10.61 3.46 -7.86
C GLY D 227 -10.68 4.97 -7.65
N GLY D 228 -9.95 5.45 -6.66
CA GLY D 228 -9.97 6.86 -6.33
C GLY D 228 -9.32 7.88 -7.25
N SER D 229 -9.71 9.14 -7.02
CA SER D 229 -9.18 10.25 -7.78
C SER D 229 -7.73 10.51 -7.37
N ALA D 230 -6.92 10.98 -8.31
CA ALA D 230 -5.52 11.27 -8.03
C ALA D 230 -4.97 11.86 -9.31
N LEU D 231 -3.98 12.74 -9.20
CA LEU D 231 -3.39 13.37 -10.37
C LEU D 231 -2.69 12.37 -11.29
N ALA D 232 -2.01 11.39 -10.70
CA ALA D 232 -1.30 10.38 -11.48
C ALA D 232 -2.28 9.60 -12.32
N LYS D 233 -3.46 9.31 -11.78
CA LYS D 233 -4.46 8.56 -12.52
C LYS D 233 -4.92 9.36 -13.74
N GLY D 234 -5.12 10.66 -13.56
CA GLY D 234 -5.52 11.51 -14.66
C GLY D 234 -4.49 11.50 -15.78
N ARG D 235 -3.21 11.56 -15.42
CA ARG D 235 -2.15 11.52 -16.42
C ARG D 235 -2.19 10.21 -17.20
N GLU D 236 -2.25 9.09 -16.49
CA GLU D 236 -2.28 7.78 -17.15
C GLU D 236 -3.47 7.63 -18.09
N MSE D 237 -4.66 7.93 -17.61
CA MSE D 237 -5.84 7.81 -18.47
C MSE D 237 -5.75 8.73 -19.66
O MSE D 237 -6.12 8.34 -20.78
CB MSE D 237 -7.10 8.12 -17.67
CG MSE D 237 -7.36 7.11 -16.59
SE MSE D 237 -8.86 7.62 -15.50
CE MSE D 237 -10.28 6.93 -16.62
N THR D 238 -5.25 9.94 -19.44
CA THR D 238 -5.15 10.91 -20.52
C THR D 238 -4.17 10.48 -21.58
N GLN D 239 -3.01 10.01 -21.15
CA GLN D 239 -1.99 9.57 -22.08
C GLN D 239 -2.54 8.41 -22.93
N ALA D 240 -2.99 7.36 -22.26
CA ALA D 240 -3.55 6.20 -22.94
C ALA D 240 -4.72 6.55 -23.88
N MSE D 241 -5.54 7.52 -23.51
CA MSE D 241 -6.67 7.87 -24.37
C MSE D 241 -6.21 8.52 -25.67
O MSE D 241 -6.65 8.14 -26.74
CB MSE D 241 -7.65 8.79 -23.64
CG MSE D 241 -8.93 9.03 -24.43
SE MSE D 241 -10.31 9.98 -23.43
CE MSE D 241 -11.09 8.46 -22.50
N LEU D 242 -5.32 9.51 -25.57
CA LEU D 242 -4.82 10.17 -26.78
C LEU D 242 -4.02 9.19 -27.62
N GLU D 243 -3.60 8.11 -26.98
CA GLU D 243 -2.84 7.05 -27.62
C GLU D 243 -3.84 6.33 -28.53
N ARG D 244 -5.02 6.08 -27.99
CA ARG D 244 -6.10 5.42 -28.72
C ARG D 244 -6.76 6.37 -29.71
N SER D 245 -7.17 7.53 -29.22
CA SER D 245 -7.87 8.52 -30.04
C SER D 245 -7.10 9.85 -30.12
N PRO D 246 -6.10 9.90 -31.00
CA PRO D 246 -5.27 11.09 -31.19
C PRO D 246 -5.98 12.34 -31.73
N ASP D 247 -7.14 12.17 -32.37
CA ASP D 247 -7.82 13.32 -32.93
C ASP D 247 -8.92 13.94 -32.09
N LEU D 248 -8.81 13.78 -30.77
CA LEU D 248 -9.81 14.35 -29.88
C LEU D 248 -9.56 15.84 -29.71
N ASP D 249 -10.63 16.64 -29.64
CA ASP D 249 -10.41 18.05 -29.45
C ASP D 249 -10.83 18.47 -28.04
N PHE D 250 -11.50 17.56 -27.32
CA PHE D 250 -11.91 17.89 -25.96
C PHE D 250 -11.98 16.71 -25.01
N LEU D 251 -11.46 16.92 -23.79
CA LEU D 251 -11.46 15.93 -22.74
C LEU D 251 -12.21 16.49 -21.54
N TYR D 252 -13.28 15.80 -21.15
CA TYR D 252 -14.05 16.21 -19.99
C TYR D 252 -13.81 15.17 -18.88
N TYR D 253 -13.54 15.65 -17.67
CA TYR D 253 -13.24 14.80 -16.51
C TYR D 253 -14.28 14.90 -15.43
N SER D 254 -14.43 13.82 -14.65
CA SER D 254 -15.41 13.80 -13.58
C SER D 254 -15.03 14.76 -12.43
N ASN D 255 -13.75 15.07 -12.29
CA ASN D 255 -13.31 16.01 -11.25
C ASN D 255 -12.02 16.71 -11.62
N ASP D 256 -11.74 17.81 -10.91
CA ASP D 256 -10.55 18.63 -11.13
C ASP D 256 -9.20 17.92 -10.93
N MSE D 257 -9.13 17.06 -9.93
CA MSE D 257 -7.91 16.34 -9.63
C MSE D 257 -7.39 15.54 -10.83
O MSE D 257 -6.26 15.77 -11.27
CB MSE D 257 -8.14 15.42 -8.44
CG MSE D 257 -6.89 14.98 -7.72
SE MSE D 257 -7.27 14.64 -5.82
CE MSE D 257 -5.70 15.51 -5.08
N ILE D 258 -8.18 14.64 -11.38
CA ILE D 258 -7.72 13.89 -12.53
C ILE D 258 -7.55 14.81 -13.75
N ALA D 259 -8.35 15.88 -13.80
CA ALA D 259 -8.25 16.82 -14.93
C ALA D 259 -6.92 17.57 -14.81
N ALA D 260 -6.49 17.84 -13.58
CA ALA D 260 -5.22 18.55 -13.36
C ALA D 260 -4.06 17.69 -13.85
N GLY D 261 -4.16 16.38 -13.62
CA GLY D 261 -3.12 15.47 -14.06
C GLY D 261 -3.09 15.45 -15.56
N GLY D 262 -4.27 15.42 -16.18
CA GLY D 262 -4.36 15.40 -17.63
C GLY D 262 -3.83 16.69 -18.21
N LEU D 263 -4.11 17.80 -17.54
CA LEU D 263 -3.66 19.11 -17.97
C LEU D 263 -2.13 19.15 -18.00
N LEU D 264 -1.50 18.73 -16.91
CA LEU D 264 -0.04 18.74 -16.83
C LEU D 264 0.60 17.85 -17.89
N TYR D 265 -0.05 16.74 -18.21
CA TYR D 265 0.52 15.86 -19.22
C TYR D 265 0.45 16.51 -20.59
N LEU D 266 -0.66 17.19 -20.87
CA LEU D 266 -0.81 17.85 -22.16
C LEU D 266 0.19 19.00 -22.33
N LEU D 267 0.31 19.85 -21.32
CA LEU D 267 1.26 20.95 -21.38
C LEU D 267 2.67 20.39 -21.60
N GLU D 268 3.02 19.39 -20.81
CA GLU D 268 4.31 18.72 -20.88
C GLU D 268 4.60 18.17 -22.28
N GLN D 269 3.53 17.86 -23.02
CA GLN D 269 3.66 17.34 -24.38
C GLN D 269 3.67 18.50 -25.39
N GLY D 270 3.46 19.70 -24.89
CA GLY D 270 3.45 20.86 -25.78
C GLY D 270 2.21 20.99 -26.65
N ILE D 271 1.18 20.20 -26.36
CA ILE D 271 -0.06 20.28 -27.11
C ILE D 271 -0.73 21.61 -26.74
N ASP D 272 -1.34 22.26 -27.72
CA ASP D 272 -1.97 23.54 -27.49
C ASP D 272 -3.37 23.51 -26.83
N ILE D 273 -3.50 24.22 -25.71
CA ILE D 273 -4.74 24.29 -24.97
C ILE D 273 -5.29 25.72 -24.97
N PRO D 274 -6.53 25.93 -25.42
CA PRO D 274 -7.46 24.92 -25.93
C PRO D 274 -7.40 24.78 -27.45
N GLY D 275 -6.41 25.42 -28.06
CA GLY D 275 -6.23 25.38 -29.50
C GLY D 275 -6.41 24.00 -30.12
N GLN D 276 -5.66 23.02 -29.66
CA GLN D 276 -5.81 21.68 -30.21
C GLN D 276 -6.83 20.92 -29.36
N ILE D 277 -6.67 21.00 -28.04
CA ILE D 277 -7.57 20.30 -27.14
C ILE D 277 -8.04 21.15 -25.97
N GLY D 278 -9.35 21.14 -25.73
CA GLY D 278 -9.89 21.87 -24.59
C GLY D 278 -10.13 20.86 -23.48
N LEU D 279 -10.24 21.33 -22.24
CA LEU D 279 -10.48 20.44 -21.11
C LEU D 279 -11.39 21.11 -20.09
N ALA D 280 -12.02 20.30 -19.27
CA ALA D 280 -12.90 20.79 -18.21
C ALA D 280 -12.98 19.73 -17.13
N GLY D 281 -13.23 20.15 -15.90
CA GLY D 281 -13.35 19.21 -14.81
C GLY D 281 -14.61 19.55 -14.05
N PHE D 282 -14.59 19.35 -12.74
CA PHE D 282 -15.75 19.67 -11.90
C PHE D 282 -15.29 19.79 -10.44
N ASN D 283 -15.97 20.68 -9.70
CA ASN D 283 -15.75 20.96 -8.27
C ASN D 283 -15.22 22.36 -7.95
N ASN D 284 -14.34 22.86 -8.81
CA ASN D 284 -13.71 24.16 -8.64
C ASN D 284 -12.89 24.20 -7.33
N VAL D 285 -11.86 23.36 -7.25
CA VAL D 285 -11.02 23.28 -6.06
C VAL D 285 -9.90 24.34 -6.12
N GLU D 286 -9.53 24.92 -4.98
CA GLU D 286 -8.48 25.95 -4.90
C GLU D 286 -7.19 25.62 -5.65
N LEU D 287 -6.63 24.45 -5.37
CA LEU D 287 -5.41 24.00 -6.04
C LEU D 287 -5.48 24.20 -7.54
N LEU D 288 -6.68 24.14 -8.08
CA LEU D 288 -6.87 24.29 -9.51
C LEU D 288 -6.32 25.62 -10.01
N GLN D 289 -6.57 26.70 -9.27
CA GLN D 289 -6.11 28.02 -9.66
C GLN D 289 -4.62 28.23 -9.41
N GLY D 290 -3.97 27.25 -8.80
CA GLY D 290 -2.55 27.40 -8.54
C GLY D 290 -1.69 26.85 -9.66
N LEU D 291 -2.34 26.37 -10.71
CA LEU D 291 -1.63 25.80 -11.85
C LEU D 291 -1.26 26.82 -12.93
N PRO D 292 -0.38 26.41 -13.88
CA PRO D 292 0.08 27.24 -14.99
C PRO D 292 -1.04 27.64 -15.94
N ARG D 293 -2.18 26.97 -15.80
CA ARG D 293 -3.33 27.26 -16.63
C ARG D 293 -4.61 27.12 -15.80
N LYS D 294 -5.61 27.94 -16.12
CA LYS D 294 -6.87 27.89 -15.41
C LYS D 294 -7.86 26.99 -16.15
N LEU D 295 -8.07 25.83 -15.56
CA LEU D 295 -8.94 24.79 -16.08
C LEU D 295 -10.42 25.09 -15.89
N ALA D 296 -11.20 24.79 -16.92
CA ALA D 296 -12.65 24.98 -16.91
C ALA D 296 -13.21 23.98 -15.90
N THR D 297 -14.20 24.41 -15.12
CA THR D 297 -14.76 23.57 -14.09
C THR D 297 -16.07 24.20 -13.63
N MSE D 298 -16.67 23.63 -12.58
CA MSE D 298 -17.89 24.16 -12.02
C MSE D 298 -17.86 23.95 -10.52
O MSE D 298 -17.50 22.88 -10.04
CB MSE D 298 -19.13 23.48 -12.58
CG MSE D 298 -20.41 23.98 -11.92
SE MSE D 298 -22.07 23.37 -12.70
CE MSE D 298 -22.30 24.75 -14.03
N ASP D 299 -18.24 24.99 -9.79
CA ASP D 299 -18.27 24.94 -8.34
C ASP D 299 -19.32 23.97 -7.85
N ALA D 300 -18.99 23.25 -6.78
CA ALA D 300 -19.90 22.28 -6.21
C ALA D 300 -20.64 22.90 -5.03
N CYS D 301 -20.32 24.16 -4.74
CA CYS D 301 -20.95 24.89 -3.65
C CYS D 301 -20.70 24.18 -2.33
N ARG D 302 -19.54 23.55 -2.24
CA ARG D 302 -19.14 22.78 -1.07
C ARG D 302 -19.30 23.53 0.27
N LEU D 303 -18.68 24.69 0.36
CA LEU D 303 -18.74 25.50 1.57
C LEU D 303 -20.20 25.85 1.94
N GLU D 304 -20.96 26.36 0.97
CA GLU D 304 -22.35 26.74 1.19
C GLU D 304 -23.24 25.57 1.56
N ILE D 305 -22.97 24.40 0.98
CA ILE D 305 -23.77 23.23 1.29
C ILE D 305 -23.58 22.83 2.74
N GLY D 306 -22.34 22.88 3.22
CA GLY D 306 -22.08 22.55 4.61
C GLY D 306 -22.71 23.58 5.53
N ARG D 307 -22.54 24.86 5.22
CA ARG D 307 -23.12 25.92 6.04
C ARG D 307 -24.62 25.74 6.20
N LYS D 308 -25.33 25.56 5.09
CA LYS D 308 -26.78 25.41 5.09
C LYS D 308 -27.31 24.15 5.75
N ALA D 309 -26.59 23.04 5.60
CA ALA D 309 -27.01 21.79 6.23
C ALA D 309 -26.91 21.96 7.74
N ALA D 310 -25.84 22.61 8.19
CA ALA D 310 -25.65 22.85 9.61
C ALA D 310 -26.70 23.82 10.15
N GLU D 311 -27.10 24.80 9.34
CA GLU D 311 -28.11 25.77 9.76
C GLU D 311 -29.45 25.08 9.97
N ILE D 312 -29.78 24.17 9.05
CA ILE D 312 -31.04 23.44 9.14
C ILE D 312 -31.09 22.64 10.42
N ILE D 313 -30.02 21.90 10.69
CA ILE D 313 -29.97 21.10 11.90
C ILE D 313 -30.05 22.01 13.12
N ALA D 314 -29.26 23.08 13.09
CA ALA D 314 -29.19 24.05 14.16
C ALA D 314 -30.57 24.64 14.51
N LYS D 315 -31.33 25.00 13.48
CA LYS D 315 -32.65 25.58 13.69
C LYS D 315 -33.68 24.55 14.16
N ARG D 316 -33.66 23.36 13.57
CA ARG D 316 -34.59 22.29 13.95
C ARG D 316 -34.55 22.08 15.46
N LEU D 317 -33.35 22.02 16.00
CA LEU D 317 -33.13 21.79 17.43
C LEU D 317 -33.47 23.05 18.24
N GLU D 318 -33.18 24.21 17.65
CA GLU D 318 -33.44 25.50 18.28
C GLU D 318 -34.93 25.78 18.44
N ASP D 319 -35.76 25.11 17.63
CA ASP D 319 -37.21 25.27 17.66
C ASP D 319 -37.83 24.32 16.64
N PRO D 320 -38.03 23.05 17.03
CA PRO D 320 -38.60 21.98 16.21
C PRO D 320 -39.79 22.36 15.33
N GLU D 321 -40.79 22.98 15.96
CA GLU D 321 -42.01 23.40 15.28
C GLU D 321 -41.84 24.65 14.42
N ALA D 322 -40.67 25.27 14.48
CA ALA D 322 -40.41 26.47 13.70
C ALA D 322 -40.71 26.25 12.22
N GLU D 323 -40.45 25.03 11.76
CA GLU D 323 -40.67 24.66 10.37
C GLU D 323 -40.03 25.68 9.42
N ILE D 324 -38.94 25.25 8.79
CA ILE D 324 -38.18 26.09 7.88
C ILE D 324 -37.95 25.38 6.54
N GLU D 325 -37.21 26.05 5.66
CA GLU D 325 -36.85 25.56 4.34
C GLU D 325 -35.99 24.30 4.48
N THR D 326 -36.53 23.14 4.08
CA THR D 326 -35.77 21.90 4.20
C THR D 326 -35.07 21.51 2.91
N ARG D 327 -35.76 21.60 1.78
CA ARG D 327 -35.16 21.23 0.52
C ARG D 327 -34.57 22.43 -0.22
N ILE D 328 -33.24 22.40 -0.37
CA ILE D 328 -32.53 23.48 -1.03
C ILE D 328 -31.66 23.00 -2.19
N THR D 329 -31.79 23.69 -3.31
CA THR D 329 -31.05 23.36 -4.51
C THR D 329 -30.24 24.59 -4.92
N LEU D 330 -28.92 24.46 -4.98
CA LEU D 330 -28.05 25.56 -5.37
C LEU D 330 -27.79 25.43 -6.85
N GLU D 331 -27.47 26.53 -7.51
CA GLU D 331 -27.27 26.48 -8.94
C GLU D 331 -26.00 27.18 -9.40
N PRO D 332 -24.87 26.46 -9.34
CA PRO D 332 -23.56 26.98 -9.75
C PRO D 332 -23.48 27.33 -11.22
N LYS D 333 -22.49 28.13 -11.56
CA LYS D 333 -22.24 28.54 -12.95
C LYS D 333 -20.91 27.94 -13.39
N ILE D 334 -20.73 27.80 -14.70
CA ILE D 334 -19.50 27.24 -15.20
C ILE D 334 -18.38 28.26 -15.07
N SER D 335 -17.26 27.83 -14.51
CA SER D 335 -16.13 28.72 -14.37
C SER D 335 -15.21 28.43 -15.53
N TYR D 336 -15.34 29.19 -16.61
CA TYR D 336 -14.46 28.97 -17.75
C TYR D 336 -13.09 29.39 -17.24
N GLY D 337 -12.04 28.77 -17.72
CA GLY D 337 -10.72 29.18 -17.29
C GLY D 337 -10.15 29.75 -18.56
N ASP D 338 -9.17 29.05 -19.13
CA ASP D 338 -8.58 29.45 -20.38
C ASP D 338 -8.35 28.16 -21.15
N THR D 339 -8.98 27.09 -20.64
CA THR D 339 -8.90 25.76 -21.24
C THR D 339 -10.11 25.42 -22.12
N LEU D 340 -11.16 26.22 -22.02
CA LEU D 340 -12.37 26.04 -22.81
C LEU D 340 -12.59 27.41 -23.46
N LYS D 341 -13.23 27.44 -24.61
CA LYS D 341 -13.49 28.69 -25.31
C LYS D 341 -12.24 29.14 -26.01
N ARG D 342 -12.35 29.23 -27.33
CA ARG D 342 -11.24 29.63 -28.19
C ARG D 342 -11.38 31.05 -28.74
#